data_5H1X
# 
_entry.id   5H1X 
# 
_audit_conform.dict_name       mmcif_pdbx.dic 
_audit_conform.dict_version    5.380 
_audit_conform.dict_location   http://mmcif.pdb.org/dictionaries/ascii/mmcif_pdbx.dic 
# 
loop_
_database_2.database_id 
_database_2.database_code 
_database_2.pdbx_database_accession 
_database_2.pdbx_DOI 
PDB   5H1X         pdb_00005h1x 10.2210/pdb5h1x/pdb 
WWPDB D_1300001860 ?            ?                   
# 
_pdbx_database_status.status_code                     REL 
_pdbx_database_status.status_code_sf                  REL 
_pdbx_database_status.status_code_mr                  ? 
_pdbx_database_status.entry_id                        5H1X 
_pdbx_database_status.recvd_initial_deposition_date   2016-10-12 
_pdbx_database_status.SG_entry                        N 
_pdbx_database_status.deposit_site                    PDBJ 
_pdbx_database_status.process_site                    PDBJ 
_pdbx_database_status.status_code_cs                  ? 
_pdbx_database_status.methods_development_category    ? 
_pdbx_database_status.pdb_format_compatible           Y 
_pdbx_database_status.status_code_nmr_data            ? 
# 
_audit_author.name           'Pravin, D.' 
_audit_author.pdbx_ordinal   1 
# 
_citation.abstract                  ? 
_citation.abstract_id_CAS           ? 
_citation.book_id_ISBN              ? 
_citation.book_publisher            ? 
_citation.book_publisher_city       ? 
_citation.book_title                ? 
_citation.coordinate_linkage        ? 
_citation.country                   US 
_citation.database_id_Medline       ? 
_citation.details                   ? 
_citation.id                        primary 
_citation.journal_abbrev            Biochemistry 
_citation.journal_id_ASTM           BICHAW 
_citation.journal_id_CSD            0033 
_citation.journal_id_ISSN           1520-4995 
_citation.journal_full              ? 
_citation.journal_issue             ? 
_citation.journal_volume            56 
_citation.language                  ? 
_citation.page_first                2803 
_citation.page_last                 2811 
_citation.title                     'The Nup62 Coiled-Coil Motif Provides Plasticity for Triple-Helix Bundle Formation' 
_citation.year                      2017 
_citation.database_id_CSD           ? 
_citation.pdbx_database_id_DOI      10.1021/acs.biochem.6b01050 
_citation.pdbx_database_id_PubMed   28406021 
_citation.unpublished_flag          ? 
# 
loop_
_citation_author.citation_id 
_citation_author.name 
_citation_author.ordinal 
_citation_author.identifier_ORCID 
primary 'Dewangan, P.S.' 1 ? 
primary 'Sonawane, P.J.' 2 ? 
primary 'Chouksey, A.R.' 3 ? 
primary 'Chauhan, R.'    4 ? 
# 
_cell.length_a           30.982 
_cell.length_b           97.563 
_cell.length_c           31.502 
_cell.angle_alpha        90.000 
_cell.angle_beta         112.850 
_cell.angle_gamma        90.000 
_cell.entry_id           5H1X 
_cell.Z_PDB              6 
_cell.pdbx_unique_axis   ? 
# 
_symmetry.space_group_name_H-M             'P 1 21 1' 
_symmetry.entry_id                         5H1X 
_symmetry.Int_Tables_number                4 
_symmetry.pdbx_full_space_group_name_H-M   ? 
_symmetry.cell_setting                     ? 
# 
loop_
_entity.id 
_entity.type 
_entity.src_method 
_entity.pdbx_description 
_entity.formula_weight 
_entity.pdbx_number_of_molecules 
_entity.pdbx_ec 
_entity.pdbx_mutation 
_entity.pdbx_fragment 
_entity.details 
1 polymer man 'Nuclear pore glycoprotein p62' 6203.017 3  ? ? 'UNP residues 362-412' ? 
2 water   nat water                           18.015   11 ? ? ?                      ? 
# 
_entity_name_com.entity_id   1 
_entity_name_com.name        '62 kDa nucleoporin,Nucleoporin Nup62' 
# 
_entity_poly.entity_id                      1 
_entity_poly.type                           'polypeptide(L)' 
_entity_poly.nstd_linkage                   no 
_entity_poly.nstd_monomer                   no 
_entity_poly.pdbx_seq_one_letter_code       MNAWDRTLIENGEKITSLHREVEKVKLDQKRLDQELDFILSQQKELEDLLSP 
_entity_poly.pdbx_seq_one_letter_code_can   MNAWDRTLIENGEKITSLHREVEKVKLDQKRLDQELDFILSQQKELEDLLSP 
_entity_poly.pdbx_strand_id                 A,B,C 
_entity_poly.pdbx_target_identifier         ? 
# 
loop_
_entity_poly_seq.entity_id 
_entity_poly_seq.num 
_entity_poly_seq.mon_id 
_entity_poly_seq.hetero 
1 1  MET n 
1 2  ASN n 
1 3  ALA n 
1 4  TRP n 
1 5  ASP n 
1 6  ARG n 
1 7  THR n 
1 8  LEU n 
1 9  ILE n 
1 10 GLU n 
1 11 ASN n 
1 12 GLY n 
1 13 GLU n 
1 14 LYS n 
1 15 ILE n 
1 16 THR n 
1 17 SER n 
1 18 LEU n 
1 19 HIS n 
1 20 ARG n 
1 21 GLU n 
1 22 VAL n 
1 23 GLU n 
1 24 LYS n 
1 25 VAL n 
1 26 LYS n 
1 27 LEU n 
1 28 ASP n 
1 29 GLN n 
1 30 LYS n 
1 31 ARG n 
1 32 LEU n 
1 33 ASP n 
1 34 GLN n 
1 35 GLU n 
1 36 LEU n 
1 37 ASP n 
1 38 PHE n 
1 39 ILE n 
1 40 LEU n 
1 41 SER n 
1 42 GLN n 
1 43 GLN n 
1 44 LYS n 
1 45 GLU n 
1 46 LEU n 
1 47 GLU n 
1 48 ASP n 
1 49 LEU n 
1 50 LEU n 
1 51 SER n 
1 52 PRO n 
# 
_entity_src_gen.entity_id                          1 
_entity_src_gen.pdbx_src_id                        1 
_entity_src_gen.pdbx_alt_source_flag               sample 
_entity_src_gen.pdbx_seq_type                      'Biological sequence' 
_entity_src_gen.pdbx_beg_seq_num                   1 
_entity_src_gen.pdbx_end_seq_num                   52 
_entity_src_gen.gene_src_common_name               Rat 
_entity_src_gen.gene_src_genus                     ? 
_entity_src_gen.pdbx_gene_src_gene                 Nup62 
_entity_src_gen.gene_src_species                   ? 
_entity_src_gen.gene_src_strain                    ? 
_entity_src_gen.gene_src_tissue                    ? 
_entity_src_gen.gene_src_tissue_fraction           ? 
_entity_src_gen.gene_src_details                   ? 
_entity_src_gen.pdbx_gene_src_fragment             ? 
_entity_src_gen.pdbx_gene_src_scientific_name      'Rattus norvegicus' 
_entity_src_gen.pdbx_gene_src_ncbi_taxonomy_id     10116 
_entity_src_gen.pdbx_gene_src_variant              ? 
_entity_src_gen.pdbx_gene_src_cell_line            ? 
_entity_src_gen.pdbx_gene_src_atcc                 ? 
_entity_src_gen.pdbx_gene_src_organ                ? 
_entity_src_gen.pdbx_gene_src_organelle            ? 
_entity_src_gen.pdbx_gene_src_cell                 ? 
_entity_src_gen.pdbx_gene_src_cellular_location    ? 
_entity_src_gen.host_org_common_name               ? 
_entity_src_gen.pdbx_host_org_scientific_name      'Escherichia coli' 
_entity_src_gen.pdbx_host_org_ncbi_taxonomy_id     562 
_entity_src_gen.host_org_genus                     ? 
_entity_src_gen.pdbx_host_org_gene                 ? 
_entity_src_gen.pdbx_host_org_organ                ? 
_entity_src_gen.host_org_species                   ? 
_entity_src_gen.pdbx_host_org_tissue               ? 
_entity_src_gen.pdbx_host_org_tissue_fraction      ? 
_entity_src_gen.pdbx_host_org_strain               'BL21(RIL)' 
_entity_src_gen.pdbx_host_org_variant              ? 
_entity_src_gen.pdbx_host_org_cell_line            ? 
_entity_src_gen.pdbx_host_org_atcc                 ? 
_entity_src_gen.pdbx_host_org_culture_collection   ? 
_entity_src_gen.pdbx_host_org_cell                 ? 
_entity_src_gen.pdbx_host_org_organelle            ? 
_entity_src_gen.pdbx_host_org_cellular_location    ? 
_entity_src_gen.pdbx_host_org_vector_type          plasmid 
_entity_src_gen.pdbx_host_org_vector               ? 
_entity_src_gen.host_org_details                   ? 
_entity_src_gen.expression_system_id               ? 
_entity_src_gen.plasmid_name                       pET28a 
_entity_src_gen.plasmid_details                    ? 
_entity_src_gen.pdbx_description                   ? 
# 
_struct_ref.id                         1 
_struct_ref.db_name                    UNP 
_struct_ref.db_code                    NUP62_RAT 
_struct_ref.pdbx_db_accession          P17955 
_struct_ref.pdbx_db_isoform            ? 
_struct_ref.entity_id                  1 
_struct_ref.pdbx_seq_one_letter_code   NAWDRTLIENGEKITSLHREVEKVKLDQKRLDQELDFILSQQKELEDLLSP 
_struct_ref.pdbx_align_begin           362 
# 
loop_
_struct_ref_seq.align_id 
_struct_ref_seq.ref_id 
_struct_ref_seq.pdbx_PDB_id_code 
_struct_ref_seq.pdbx_strand_id 
_struct_ref_seq.seq_align_beg 
_struct_ref_seq.pdbx_seq_align_beg_ins_code 
_struct_ref_seq.seq_align_end 
_struct_ref_seq.pdbx_seq_align_end_ins_code 
_struct_ref_seq.pdbx_db_accession 
_struct_ref_seq.db_align_beg 
_struct_ref_seq.pdbx_db_align_beg_ins_code 
_struct_ref_seq.db_align_end 
_struct_ref_seq.pdbx_db_align_end_ins_code 
_struct_ref_seq.pdbx_auth_seq_align_beg 
_struct_ref_seq.pdbx_auth_seq_align_end 
1 1 5H1X A 2 ? 52 ? P17955 362 ? 412 ? 362 412 
2 1 5H1X B 2 ? 52 ? P17955 362 ? 412 ? 362 412 
3 1 5H1X C 2 ? 52 ? P17955 362 ? 412 ? 362 412 
# 
loop_
_struct_ref_seq_dif.align_id 
_struct_ref_seq_dif.pdbx_pdb_id_code 
_struct_ref_seq_dif.mon_id 
_struct_ref_seq_dif.pdbx_pdb_strand_id 
_struct_ref_seq_dif.seq_num 
_struct_ref_seq_dif.pdbx_pdb_ins_code 
_struct_ref_seq_dif.pdbx_seq_db_name 
_struct_ref_seq_dif.pdbx_seq_db_accession_code 
_struct_ref_seq_dif.db_mon_id 
_struct_ref_seq_dif.pdbx_seq_db_seq_num 
_struct_ref_seq_dif.details 
_struct_ref_seq_dif.pdbx_auth_seq_num 
_struct_ref_seq_dif.pdbx_ordinal 
1 5H1X MET A 1 ? UNP P17955 ? ? 'initiating methionine' -1  1 
2 5H1X MET B 1 ? UNP P17955 ? ? 'initiating methionine' 361 2 
3 5H1X MET C 1 ? UNP P17955 ? ? 'initiating methionine' 361 3 
# 
loop_
_chem_comp.id 
_chem_comp.type 
_chem_comp.mon_nstd_flag 
_chem_comp.name 
_chem_comp.pdbx_synonyms 
_chem_comp.formula 
_chem_comp.formula_weight 
ALA 'L-peptide linking' y ALANINE         ? 'C3 H7 N O2'     89.093  
ARG 'L-peptide linking' y ARGININE        ? 'C6 H15 N4 O2 1' 175.209 
ASN 'L-peptide linking' y ASPARAGINE      ? 'C4 H8 N2 O3'    132.118 
ASP 'L-peptide linking' y 'ASPARTIC ACID' ? 'C4 H7 N O4'     133.103 
GLN 'L-peptide linking' y GLUTAMINE       ? 'C5 H10 N2 O3'   146.144 
GLU 'L-peptide linking' y 'GLUTAMIC ACID' ? 'C5 H9 N O4'     147.129 
GLY 'peptide linking'   y GLYCINE         ? 'C2 H5 N O2'     75.067  
HIS 'L-peptide linking' y HISTIDINE       ? 'C6 H10 N3 O2 1' 156.162 
HOH non-polymer         . WATER           ? 'H2 O'           18.015  
ILE 'L-peptide linking' y ISOLEUCINE      ? 'C6 H13 N O2'    131.173 
LEU 'L-peptide linking' y LEUCINE         ? 'C6 H13 N O2'    131.173 
LYS 'L-peptide linking' y LYSINE          ? 'C6 H15 N2 O2 1' 147.195 
MET 'L-peptide linking' y METHIONINE      ? 'C5 H11 N O2 S'  149.211 
PHE 'L-peptide linking' y PHENYLALANINE   ? 'C9 H11 N O2'    165.189 
PRO 'L-peptide linking' y PROLINE         ? 'C5 H9 N O2'     115.130 
SER 'L-peptide linking' y SERINE          ? 'C3 H7 N O3'     105.093 
THR 'L-peptide linking' y THREONINE       ? 'C4 H9 N O3'     119.119 
TRP 'L-peptide linking' y TRYPTOPHAN      ? 'C11 H12 N2 O2'  204.225 
VAL 'L-peptide linking' y VALINE          ? 'C5 H11 N O2'    117.146 
# 
_exptl.absorpt_coefficient_mu     ? 
_exptl.absorpt_correction_T_max   ? 
_exptl.absorpt_correction_T_min   ? 
_exptl.absorpt_correction_type    ? 
_exptl.absorpt_process_details    ? 
_exptl.entry_id                   5H1X 
_exptl.crystals_number            1 
_exptl.details                    ? 
_exptl.method                     'X-RAY DIFFRACTION' 
_exptl.method_details             ? 
# 
_exptl_crystal.colour                      ? 
_exptl_crystal.density_diffrn              ? 
_exptl_crystal.density_Matthews            2.36 
_exptl_crystal.density_method              ? 
_exptl_crystal.density_percent_sol         47.83 
_exptl_crystal.description                 'THE ENTRY CONTAINS FRIEDEL PAIRS IN F_PLUS/MINUS COLUMNS.' 
_exptl_crystal.F_000                       ? 
_exptl_crystal.id                          1 
_exptl_crystal.preparation                 ? 
_exptl_crystal.size_max                    ? 
_exptl_crystal.size_mid                    ? 
_exptl_crystal.size_min                    ? 
_exptl_crystal.size_rad                    ? 
_exptl_crystal.colour_lustre               ? 
_exptl_crystal.colour_modifier             ? 
_exptl_crystal.colour_primary              ? 
_exptl_crystal.density_meas                ? 
_exptl_crystal.density_meas_esd            ? 
_exptl_crystal.density_meas_gt             ? 
_exptl_crystal.density_meas_lt             ? 
_exptl_crystal.density_meas_temp           ? 
_exptl_crystal.density_meas_temp_esd       ? 
_exptl_crystal.density_meas_temp_gt        ? 
_exptl_crystal.density_meas_temp_lt        ? 
_exptl_crystal.pdbx_crystal_image_url      ? 
_exptl_crystal.pdbx_crystal_image_format   ? 
_exptl_crystal.pdbx_mosaicity              ? 
_exptl_crystal.pdbx_mosaicity_esd          ? 
# 
_exptl_crystal_grow.apparatus       ? 
_exptl_crystal_grow.atmosphere      ? 
_exptl_crystal_grow.crystal_id      1 
_exptl_crystal_grow.details         ? 
_exptl_crystal_grow.method          EVAPORATION 
_exptl_crystal_grow.method_ref      ? 
_exptl_crystal_grow.pH              8.0 
_exptl_crystal_grow.pressure        ? 
_exptl_crystal_grow.pressure_esd    ? 
_exptl_crystal_grow.seeding         ? 
_exptl_crystal_grow.seeding_ref     ? 
_exptl_crystal_grow.temp            291 
_exptl_crystal_grow.temp_details    ? 
_exptl_crystal_grow.temp_esd        ? 
_exptl_crystal_grow.time            ? 
_exptl_crystal_grow.pdbx_details    '100mM Tris-HCl, 50mM Magnesium Chloride, 34% PEG 400' 
_exptl_crystal_grow.pdbx_pH_range   8.0-8.5 
# 
_diffrn.ambient_environment    ? 
_diffrn.ambient_temp           100 
_diffrn.ambient_temp_details   ? 
_diffrn.ambient_temp_esd       ? 
_diffrn.crystal_id             1 
_diffrn.crystal_support        ? 
_diffrn.crystal_treatment      ? 
_diffrn.details                ? 
_diffrn.id                     1 
_diffrn.ambient_pressure       ? 
_diffrn.ambient_pressure_esd   ? 
_diffrn.ambient_pressure_gt    ? 
_diffrn.ambient_pressure_lt    ? 
_diffrn.ambient_temp_gt        ? 
_diffrn.ambient_temp_lt        ? 
# 
_diffrn_detector.details                      ? 
_diffrn_detector.detector                     PIXEL 
_diffrn_detector.diffrn_id                    1 
_diffrn_detector.type                         'DECTRIS PILATUS 2M' 
_diffrn_detector.area_resol_mean              ? 
_diffrn_detector.dtime                        ? 
_diffrn_detector.pdbx_frames_total            ? 
_diffrn_detector.pdbx_collection_time_total   ? 
_diffrn_detector.pdbx_collection_date         2013-12-16 
# 
_diffrn_radiation.collimation                      ? 
_diffrn_radiation.diffrn_id                        1 
_diffrn_radiation.filter_edge                      ? 
_diffrn_radiation.inhomogeneity                    ? 
_diffrn_radiation.monochromator                    ? 
_diffrn_radiation.polarisn_norm                    ? 
_diffrn_radiation.polarisn_ratio                   ? 
_diffrn_radiation.probe                            ? 
_diffrn_radiation.type                             ? 
_diffrn_radiation.xray_symbol                      ? 
_diffrn_radiation.wavelength_id                    1 
_diffrn_radiation.pdbx_monochromatic_or_laue_m_l   M 
_diffrn_radiation.pdbx_wavelength_list             ? 
_diffrn_radiation.pdbx_wavelength                  ? 
_diffrn_radiation.pdbx_diffrn_protocol             'SINGLE WAVELENGTH' 
_diffrn_radiation.pdbx_analyzer                    ? 
_diffrn_radiation.pdbx_scattering_type             x-ray 
# 
_diffrn_radiation_wavelength.id           1 
_diffrn_radiation_wavelength.wavelength   0.98 
_diffrn_radiation_wavelength.wt           1.0 
# 
_diffrn_source.current                     ? 
_diffrn_source.details                     ? 
_diffrn_source.diffrn_id                   1 
_diffrn_source.power                       ? 
_diffrn_source.size                        ? 
_diffrn_source.source                      SYNCHROTRON 
_diffrn_source.target                      ? 
_diffrn_source.type                        'ELETTRA BEAMLINE 5.2R' 
_diffrn_source.voltage                     ? 
_diffrn_source.take-off_angle              ? 
_diffrn_source.pdbx_wavelength_list        0.98 
_diffrn_source.pdbx_wavelength             ? 
_diffrn_source.pdbx_synchrotron_beamline   5.2R 
_diffrn_source.pdbx_synchrotron_site       ELETTRA 
# 
_reflns.d_resolution_high            2.408 
_reflns.d_resolution_low             48.782 
_reflns.pdbx_number_measured_all     22313 
_reflns.number_all                   6669 
_reflns.number_obs                   6669 
_reflns.pdbx_netI_over_av_sigmaI     8.448 
_reflns.pdbx_netI_over_sigmaI        17.900 
_reflns.pdbx_Rsym_value              0.039 
_reflns.pdbx_redundancy              3.300 
_reflns.percent_possible_obs         99.400 
_reflns.pdbx_Rrim_I_all              0.047 
_reflns.pdbx_Rpim_I_all              0.025 
_reflns.B_iso_Wilson_estimate        41.490 
_reflns.pdbx_diffrn_id               1 
_reflns.pdbx_ordinal                 1 
_reflns.entry_id                     5H1X 
_reflns.observed_criterion_sigma_I   ? 
_reflns.observed_criterion_sigma_F   ? 
_reflns.pdbx_Rmerge_I_obs            ? 
# 
loop_
_reflns_shell.pdbx_diffrn_id 
_reflns_shell.pdbx_ordinal 
_reflns_shell.d_res_high 
_reflns_shell.d_res_low 
_reflns_shell.number_measured_obs 
_reflns_shell.number_measured_all 
_reflns_shell.number_unique_obs 
_reflns_shell.pdbx_rejects 
_reflns_shell.Rmerge_I_obs 
_reflns_shell.meanI_over_sigI_obs 
_reflns_shell.pdbx_Rsym_value 
_reflns_shell.pdbx_chi_squared 
_reflns_shell.pdbx_redundancy 
_reflns_shell.percent_possible_obs 
_reflns_shell.pdbx_netI_over_sigmaI_obs 
_reflns_shell.number_possible 
_reflns_shell.number_unique_all 
_reflns_shell.Rmerge_F_all 
_reflns_shell.Rmerge_F_obs 
_reflns_shell.Rmerge_I_all 
_reflns_shell.meanI_over_sigI_all 
_reflns_shell.percent_possible_all 
_reflns_shell.pdbx_Rrim_I_all 
_reflns_shell.pdbx_Rpim_I_all 
_reflns_shell.pdbx_CC_half 
1 1  2.410 2.540  ? 3034 ? 0 0.176 4.300  0.176 ? 3.200 ? 5.900  ? 934 ? ? ? ? 98.600 0.211 0.114 ? 
1 2  2.540 2.690  ? 3257 ? 0 0.136 5.700  0.136 ? 3.500 ? 7.800  ? 933 ? ? ? ? 99.900 0.162 0.086 ? 
1 3  2.690 2.880  ? 3051 ? 0 0.100 7.600  0.100 ? 3.500 ? 10.200 ? 883 ? ? ? ? 99.900 0.119 0.064 ? 
1 4  2.880 3.110  ? 2707 ? 0 0.071 10.200 0.071 ? 3.400 ? 13.300 ? 801 ? ? ? ? 99.600 0.084 0.046 ? 
1 5  3.110 3.410  ? 2367 ? 0 0.050 14.400 0.050 ? 3.200 ? 18.500 ? 743 ? ? ? ? 99.700 0.061 0.033 ? 
1 6  3.410 3.810  ? 2190 ? 0 0.038 17.500 0.038 ? 3.300 ? 25.700 ? 668 ? ? ? ? 99.600 0.045 0.025 ? 
1 7  3.810 4.400  ? 2077 ? 0 0.030 18.700 0.030 ? 3.500 ? 33.200 ? 599 ? ? ? ? 99.500 0.035 0.019 ? 
1 8  4.400 5.390  ? 1647 ? 0 0.029 19.000 0.029 ? 3.300 ? 33.400 ? 496 ? ? ? ? 99.300 0.035 0.019 ? 
1 9  5.390 7.620  ? 1239 ? 0 0.032 18.100 0.032 ? 3.200 ? 28.200 ? 390 ? ? ? ? 98.600 0.038 0.021 ? 
1 10 7.620 48.782 ? 744  ? 0 0.026 13.100 0.026 ? 3.400 ? 38.500 ? 222 ? ? ? ? 98.900 0.032 0.017 ? 
# 
_refine.entry_id                                 5H1X 
_refine.pdbx_refine_id                           'X-RAY DIFFRACTION' 
_refine.ls_d_res_high                            2.4100 
_refine.ls_d_res_low                             27.8250 
_refine.pdbx_ls_sigma_F                          1.340 
_refine.pdbx_data_cutoff_high_absF               ? 
_refine.pdbx_data_cutoff_low_absF                ? 
_refine.ls_percent_reflns_obs                    99.3300 
_refine.ls_number_reflns_obs                     6627 
_refine.ls_number_reflns_all                     ? 
_refine.pdbx_ls_cross_valid_method               'FREE R-VALUE' 
_refine.ls_matrix_type                           ? 
_refine.pdbx_R_Free_selection_details            ? 
_refine.details                                  ? 
_refine.ls_R_factor_all                          ? 
_refine.ls_R_factor_obs                          0.2351 
_refine.ls_R_factor_R_work                       0.2269 
_refine.ls_wR_factor_R_work                      ? 
_refine.ls_R_factor_R_free                       0.3077 
_refine.ls_wR_factor_R_free                      ? 
_refine.ls_percent_reflns_R_free                 9.9900 
_refine.ls_number_reflns_R_free                  662 
_refine.ls_number_reflns_R_work                  5965 
_refine.ls_R_factor_R_free_error                 ? 
_refine.B_iso_mean                               54.6500 
_refine.solvent_model_param_bsol                 ? 
_refine.solvent_model_param_ksol                 ? 
_refine.pdbx_isotropic_thermal_model             ? 
_refine.aniso_B[1][1]                            ? 
_refine.aniso_B[2][2]                            ? 
_refine.aniso_B[3][3]                            ? 
_refine.aniso_B[1][2]                            ? 
_refine.aniso_B[1][3]                            ? 
_refine.aniso_B[2][3]                            ? 
_refine.correlation_coeff_Fo_to_Fc               ? 
_refine.correlation_coeff_Fo_to_Fc_free          ? 
_refine.overall_SU_R_Cruickshank_DPI             ? 
_refine.pdbx_overall_SU_R_free_Cruickshank_DPI   ? 
_refine.pdbx_overall_SU_R_Blow_DPI               ? 
_refine.pdbx_overall_SU_R_free_Blow_DPI          ? 
_refine.overall_SU_R_free                        ? 
_refine.pdbx_overall_ESU_R                       ? 
_refine.pdbx_overall_ESU_R_Free                  ? 
_refine.overall_SU_ML                            0.3000 
_refine.overall_SU_B                             ? 
_refine.solvent_model_details                    'FLAT BULK SOLVENT MODEL' 
_refine.pdbx_solvent_vdw_probe_radii             1.1100 
_refine.pdbx_solvent_ion_probe_radii             ? 
_refine.pdbx_solvent_shrinkage_radii             0.9000 
_refine.ls_number_parameters                     ? 
_refine.ls_number_restraints                     ? 
_refine.pdbx_starting_model                      3T97 
_refine.pdbx_method_to_determine_struct          'MOLECULAR REPLACEMENT' 
_refine.pdbx_stereochemistry_target_values       ML 
_refine.pdbx_stereochem_target_val_spec_case     ? 
_refine.overall_FOM_work_R_set                   0.7039 
_refine.B_iso_max                                98.210 
_refine.B_iso_min                                29.020 
_refine.pdbx_overall_phase_error                 35.5100 
_refine.occupancy_max                            ? 
_refine.occupancy_min                            ? 
_refine.pdbx_diffrn_id                           1 
_refine.pdbx_TLS_residual_ADP_flag               ? 
_refine.pdbx_ls_sigma_I                          ? 
_refine.pdbx_data_cutoff_high_rms_absF           ? 
_refine.ls_R_factor_R_free_error_details         ? 
# 
_refine_hist.cycle_id                         final 
_refine_hist.pdbx_refine_id                   'X-RAY DIFFRACTION' 
_refine_hist.d_res_high                       2.4100 
_refine_hist.d_res_low                        27.8250 
_refine_hist.pdbx_number_atoms_ligand         0 
_refine_hist.number_atoms_solvent             11 
_refine_hist.number_atoms_total               1239 
_refine_hist.pdbx_number_residues_total       146 
_refine_hist.pdbx_B_iso_mean_solvent          53.41 
_refine_hist.pdbx_number_atoms_protein        1228 
_refine_hist.pdbx_number_atoms_nucleic_acid   0 
# 
loop_
_refine_ls_restr.pdbx_refine_id 
_refine_ls_restr.type 
_refine_ls_restr.number 
_refine_ls_restr.dev_ideal 
_refine_ls_restr.dev_ideal_target 
_refine_ls_restr.weight 
_refine_ls_restr.pdbx_restraint_function 
'X-RAY DIFFRACTION' f_bond_d           1238 0.008  ? ? ? 
'X-RAY DIFFRACTION' f_angle_d          1657 1.120  ? ? ? 
'X-RAY DIFFRACTION' f_chiral_restr     187  0.052  ? ? ? 
'X-RAY DIFFRACTION' f_plane_restr      216  0.006  ? ? ? 
'X-RAY DIFFRACTION' f_dihedral_angle_d 496  18.675 ? ? ? 
# 
loop_
_refine_ls_shell.d_res_high 
_refine_ls_shell.d_res_low 
_refine_ls_shell.pdbx_total_number_of_bins_used 
_refine_ls_shell.percent_reflns_obs 
_refine_ls_shell.number_reflns_R_work 
_refine_ls_shell.R_factor_all 
_refine_ls_shell.R_factor_R_work 
_refine_ls_shell.R_factor_R_free 
_refine_ls_shell.percent_reflns_R_free 
_refine_ls_shell.number_reflns_R_free 
_refine_ls_shell.R_factor_R_free_error 
_refine_ls_shell.number_reflns_all 
_refine_ls_shell.number_reflns_obs 
_refine_ls_shell.pdbx_refine_id 
2.4102 2.5962  5 99.0000  1180 . 0.2292 0.3154 . 133 . 1313 . 'X-RAY DIFFRACTION' 
2.5962 2.8572  5 100.0000 1203 . 0.2338 0.3360 . 135 . 1338 . 'X-RAY DIFFRACTION' 
2.8572 3.2701  5 99.0000  1165 . 0.2620 0.3776 . 130 . 1295 . 'X-RAY DIFFRACTION' 
3.2701 4.1178  5 100.0000 1212 . 0.2246 0.2914 . 127 . 1339 . 'X-RAY DIFFRACTION' 
4.1178 27.8267 5 99.0000  1205 . 0.2133 0.2836 . 137 . 1342 . 'X-RAY DIFFRACTION' 
# 
_struct.entry_id                     5H1X 
_struct.title                        'Crystal Structure of rat Nup62 Coiled-coil motif' 
_struct.pdbx_model_details           '362-425 fragment' 
_struct.pdbx_formula_weight          ? 
_struct.pdbx_formula_weight_method   ? 
_struct.pdbx_model_type_details      ? 
_struct.pdbx_CASP_flag               N 
# 
_struct_keywords.entry_id        5H1X 
_struct_keywords.text            'coiled-coil, STRUCTURAL PROTEIN' 
_struct_keywords.pdbx_keywords   'STRUCTURAL PROTEIN' 
# 
loop_
_struct_asym.id 
_struct_asym.pdbx_blank_PDB_chainid_flag 
_struct_asym.pdbx_modified 
_struct_asym.entity_id 
_struct_asym.details 
A N N 1 ? 
B N N 1 ? 
C N N 1 ? 
D N N 2 ? 
E N N 2 ? 
F N N 2 ? 
# 
loop_
_struct_conf.conf_type_id 
_struct_conf.id 
_struct_conf.pdbx_PDB_helix_id 
_struct_conf.beg_label_comp_id 
_struct_conf.beg_label_asym_id 
_struct_conf.beg_label_seq_id 
_struct_conf.pdbx_beg_PDB_ins_code 
_struct_conf.end_label_comp_id 
_struct_conf.end_label_asym_id 
_struct_conf.end_label_seq_id 
_struct_conf.pdbx_end_PDB_ins_code 
_struct_conf.beg_auth_comp_id 
_struct_conf.beg_auth_asym_id 
_struct_conf.beg_auth_seq_id 
_struct_conf.end_auth_comp_id 
_struct_conf.end_auth_asym_id 
_struct_conf.end_auth_seq_id 
_struct_conf.pdbx_PDB_helix_class 
_struct_conf.details 
_struct_conf.pdbx_PDB_helix_length 
HELX_P HELX_P1 AA1 ASN A 2 ? LYS A 44 ? ASN A 362 LYS A 404 1 ? 43 
HELX_P HELX_P2 AA2 ALA B 3 ? LEU B 50 ? ALA B 363 LEU B 410 1 ? 48 
HELX_P HELX_P3 AA3 ALA C 3 ? GLU C 47 ? ALA C 363 GLU C 407 1 ? 45 
# 
_struct_conf_type.id          HELX_P 
_struct_conf_type.criteria    ? 
_struct_conf_type.reference   ? 
# 
loop_
_struct_mon_prot_cis.pdbx_id 
_struct_mon_prot_cis.label_comp_id 
_struct_mon_prot_cis.label_seq_id 
_struct_mon_prot_cis.label_asym_id 
_struct_mon_prot_cis.label_alt_id 
_struct_mon_prot_cis.pdbx_PDB_ins_code 
_struct_mon_prot_cis.auth_comp_id 
_struct_mon_prot_cis.auth_seq_id 
_struct_mon_prot_cis.auth_asym_id 
_struct_mon_prot_cis.pdbx_label_comp_id_2 
_struct_mon_prot_cis.pdbx_label_seq_id_2 
_struct_mon_prot_cis.pdbx_label_asym_id_2 
_struct_mon_prot_cis.pdbx_PDB_ins_code_2 
_struct_mon_prot_cis.pdbx_auth_comp_id_2 
_struct_mon_prot_cis.pdbx_auth_seq_id_2 
_struct_mon_prot_cis.pdbx_auth_asym_id_2 
_struct_mon_prot_cis.pdbx_PDB_model_num 
_struct_mon_prot_cis.pdbx_omega_angle 
1 GLU 47 A . ? GLU 407 A ASP 48 A ? ASP 408 A 1 -7.44  
2 SER 51 B . ? SER 411 B PRO 52 B ? PRO 412 B 1 -11.35 
# 
_atom_sites.entry_id                    5H1X 
_atom_sites.fract_transf_matrix[1][1]   0.00049504 
_atom_sites.fract_transf_matrix[1][2]   0.00262665 
_atom_sites.fract_transf_matrix[1][3]   0.03492267 
_atom_sites.fract_transf_matrix[2][1]   -0.00223454 
_atom_sites.fract_transf_matrix[2][2]   0.00997761 
_atom_sites.fract_transf_matrix[2][3]   -0.00071877 
_atom_sites.fract_transf_matrix[3][1]   -0.03078871 
_atom_sites.fract_transf_matrix[3][2]   -0.00586577 
_atom_sites.fract_transf_matrix[3][3]   0.01429140 
_atom_sites.fract_transf_vector[1]      0.323140 
_atom_sites.fract_transf_vector[2]      0.675849 
_atom_sites.fract_transf_vector[3]      0.198984 
# 
loop_
_atom_type.symbol 
C 
N 
O 
S 
# 
loop_
_atom_site.group_PDB 
_atom_site.id 
_atom_site.type_symbol 
_atom_site.label_atom_id 
_atom_site.label_alt_id 
_atom_site.label_comp_id 
_atom_site.label_asym_id 
_atom_site.label_entity_id 
_atom_site.label_seq_id 
_atom_site.pdbx_PDB_ins_code 
_atom_site.Cartn_x 
_atom_site.Cartn_y 
_atom_site.Cartn_z 
_atom_site.occupancy 
_atom_site.B_iso_or_equiv 
_atom_site.pdbx_formal_charge 
_atom_site.auth_seq_id 
_atom_site.auth_comp_id 
_atom_site.auth_asym_id 
_atom_site.auth_atom_id 
_atom_site.pdbx_PDB_model_num 
ATOM   1    N N   . MET A 1 1  ? 19.512  -29.039 -2.718  1.00 59.02 ? -1  MET A N   1 
ATOM   2    C CA  . MET A 1 1  ? 19.643  -30.439 -3.111  1.00 56.80 ? -1  MET A CA  1 
ATOM   3    C C   . MET A 1 1  ? 18.329  -31.034 -3.630  1.00 55.87 ? -1  MET A C   1 
ATOM   4    O O   . MET A 1 1  ? 18.001  -30.905 -4.812  1.00 50.70 ? -1  MET A O   1 
ATOM   5    C CB  . MET A 1 1  ? 20.150  -31.280 -1.935  1.00 63.38 ? -1  MET A CB  1 
ATOM   6    C CG  . MET A 1 1  ? 20.751  -32.623 -2.353  1.00 64.88 ? -1  MET A CG  1 
ATOM   7    S SD  . MET A 1 1  ? 20.364  -33.946 -1.187  1.00 90.87 ? -1  MET A SD  1 
ATOM   8    C CE  . MET A 1 1  ? 20.914  -35.403 -2.073  1.00 66.13 ? -1  MET A CE  1 
ATOM   9    N N   . ASN A 1 2  ? 17.600  -31.710 -2.741  1.00 57.09 ? 362 ASN A N   1 
ATOM   10   C CA  . ASN A 1 2  ? 16.289  -32.278 -3.057  1.00 55.75 ? 362 ASN A CA  1 
ATOM   11   C C   . ASN A 1 2  ? 15.322  -31.184 -3.514  1.00 54.56 ? 362 ASN A C   1 
ATOM   12   O O   . ASN A 1 2  ? 15.396  -30.061 -3.026  1.00 51.60 ? 362 ASN A O   1 
ATOM   13   C CB  . ASN A 1 2  ? 15.689  -32.976 -1.833  1.00 57.69 ? 362 ASN A CB  1 
ATOM   14   C CG  . ASN A 1 2  ? 16.703  -33.820 -1.068  1.00 69.39 ? 362 ASN A CG  1 
ATOM   15   O OD1 . ASN A 1 2  ? 16.991  -33.545 0.103   1.00 73.77 ? 362 ASN A OD1 1 
ATOM   16   N ND2 . ASN A 1 2  ? 17.215  -34.876 -1.706  1.00 77.12 ? 362 ASN A ND2 1 
ATOM   17   N N   . ALA A 1 3  ? 14.418  -31.523 -4.427  1.00 49.16 ? 363 ALA A N   1 
ATOM   18   C CA  . ALA A 1 3  ? 13.398  -30.608 -4.897  1.00 50.01 ? 363 ALA A CA  1 
ATOM   19   C C   . ALA A 1 3  ? 12.559  -30.080 -3.728  1.00 53.75 ? 363 ALA A C   1 
ATOM   20   O O   . ALA A 1 3  ? 12.208  -28.889 -3.688  1.00 45.71 ? 363 ALA A O   1 
ATOM   21   C CB  . ALA A 1 3  ? 12.518  -31.285 -5.929  1.00 50.11 ? 363 ALA A CB  1 
ATOM   22   N N   . TRP A 1 4  ? 12.258  -30.953 -2.768  1.00 44.41 ? 364 TRP A N   1 
ATOM   23   C CA  . TRP A 1 4  ? 11.580  -30.513 -1.553  1.00 48.43 ? 364 TRP A CA  1 
ATOM   24   C C   . TRP A 1 4  ? 12.318  -29.396 -0.819  1.00 47.33 ? 364 TRP A C   1 
ATOM   25   O O   . TRP A 1 4  ? 11.741  -28.350 -0.534  1.00 48.91 ? 364 TRP A O   1 
ATOM   26   C CB  . TRP A 1 4  ? 11.387  -31.668 -0.591  1.00 50.69 ? 364 TRP A CB  1 
ATOM   27   C CG  . TRP A 1 4  ? 10.595  -31.254 0.588   1.00 50.03 ? 364 TRP A CG  1 
ATOM   28   C CD1 . TRP A 1 4  ? 11.062  -30.750 1.780   1.00 49.27 ? 364 TRP A CD1 1 
ATOM   29   C CD2 . TRP A 1 4  ? 9.182   -31.283 0.690   1.00 44.42 ? 364 TRP A CD2 1 
ATOM   30   N NE1 . TRP A 1 4  ? 10.010  -30.484 2.618   1.00 49.67 ? 364 TRP A NE1 1 
ATOM   31   C CE2 . TRP A 1 4  ? 8.845   -30.803 1.971   1.00 46.52 ? 364 TRP A CE2 1 
ATOM   32   C CE3 . TRP A 1 4  ? 8.166   -31.675 -0.176  1.00 42.56 ? 364 TRP A CE3 1 
ATOM   33   C CZ2 . TRP A 1 4  ? 7.537   -30.700 2.397   1.00 49.75 ? 364 TRP A CZ2 1 
ATOM   34   C CZ3 . TRP A 1 4  ? 6.880   -31.577 0.244   1.00 47.92 ? 364 TRP A CZ3 1 
ATOM   35   C CH2 . TRP A 1 4  ? 6.564   -31.088 1.521   1.00 50.10 ? 364 TRP A CH2 1 
ATOM   36   N N   . ASP A 1 5  ? 13.583  -29.633 -0.494  1.00 47.35 ? 365 ASP A N   1 
ATOM   37   C CA  . ASP A 1 5  ? 14.411  -28.631 0.171   1.00 49.06 ? 365 ASP A CA  1 
ATOM   38   C C   . ASP A 1 5  ? 14.413  -27.322 -0.596  1.00 49.94 ? 365 ASP A C   1 
ATOM   39   O O   . ASP A 1 5  ? 14.140  -26.262 -0.033  1.00 43.03 ? 365 ASP A O   1 
ATOM   40   C CB  . ASP A 1 5  ? 15.854  -29.107 0.326   1.00 47.25 ? 365 ASP A CB  1 
ATOM   41   C CG  . ASP A 1 5  ? 15.999  -30.234 1.330   1.00 50.62 ? 365 ASP A CG  1 
ATOM   42   O OD1 . ASP A 1 5  ? 14.998  -30.630 1.957   1.00 48.68 ? 365 ASP A OD1 1 
ATOM   43   O OD2 . ASP A 1 5  ? 17.132  -30.708 1.510   1.00 55.23 ? 365 ASP A OD2 1 
ATOM   44   N N   . ARG A 1 6  ? 14.707  -27.421 -1.888  1.00 46.38 ? 366 ARG A N   1 
ATOM   45   C CA  . ARG A 1 6  ? 14.968  -26.252 -2.708  1.00 46.49 ? 366 ARG A CA  1 
ATOM   46   C C   . ARG A 1 6  ? 13.734  -25.360 -2.817  1.00 47.42 ? 366 ARG A C   1 
ATOM   47   O O   . ARG A 1 6  ? 13.861  -24.147 -2.838  1.00 43.80 ? 366 ARG A O   1 
ATOM   48   C CB  . ARG A 1 6  ? 15.464  -26.667 -4.103  1.00 47.23 ? 366 ARG A CB  1 
ATOM   49   C CG  . ARG A 1 6  ? 16.774  -27.450 -4.073  1.00 57.69 ? 366 ARG A CG  1 
ATOM   50   C CD  . ARG A 1 6  ? 17.290  -27.780 -5.471  1.00 61.50 ? 366 ARG A CD  1 
ATOM   51   N NE  . ARG A 1 6  ? 16.238  -27.754 -6.490  1.00 61.34 ? 366 ARG A NE  1 
ATOM   52   C CZ  . ARG A 1 6  ? 15.824  -28.823 -7.172  1.00 58.73 ? 366 ARG A CZ  1 
ATOM   53   N NH1 . ARG A 1 6  ? 16.358  -30.023 -6.942  1.00 53.40 ? 366 ARG A NH1 1 
ATOM   54   N NH2 . ARG A 1 6  ? 14.870  -28.688 -8.084  1.00 54.17 ? 366 ARG A NH2 1 
ATOM   55   N N   . THR A 1 7  ? 12.550  -25.962 -2.880  1.00 45.44 ? 367 THR A N   1 
ATOM   56   C CA  . THR A 1 7  ? 11.314  -25.201 -2.916  1.00 45.81 ? 367 THR A CA  1 
ATOM   57   C C   . THR A 1 7  ? 11.099  -24.447 -1.605  1.00 47.69 ? 367 THR A C   1 
ATOM   58   O O   . THR A 1 7  ? 10.726  -23.268 -1.612  1.00 45.86 ? 367 THR A O   1 
ATOM   59   C CB  . THR A 1 7  ? 10.123  -26.107 -3.202  1.00 47.50 ? 367 THR A CB  1 
ATOM   60   O OG1 . THR A 1 7  ? 10.357  -26.777 -4.443  1.00 48.31 ? 367 THR A OG1 1 
ATOM   61   C CG2 . THR A 1 7  ? 8.837   -25.293 -3.312  1.00 38.63 ? 367 THR A CG2 1 
ATOM   62   N N   . LEU A 1 8  ? 11.354  -25.120 -0.486  1.00 48.37 ? 368 LEU A N   1 
ATOM   63   C CA  . LEU A 1 8  ? 11.326  -24.465 0.823   1.00 45.02 ? 368 LEU A CA  1 
ATOM   64   C C   . LEU A 1 8  ? 12.225  -23.252 0.850   1.00 44.90 ? 368 LEU A C   1 
ATOM   65   O O   . LEU A 1 8  ? 11.792  -22.161 1.231   1.00 42.76 ? 368 LEU A O   1 
ATOM   66   C CB  . LEU A 1 8  ? 11.757  -25.427 1.926   1.00 45.91 ? 368 LEU A CB  1 
ATOM   67   C CG  . LEU A 1 8  ? 10.640  -26.289 2.495   1.00 47.20 ? 368 LEU A CG  1 
ATOM   68   C CD1 . LEU A 1 8  ? 11.208  -27.337 3.420   1.00 45.65 ? 368 LEU A CD1 1 
ATOM   69   C CD2 . LEU A 1 8  ? 9.672   -25.373 3.232   1.00 46.44 ? 368 LEU A CD2 1 
ATOM   70   N N   . ILE A 1 9  ? 13.478  -23.452 0.447   1.00 41.37 ? 369 ILE A N   1 
ATOM   71   C CA  . ILE A 1 9  ? 14.482  -22.385 0.427   1.00 42.39 ? 369 ILE A CA  1 
ATOM   72   C C   . ILE A 1 9  ? 14.102  -21.208 -0.475  1.00 43.63 ? 369 ILE A C   1 
ATOM   73   O O   . ILE A 1 9  ? 14.324  -20.047 -0.124  1.00 44.93 ? 369 ILE A O   1 
ATOM   74   C CB  . ILE A 1 9  ? 15.855  -22.913 -0.039  1.00 45.55 ? 369 ILE A CB  1 
ATOM   75   C CG1 . ILE A 1 9  ? 16.367  -23.995 0.911   1.00 47.28 ? 369 ILE A CG1 1 
ATOM   76   C CG2 . ILE A 1 9  ? 16.878  -21.765 -0.156  1.00 45.85 ? 369 ILE A CG2 1 
ATOM   77   C CD1 . ILE A 1 9  ? 16.483  -23.509 2.334   1.00 50.38 ? 369 ILE A CD1 1 
ATOM   78   N N   . GLU A 1 10 ? 13.540  -21.515 -1.638  1.00 41.83 ? 370 GLU A N   1 
ATOM   79   C CA  . GLU A 1 10 ? 13.208  -20.505 -2.617  1.00 46.14 ? 370 GLU A CA  1 
ATOM   80   C C   . GLU A 1 10 ? 11.973  -19.705 -2.197  1.00 46.19 ? 370 GLU A C   1 
ATOM   81   O O   . GLU A 1 10 ? 11.936  -18.493 -2.360  1.00 46.80 ? 370 GLU A O   1 
ATOM   82   C CB  . GLU A 1 10 ? 13.006  -21.149 -3.980  1.00 47.08 ? 370 GLU A CB  1 
ATOM   83   C CG  . GLU A 1 10 ? 14.322  -21.489 -4.640  1.00 55.90 ? 370 GLU A CG  1 
ATOM   84   C CD  . GLU A 1 10 ? 14.193  -21.777 -6.125  1.00 63.10 ? 370 GLU A CD  1 
ATOM   85   O OE1 . GLU A 1 10 ? 13.054  -21.993 -6.605  1.00 62.46 ? 370 GLU A OE1 1 
ATOM   86   O OE2 . GLU A 1 10 ? 15.241  -21.779 -6.811  1.00 65.49 ? 370 GLU A OE2 1 
ATOM   87   N N   . ASN A 1 11 ? 10.968  -20.386 -1.655  1.00 46.67 ? 371 ASN A N   1 
ATOM   88   C CA  . ASN A 1 11 ? 9.880   -19.710 -0.971  1.00 40.61 ? 371 ASN A CA  1 
ATOM   89   C C   . ASN A 1 11 ? 10.418  -18.808 0.133   1.00 42.26 ? 371 ASN A C   1 
ATOM   90   O O   . ASN A 1 11 ? 9.912   -17.713 0.336   1.00 44.52 ? 371 ASN A O   1 
ATOM   91   C CB  . ASN A 1 11 ? 8.904   -20.719 -0.400  1.00 39.05 ? 371 ASN A CB  1 
ATOM   92   C CG  . ASN A 1 11 ? 8.108   -21.421 -1.474  1.00 43.87 ? 371 ASN A CG  1 
ATOM   93   O OD1 . ASN A 1 11 ? 8.230   -21.099 -2.654  1.00 40.77 ? 371 ASN A OD1 1 
ATOM   94   N ND2 . ASN A 1 11 ? 7.296   -22.403 -1.073  1.00 44.17 ? 371 ASN A ND2 1 
ATOM   95   N N   . GLY A 1 12 ? 11.454  -19.266 0.828   1.00 39.58 ? 372 GLY A N   1 
ATOM   96   C CA  . GLY A 1 12 ? 12.140  -18.452 1.808   1.00 38.17 ? 372 GLY A CA  1 
ATOM   97   C C   . GLY A 1 12 ? 12.697  -17.186 1.180   1.00 40.37 ? 372 GLY A C   1 
ATOM   98   O O   . GLY A 1 12 ? 12.492  -16.101 1.701   1.00 42.48 ? 372 GLY A O   1 
ATOM   99   N N   . GLU A 1 13 ? 13.384  -17.315 0.050   1.00 41.36 ? 373 GLU A N   1 
ATOM   100  C CA  . GLU A 1 13 ? 13.934  -16.145 -0.629  1.00 45.28 ? 373 GLU A CA  1 
ATOM   101  C C   . GLU A 1 13 ? 12.812  -15.234 -1.087  1.00 41.42 ? 373 GLU A C   1 
ATOM   102  O O   . GLU A 1 13 ? 12.907  -14.026 -0.937  1.00 41.89 ? 373 GLU A O   1 
ATOM   103  C CB  . GLU A 1 13 ? 14.815  -16.545 -1.818  1.00 45.56 ? 373 GLU A CB  1 
ATOM   104  C CG  . GLU A 1 13 ? 16.196  -17.064 -1.395  1.00 55.32 ? 373 GLU A CG  1 
ATOM   105  C CD  . GLU A 1 13 ? 16.922  -17.864 -2.473  1.00 59.50 ? 373 GLU A CD  1 
ATOM   106  O OE1 . GLU A 1 13 ? 16.400  -18.017 -3.601  1.00 54.35 ? 373 GLU A OE1 1 
ATOM   107  O OE2 . GLU A 1 13 ? 18.036  -18.348 -2.179  1.00 72.71 ? 373 GLU A OE2 1 
ATOM   108  N N   . LYS A 1 14 ? 11.751  -15.819 -1.636  1.00 39.68 ? 374 LYS A N   1 
ATOM   109  C CA  . LYS A 1 14 ? 10.648  -15.032 -2.177  1.00 42.62 ? 374 LYS A CA  1 
ATOM   110  C C   . LYS A 1 14 ? 9.912   -14.247 -1.087  1.00 42.52 ? 374 LYS A C   1 
ATOM   111  O O   . LYS A 1 14 ? 9.448   -13.142 -1.318  1.00 45.26 ? 374 LYS A O   1 
ATOM   112  C CB  . LYS A 1 14 ? 9.657   -15.924 -2.922  1.00 46.74 ? 374 LYS A CB  1 
ATOM   113  C CG  . LYS A 1 14 ? 10.164  -16.568 -4.207  1.00 44.34 ? 374 LYS A CG  1 
ATOM   114  C CD  . LYS A 1 14 ? 8.975   -17.190 -4.964  1.00 45.66 ? 374 LYS A CD  1 
ATOM   115  C CE  . LYS A 1 14 ? 9.390   -18.330 -5.889  1.00 60.37 ? 374 LYS A CE  1 
ATOM   116  N NZ  . LYS A 1 14 ? 9.451   -19.683 -5.205  1.00 55.96 ? 374 LYS A NZ  1 
ATOM   117  N N   . ILE A 1 15 ? 9.820   -14.815 0.109   1.00 42.74 ? 375 ILE A N   1 
ATOM   118  C CA  . ILE A 1 15 ? 9.127   -14.157 1.215   1.00 44.32 ? 375 ILE A CA  1 
ATOM   119  C C   . ILE A 1 15 ? 9.907   -12.966 1.806   1.00 45.41 ? 375 ILE A C   1 
ATOM   120  O O   . ILE A 1 15 ? 9.335   -11.893 2.066   1.00 43.31 ? 375 ILE A O   1 
ATOM   121  C CB  . ILE A 1 15 ? 8.832   -15.170 2.312   1.00 37.69 ? 375 ILE A CB  1 
ATOM   122  C CG1 . ILE A 1 15 ? 7.653   -16.060 1.907   1.00 44.61 ? 375 ILE A CG1 1 
ATOM   123  C CG2 . ILE A 1 15 ? 8.546   -14.489 3.602   1.00 37.20 ? 375 ILE A CG2 1 
ATOM   124  C CD1 . ILE A 1 15 ? 7.742   -17.492 2.490   1.00 42.50 ? 375 ILE A CD1 1 
ATOM   125  N N   . THR A 1 16 ? 11.205  -13.161 2.016   1.00 40.18 ? 376 THR A N   1 
ATOM   126  C CA  . THR A 1 16 ? 12.083  -12.097 2.510   1.00 46.25 ? 376 THR A CA  1 
ATOM   127  C C   . THR A 1 16 ? 12.039  -10.862 1.610   1.00 46.20 ? 376 THR A C   1 
ATOM   128  O O   . THR A 1 16 ? 11.945  -9.730  2.084   1.00 48.67 ? 376 THR A O   1 
ATOM   129  C CB  . THR A 1 16 ? 13.540  -12.581 2.602   1.00 49.32 ? 376 THR A CB  1 
ATOM   130  O OG1 . THR A 1 16 ? 13.586  -13.830 3.299   1.00 45.86 ? 376 THR A OG1 1 
ATOM   131  C CG2 . THR A 1 16 ? 14.401  -11.557 3.321   1.00 46.53 ? 376 THR A CG2 1 
ATOM   132  N N   . SER A 1 17 ? 12.112  -11.109 0.307   1.00 42.45 ? 377 SER A N   1 
ATOM   133  C CA  . SER A 1 17 ? 11.957  -10.088 -0.718  1.00 45.37 ? 377 SER A CA  1 
ATOM   134  C C   . SER A 1 17 ? 10.593  -9.367  -0.681  1.00 47.57 ? 377 SER A C   1 
ATOM   135  O O   . SER A 1 17 ? 10.529  -8.141  -0.835  1.00 46.96 ? 377 SER A O   1 
ATOM   136  C CB  . SER A 1 17 ? 12.182  -10.734 -2.087  1.00 47.83 ? 377 SER A CB  1 
ATOM   137  O OG  . SER A 1 17 ? 11.919  -9.843  -3.152  1.00 50.86 ? 377 SER A OG  1 
ATOM   138  N N   . LEU A 1 18 ? 9.507   -10.112 -0.493  1.00 46.14 ? 378 LEU A N   1 
ATOM   139  C CA  . LEU A 1 18 ? 8.180   -9.499  -0.392  1.00 45.43 ? 378 LEU A CA  1 
ATOM   140  C C   . LEU A 1 18 ? 8.067   -8.704  0.895   1.00 45.61 ? 378 LEU A C   1 
ATOM   141  O O   . LEU A 1 18 ? 7.357   -7.717  0.965   1.00 42.41 ? 378 LEU A O   1 
ATOM   142  C CB  . LEU A 1 18 ? 7.071   -10.551 -0.442  1.00 47.79 ? 378 LEU A CB  1 
ATOM   143  C CG  . LEU A 1 18 ? 6.729   -11.158 -1.805  1.00 50.60 ? 378 LEU A CG  1 
ATOM   144  C CD1 . LEU A 1 18 ? 5.603   -12.160 -1.660  1.00 50.74 ? 378 LEU A CD1 1 
ATOM   145  C CD2 . LEU A 1 18 ? 6.354   -10.075 -2.812  1.00 49.25 ? 378 LEU A CD2 1 
ATOM   146  N N   . HIS A 1 19 ? 8.756   -9.164  1.928   1.00 47.70 ? 379 HIS A N   1 
ATOM   147  C CA  . HIS A 1 19 ? 8.780   -8.451  3.193   1.00 45.20 ? 379 HIS A CA  1 
ATOM   148  C C   . HIS A 1 19 ? 9.306   -7.030  3.029   1.00 46.86 ? 379 HIS A C   1 
ATOM   149  O O   . HIS A 1 19 ? 8.735   -6.091  3.572   1.00 49.43 ? 379 HIS A O   1 
ATOM   150  C CB  . HIS A 1 19 ? 9.639   -9.203  4.186   1.00 45.15 ? 379 HIS A CB  1 
ATOM   151  C CG  . HIS A 1 19 ? 9.801   -8.508  5.496   1.00 50.57 ? 379 HIS A CG  1 
ATOM   152  N ND1 . HIS A 1 19 ? 8.854   -8.571  6.492   1.00 51.88 ? 379 HIS A ND1 1 
ATOM   153  C CD2 . HIS A 1 19 ? 10.816  -7.758  5.986   1.00 52.61 ? 379 HIS A CD2 1 
ATOM   154  C CE1 . HIS A 1 19 ? 9.273   -7.886  7.539   1.00 53.08 ? 379 HIS A CE1 1 
ATOM   155  N NE2 . HIS A 1 19 ? 10.464  -7.382  7.257   1.00 52.00 ? 379 HIS A NE2 1 
ATOM   156  N N   . ARG A 1 20 ? 10.395  -6.874  2.283   1.00 45.01 ? 380 ARG A N   1 
ATOM   157  C CA  . ARG A 1 20 ? 10.994  -5.560  2.101   1.00 48.55 ? 380 ARG A CA  1 
ATOM   158  C C   . ARG A 1 20 ? 10.050  -4.678  1.290   1.00 47.16 ? 380 ARG A C   1 
ATOM   159  O O   . ARG A 1 20 ? 9.856   -3.496  1.597   1.00 44.22 ? 380 ARG A O   1 
ATOM   160  C CB  . ARG A 1 20 ? 12.357  -5.650  1.405   1.00 48.59 ? 380 ARG A CB  1 
ATOM   161  C CG  . ARG A 1 20 ? 12.612  -4.461  0.448   1.00 60.93 ? 380 ARG A CG  1 
ATOM   162  C CD  . ARG A 1 20 ? 13.778  -4.664  -0.517  1.00 66.35 ? 380 ARG A CD  1 
ATOM   163  N NE  . ARG A 1 20 ? 14.947  -5.219  0.156   1.00 76.50 ? 380 ARG A NE  1 
ATOM   164  C CZ  . ARG A 1 20 ? 15.534  -6.352  -0.203  1.00 77.79 ? 380 ARG A CZ  1 
ATOM   165  N NH1 . ARG A 1 20 ? 15.050  -7.045  -1.227  1.00 73.77 ? 380 ARG A NH1 1 
ATOM   166  N NH2 . ARG A 1 20 ? 16.591  -6.792  0.465   1.00 86.64 ? 380 ARG A NH2 1 
ATOM   167  N N   . GLU A 1 21 ? 9.461   -5.271  0.258   1.00 42.84 ? 381 GLU A N   1 
ATOM   168  C CA  . GLU A 1 21 ? 8.566   -4.546  -0.610  1.00 47.15 ? 381 GLU A CA  1 
ATOM   169  C C   . GLU A 1 21 ? 7.321   -4.102  0.140   1.00 47.26 ? 381 GLU A C   1 
ATOM   170  O O   . GLU A 1 21 ? 6.817   -3.008  -0.102  1.00 43.07 ? 381 GLU A O   1 
ATOM   171  C CB  . GLU A 1 21 ? 8.184   -5.388  -1.817  1.00 40.53 ? 381 GLU A CB  1 
ATOM   172  C CG  . GLU A 1 21 ? 9.324   -5.632  -2.784  1.00 47.62 ? 381 GLU A CG  1 
ATOM   173  C CD  . GLU A 1 21 ? 10.027  -4.367  -3.248  1.00 52.56 ? 381 GLU A CD  1 
ATOM   174  O OE1 . GLU A 1 21 ? 9.357   -3.323  -3.443  1.00 56.29 ? 381 GLU A OE1 1 
ATOM   175  O OE2 . GLU A 1 21 ? 11.270  -4.424  -3.417  1.00 58.42 ? 381 GLU A OE2 1 
ATOM   176  N N   . VAL A 1 22 ? 6.829   -4.939  1.051   1.00 41.16 ? 382 VAL A N   1 
ATOM   177  C CA  . VAL A 1 22 ? 5.678   -4.566  1.874   1.00 43.96 ? 382 VAL A CA  1 
ATOM   178  C C   . VAL A 1 22 ? 6.038   -3.497  2.915   1.00 45.00 ? 382 VAL A C   1 
ATOM   179  O O   . VAL A 1 22 ? 5.226   -2.632  3.239   1.00 40.98 ? 382 VAL A O   1 
ATOM   180  C CB  . VAL A 1 22 ? 5.066   -5.796  2.565   1.00 38.12 ? 382 VAL A CB  1 
ATOM   181  C CG1 . VAL A 1 22 ? 4.360   -5.437  3.857   1.00 33.25 ? 382 VAL A CG1 1 
ATOM   182  C CG2 . VAL A 1 22 ? 4.100   -6.461  1.622   1.00 44.42 ? 382 VAL A CG2 1 
ATOM   183  N N   . GLU A 1 23 ? 7.257   -3.546  3.432   1.00 45.68 ? 383 GLU A N   1 
ATOM   184  C CA  . GLU A 1 23 ? 7.715   -2.495  4.326   1.00 48.85 ? 383 GLU A CA  1 
ATOM   185  C C   . GLU A 1 23 ? 7.768   -1.170  3.561   1.00 49.42 ? 383 GLU A C   1 
ATOM   186  O O   . GLU A 1 23 ? 7.446   -0.106  4.092   1.00 46.76 ? 383 GLU A O   1 
ATOM   187  C CB  . GLU A 1 23 ? 9.081   -2.842  4.917   1.00 51.89 ? 383 GLU A CB  1 
ATOM   188  C CG  . GLU A 1 23 ? 8.999   -3.740  6.128   1.00 51.65 ? 383 GLU A CG  1 
ATOM   189  C CD  . GLU A 1 23 ? 8.212   -3.111  7.264   1.00 52.27 ? 383 GLU A CD  1 
ATOM   190  O OE1 . GLU A 1 23 ? 8.734   -2.179  7.918   1.00 52.31 ? 383 GLU A OE1 1 
ATOM   191  O OE2 . GLU A 1 23 ? 7.067   -3.547  7.509   1.00 55.41 ? 383 GLU A OE2 1 
ATOM   192  N N   . LYS A 1 24 ? 8.138   -1.263  2.290   1.00 49.79 ? 384 LYS A N   1 
ATOM   193  C CA  . LYS A 1 24 ? 8.251   -0.100  1.430   1.00 44.62 ? 384 LYS A CA  1 
ATOM   194  C C   . LYS A 1 24 ? 6.891   0.557   1.187   1.00 48.24 ? 384 LYS A C   1 
ATOM   195  O O   . LYS A 1 24 ? 6.765   1.782   1.330   1.00 46.48 ? 384 LYS A O   1 
ATOM   196  C CB  . LYS A 1 24 ? 8.907   -0.492  0.105   1.00 46.33 ? 384 LYS A CB  1 
ATOM   197  C CG  . LYS A 1 24 ? 9.230   0.660   -0.835  1.00 50.02 ? 384 LYS A CG  1 
ATOM   198  C CD  . LYS A 1 24 ? 10.002  1.770   -0.124  1.00 58.72 ? 384 LYS A CD  1 
ATOM   199  C CE  . LYS A 1 24 ? 10.210  2.985   -1.022  1.00 57.01 ? 384 LYS A CE  1 
ATOM   200  N NZ  . LYS A 1 24 ? 8.968   3.380   -1.736  1.00 55.73 ? 384 LYS A NZ  1 
ATOM   201  N N   . VAL A 1 25 ? 5.870   -0.220  0.832   1.00 42.79 ? 385 VAL A N   1 
ATOM   202  C CA  . VAL A 1 25 ? 4.580   0.413   0.546   1.00 45.43 ? 385 VAL A CA  1 
ATOM   203  C C   . VAL A 1 25 ? 3.815   0.826   1.803   1.00 42.17 ? 385 VAL A C   1 
ATOM   204  O O   . VAL A 1 25 ? 2.808   1.503   1.699   1.00 42.70 ? 385 VAL A O   1 
ATOM   205  C CB  . VAL A 1 25 ? 3.649   -0.477  -0.304  1.00 42.44 ? 385 VAL A CB  1 
ATOM   206  C CG1 . VAL A 1 25 ? 4.402   -1.067  -1.464  1.00 43.94 ? 385 VAL A CG1 1 
ATOM   207  C CG2 . VAL A 1 25 ? 2.993   -1.533  0.546   1.00 42.48 ? 385 VAL A CG2 1 
ATOM   208  N N   . LYS A 1 26 ? 4.279   0.415   2.980   1.00 42.73 ? 386 LYS A N   1 
ATOM   209  C CA  . LYS A 1 26 ? 3.686   0.888   4.231   1.00 43.80 ? 386 LYS A CA  1 
ATOM   210  C C   . LYS A 1 26 ? 4.271   2.242   4.540   1.00 46.01 ? 386 LYS A C   1 
ATOM   211  O O   . LYS A 1 26 ? 3.563   3.153   4.984   1.00 46.74 ? 386 LYS A O   1 
ATOM   212  C CB  . LYS A 1 26 ? 3.954   -0.055  5.405   1.00 45.42 ? 386 LYS A CB  1 
ATOM   213  C CG  . LYS A 1 26 ? 3.181   -1.356  5.399   1.00 45.34 ? 386 LYS A CG  1 
ATOM   214  C CD  . LYS A 1 26 ? 3.888   -2.405  6.276   1.00 52.65 ? 386 LYS A CD  1 
ATOM   215  C CE  . LYS A 1 26 ? 3.800   -2.071  7.774   1.00 56.05 ? 386 LYS A CE  1 
ATOM   216  N NZ  . LYS A 1 26 ? 4.496   -3.086  8.632   1.00 58.31 ? 386 LYS A NZ  1 
ATOM   217  N N   . LEU A 1 27 ? 5.575   2.362   4.316   1.00 46.00 ? 387 LEU A N   1 
ATOM   218  C CA  . LEU A 1 27 ? 6.258   3.638   4.506   1.00 48.94 ? 387 LEU A CA  1 
ATOM   219  C C   . LEU A 1 27 ? 5.628   4.689   3.606   1.00 46.35 ? 387 LEU A C   1 
ATOM   220  O O   . LEU A 1 27 ? 5.240   5.743   4.069   1.00 47.89 ? 387 LEU A O   1 
ATOM   221  C CB  . LEU A 1 27 ? 7.752   3.516   4.215   1.00 50.02 ? 387 LEU A CB  1 
ATOM   222  C CG  . LEU A 1 27 ? 8.520   4.790   4.569   1.00 48.34 ? 387 LEU A CG  1 
ATOM   223  C CD1 . LEU A 1 27 ? 8.720   4.891   6.075   1.00 48.18 ? 387 LEU A CD1 1 
ATOM   224  C CD2 . LEU A 1 27 ? 9.847   4.854   3.846   1.00 47.54 ? 387 LEU A CD2 1 
ATOM   225  N N   . ASP A 1 28 ? 5.507   4.375   2.321   1.00 45.88 ? 388 ASP A N   1 
ATOM   226  C CA  . ASP A 1 28 ? 4.836   5.245   1.373   1.00 46.32 ? 388 ASP A CA  1 
ATOM   227  C C   . ASP A 1 28 ? 3.406   5.608   1.772   1.00 48.28 ? 388 ASP A C   1 
ATOM   228  O O   . ASP A 1 28 ? 3.058   6.775   1.754   1.00 45.17 ? 388 ASP A O   1 
ATOM   229  C CB  . ASP A 1 28 ? 4.829   4.604   -0.006  1.00 46.20 ? 388 ASP A CB  1 
ATOM   230  C CG  . ASP A 1 28 ? 6.177   4.686   -0.669  1.00 53.85 ? 388 ASP A CG  1 
ATOM   231  O OD1 . ASP A 1 28 ? 7.153   4.966   0.058   1.00 55.84 ? 388 ASP A OD1 1 
ATOM   232  O OD2 . ASP A 1 28 ? 6.267   4.482   -1.899  1.00 57.01 ? 388 ASP A OD2 1 
ATOM   233  N N   . GLN A 1 29 ? 2.568   4.634   2.122   1.00 44.78 ? 389 GLN A N   1 
ATOM   234  C CA  . GLN A 1 29 ? 1.199   4.997   2.490   1.00 45.85 ? 389 GLN A CA  1 
ATOM   235  C C   . GLN A 1 29 ? 1.152   5.972   3.679   1.00 45.03 ? 389 GLN A C   1 
ATOM   236  O O   . GLN A 1 29 ? 0.366   6.914   3.678   1.00 48.12 ? 389 GLN A O   1 
ATOM   237  C CB  . GLN A 1 29 ? 0.369   3.770   2.810   1.00 38.80 ? 389 GLN A CB  1 
ATOM   238  C CG  . GLN A 1 29 ? -1.047  4.112   3.254   1.00 47.99 ? 389 GLN A CG  1 
ATOM   239  C CD  . GLN A 1 29 ? -1.841  4.864   2.190   1.00 50.31 ? 389 GLN A CD  1 
ATOM   240  O OE1 . GLN A 1 29 ? -1.618  4.675   0.988   1.00 48.32 ? 389 GLN A OE1 1 
ATOM   241  N NE2 . GLN A 1 29 ? -2.771  5.723   2.629   1.00 46.46 ? 389 GLN A NE2 1 
ATOM   242  N N   . LYS A 1 30 ? 2.000   5.748   4.675   1.00 40.26 ? 390 LYS A N   1 
ATOM   243  C CA  . LYS A 1 30 ? 2.110   6.630   5.824   1.00 41.21 ? 390 LYS A CA  1 
ATOM   244  C C   . LYS A 1 30 ? 2.577   8.011   5.401   1.00 48.03 ? 390 LYS A C   1 
ATOM   245  O O   . LYS A 1 30 ? 2.130   9.012   5.942   1.00 42.87 ? 390 LYS A O   1 
ATOM   246  C CB  . LYS A 1 30 ? 3.084   6.056   6.849   1.00 47.52 ? 390 LYS A CB  1 
ATOM   247  C CG  . LYS A 1 30 ? 3.244   6.894   8.110   1.00 46.20 ? 390 LYS A CG  1 
ATOM   248  C CD  . LYS A 1 30 ? 4.128   6.194   9.125   1.00 56.01 ? 390 LYS A CD  1 
ATOM   249  C CE  . LYS A 1 30 ? 3.641   4.753   9.381   1.00 55.33 ? 390 LYS A CE  1 
ATOM   250  N NZ  . LYS A 1 30 ? 4.391   4.102   10.497  1.00 61.00 ? 390 LYS A NZ  1 
ATOM   251  N N   . ARG A 1 31 ? 3.501   8.047   4.446   1.00 46.33 ? 391 ARG A N   1 
ATOM   252  C CA  . ARG A 1 31 ? 3.990   9.300   3.891   1.00 44.97 ? 391 ARG A CA  1 
ATOM   253  C C   . ARG A 1 31 ? 2.879   10.053  3.183   1.00 42.44 ? 391 ARG A C   1 
ATOM   254  O O   . ARG A 1 31 ? 2.731   11.245  3.368   1.00 40.01 ? 391 ARG A O   1 
ATOM   255  C CB  . ARG A 1 31 ? 5.144   9.054   2.911   1.00 46.63 ? 391 ARG A CB  1 
ATOM   256  C CG  . ARG A 1 31 ? 5.357   10.202  1.925   1.00 52.63 ? 391 ARG A CG  1 
ATOM   257  C CD  . ARG A 1 31 ? 6.424   9.882   0.878   1.00 58.72 ? 391 ARG A CD  1 
ATOM   258  N NE  . ARG A 1 31 ? 6.062   8.734   0.051   1.00 61.61 ? 391 ARG A NE  1 
ATOM   259  C CZ  . ARG A 1 31 ? 5.220   8.790   -0.977  1.00 60.18 ? 391 ARG A CZ  1 
ATOM   260  N NH1 . ARG A 1 31 ? 4.646   9.945   -1.308  1.00 50.85 ? 391 ARG A NH1 1 
ATOM   261  N NH2 . ARG A 1 31 ? 4.955   7.686   -1.671  1.00 56.82 ? 391 ARG A NH2 1 
ATOM   262  N N   . LEU A 1 32 ? 2.113   9.348   2.358   1.00 43.96 ? 392 LEU A N   1 
ATOM   263  C CA  . LEU A 1 32 ? 0.982   9.948   1.671   1.00 48.64 ? 392 LEU A CA  1 
ATOM   264  C C   . LEU A 1 32 ? -0.005  10.534  2.660   1.00 44.66 ? 392 LEU A C   1 
ATOM   265  O O   . LEU A 1 32 ? -0.397  11.685  2.526   1.00 45.71 ? 392 LEU A O   1 
ATOM   266  C CB  . LEU A 1 32 ? 0.274   8.924   0.790   1.00 49.60 ? 392 LEU A CB  1 
ATOM   267  C CG  . LEU A 1 32 ? 0.957   8.620   -0.535  1.00 47.77 ? 392 LEU A CG  1 
ATOM   268  C CD1 . LEU A 1 32 ? 0.118   7.643   -1.347  1.00 50.85 ? 392 LEU A CD1 1 
ATOM   269  C CD2 . LEU A 1 32 ? 1.204   9.903   -1.307  1.00 52.70 ? 392 LEU A CD2 1 
ATOM   270  N N   . ASP A 1 33 ? -0.392  9.748   3.658   1.00 41.45 ? 393 ASP A N   1 
ATOM   271  C CA  . ASP A 1 33 ? -1.343  10.221  4.661   1.00 42.55 ? 393 ASP A CA  1 
ATOM   272  C C   . ASP A 1 33 ? -0.852  11.482  5.354   1.00 45.22 ? 393 ASP A C   1 
ATOM   273  O O   . ASP A 1 33 ? -1.646  12.399  5.587   1.00 46.92 ? 393 ASP A O   1 
ATOM   274  C CB  . ASP A 1 33 ? -1.638  9.153   5.719   1.00 40.83 ? 393 ASP A CB  1 
ATOM   275  C CG  . ASP A 1 33 ? -2.912  8.374   5.428   1.00 52.64 ? 393 ASP A CG  1 
ATOM   276  O OD1 . ASP A 1 33 ? -3.971  9.018   5.236   1.00 50.17 ? 393 ASP A OD1 1 
ATOM   277  O OD2 . ASP A 1 33 ? -2.855  7.118   5.381   1.00 52.31 ? 393 ASP A OD2 1 
ATOM   278  N N   . GLN A 1 34 ? 0.435   11.557  5.693   1.00 41.74 ? 394 GLN A N   1 
ATOM   279  C CA  . GLN A 1 34 ? 0.875   12.739  6.426   1.00 46.73 ? 394 GLN A CA  1 
ATOM   280  C C   . GLN A 1 34 ? 1.082   13.950  5.530   1.00 45.77 ? 394 GLN A C   1 
ATOM   281  O O   . GLN A 1 34 ? 1.136   15.074  6.027   1.00 45.47 ? 394 GLN A O   1 
ATOM   282  C CB  . GLN A 1 34 ? 2.150   12.486  7.229   1.00 38.88 ? 394 GLN A CB  1 
ATOM   283  C CG  . GLN A 1 34 ? 1.883   12.525  8.741   1.00 52.39 ? 394 GLN A CG  1 
ATOM   284  C CD  . GLN A 1 34 ? 1.294   13.882  9.229   1.00 65.99 ? 394 GLN A CD  1 
ATOM   285  O OE1 . GLN A 1 34 ? 0.326   13.905  10.005  1.00 65.21 ? 394 GLN A OE1 1 
ATOM   286  N NE2 . GLN A 1 34 ? 1.857   15.001  8.749   1.00 59.46 ? 394 GLN A NE2 1 
ATOM   287  N N   . GLU A 1 35 ? 1.194   13.728  4.223   1.00 43.97 ? 395 GLU A N   1 
ATOM   288  C CA  . GLU A 1 35 ? 1.341   14.839  3.299   1.00 44.19 ? 395 GLU A CA  1 
ATOM   289  C C   . GLU A 1 35 ? -0.018  15.513  3.125   1.00 46.71 ? 395 GLU A C   1 
ATOM   290  O O   . GLU A 1 35 ? -0.102  16.734  3.046   1.00 44.52 ? 395 GLU A O   1 
ATOM   291  C CB  . GLU A 1 35 ? 1.900   14.391  1.946   1.00 40.43 ? 395 GLU A CB  1 
ATOM   292  C CG  . GLU A 1 35 ? 2.342   15.579  1.090   1.00 49.25 ? 395 GLU A CG  1 
ATOM   293  C CD  . GLU A 1 35 ? 3.056   15.205  -0.201  1.00 49.75 ? 395 GLU A CD  1 
ATOM   294  O OE1 . GLU A 1 35 ? 3.061   16.049  -1.127  1.00 58.51 ? 395 GLU A OE1 1 
ATOM   295  O OE2 . GLU A 1 35 ? 3.623   14.099  -0.297  1.00 50.43 ? 395 GLU A OE2 1 
ATOM   296  N N   . LEU A 1 36 ? -1.079  14.712  3.083   1.00 48.25 ? 396 LEU A N   1 
ATOM   297  C CA  . LEU A 1 36 ? -2.434  15.254  2.997   1.00 48.89 ? 396 LEU A CA  1 
ATOM   298  C C   . LEU A 1 36 ? -2.757  16.005  4.273   1.00 49.57 ? 396 LEU A C   1 
ATOM   299  O O   . LEU A 1 36 ? -3.177  17.157  4.209   1.00 46.68 ? 396 LEU A O   1 
ATOM   300  C CB  . LEU A 1 36 ? -3.475  14.155  2.758   1.00 47.47 ? 396 LEU A CB  1 
ATOM   301  C CG  . LEU A 1 36 ? -4.926  14.644  2.679   1.00 48.02 ? 396 LEU A CG  1 
ATOM   302  C CD1 . LEU A 1 36 ? -5.116  15.580  1.503   1.00 49.09 ? 396 LEU A CD1 1 
ATOM   303  C CD2 . LEU A 1 36 ? -5.898  13.495  2.570   1.00 41.61 ? 396 LEU A CD2 1 
ATOM   304  N N   . ASP A 1 37 ? -2.551  15.367  5.430   1.00 46.68 ? 397 ASP A N   1 
ATOM   305  C CA  . ASP A 1 37 ? -2.761  16.053  6.714   1.00 49.11 ? 397 ASP A CA  1 
ATOM   306  C C   . ASP A 1 37 ? -2.050  17.399  6.725   1.00 48.50 ? 397 ASP A C   1 
ATOM   307  O O   . ASP A 1 37 ? -2.543  18.370  7.285   1.00 51.05 ? 397 ASP A O   1 
ATOM   308  C CB  . ASP A 1 37 ? -2.267  15.216  7.897   1.00 47.54 ? 397 ASP A CB  1 
ATOM   309  C CG  . ASP A 1 37 ? -3.089  13.965  8.119   1.00 48.71 ? 397 ASP A CG  1 
ATOM   310  O OD1 . ASP A 1 37 ? -4.007  13.706  7.322   1.00 52.41 ? 397 ASP A OD1 1 
ATOM   311  O OD2 . ASP A 1 37 ? -2.816  13.237  9.096   1.00 47.06 ? 397 ASP A OD2 1 
ATOM   312  N N   . PHE A 1 38 ? -0.888  17.448  6.090   1.00 47.19 ? 398 PHE A N   1 
ATOM   313  C CA  . PHE A 1 38 ? -0.108  18.675  6.023   1.00 48.36 ? 398 PHE A CA  1 
ATOM   314  C C   . PHE A 1 38 ? -0.706  19.703  5.063   1.00 48.97 ? 398 PHE A C   1 
ATOM   315  O O   . PHE A 1 38 ? -0.749  20.897  5.369   1.00 50.97 ? 398 PHE A O   1 
ATOM   316  C CB  . PHE A 1 38 ? 1.324   18.366  5.603   1.00 47.65 ? 398 PHE A CB  1 
ATOM   317  C CG  . PHE A 1 38 ? 2.224   19.539  5.688   1.00 42.42 ? 398 PHE A CG  1 
ATOM   318  C CD1 . PHE A 1 38 ? 2.765   19.915  6.899   1.00 46.23 ? 398 PHE A CD1 1 
ATOM   319  C CD2 . PHE A 1 38 ? 2.514   20.281  4.568   1.00 44.92 ? 398 PHE A CD2 1 
ATOM   320  C CE1 . PHE A 1 38 ? 3.593   21.021  6.985   1.00 49.48 ? 398 PHE A CE1 1 
ATOM   321  C CE2 . PHE A 1 38 ? 3.337   21.390  4.645   1.00 46.00 ? 398 PHE A CE2 1 
ATOM   322  C CZ  . PHE A 1 38 ? 3.879   21.758  5.851   1.00 46.41 ? 398 PHE A CZ  1 
ATOM   323  N N   . ILE A 1 39 ? -1.140  19.238  3.894   1.00 47.33 ? 399 ILE A N   1 
ATOM   324  C CA  . ILE A 1 39 ? -1.768  20.101  2.908   1.00 47.77 ? 399 ILE A CA  1 
ATOM   325  C C   . ILE A 1 39 ? -3.072  20.684  3.453   1.00 52.06 ? 399 ILE A C   1 
ATOM   326  O O   . ILE A 1 39 ? -3.331  21.886  3.325   1.00 54.13 ? 399 ILE A O   1 
ATOM   327  C CB  . ILE A 1 39 ? -2.028  19.349  1.597   1.00 48.21 ? 399 ILE A CB  1 
ATOM   328  C CG1 . ILE A 1 39 ? -0.699  19.050  0.903   1.00 50.73 ? 399 ILE A CG1 1 
ATOM   329  C CG2 . ILE A 1 39 ? -2.916  20.159  0.666   1.00 51.05 ? 399 ILE A CG2 1 
ATOM   330  C CD1 . ILE A 1 39 ? -0.805  18.069  -0.246  1.00 49.19 ? 399 ILE A CD1 1 
ATOM   331  N N   . LEU A 1 40 ? -3.883  19.848  4.086   1.00 47.75 ? 400 LEU A N   1 
ATOM   332  C CA  . LEU A 1 40 ? -5.115  20.351  4.675   1.00 54.79 ? 400 LEU A CA  1 
ATOM   333  C C   . LEU A 1 40 ? -4.847  21.419  5.740   1.00 55.44 ? 400 LEU A C   1 
ATOM   334  O O   . LEU A 1 40 ? -5.514  22.448  5.757   1.00 51.48 ? 400 LEU A O   1 
ATOM   335  C CB  . LEU A 1 40 ? -5.931  19.218  5.276   1.00 43.70 ? 400 LEU A CB  1 
ATOM   336  C CG  . LEU A 1 40 ? -6.369  18.154  4.274   1.00 50.34 ? 400 LEU A CG  1 
ATOM   337  C CD1 . LEU A 1 40 ? -7.295  17.110  4.932   1.00 45.73 ? 400 LEU A CD1 1 
ATOM   338  C CD2 . LEU A 1 40 ? -7.006  18.783  3.052   1.00 42.82 ? 400 LEU A CD2 1 
ATOM   339  N N   . SER A 1 41 ? -3.869  21.164  6.612   1.00 54.25 ? 401 SER A N   1 
ATOM   340  C CA  . SER A 1 41 ? -3.546  22.053  7.731   1.00 53.12 ? 401 SER A CA  1 
ATOM   341  C C   . SER A 1 41 ? -3.008  23.387  7.241   1.00 54.52 ? 401 SER A C   1 
ATOM   342  O O   . SER A 1 41 ? -2.982  24.380  7.977   1.00 52.68 ? 401 SER A O   1 
ATOM   343  C CB  . SER A 1 41 ? -2.518  21.401  8.658   1.00 49.70 ? 401 SER A CB  1 
ATOM   344  O OG  . SER A 1 41 ? -3.131  20.558  9.603   1.00 50.17 ? 401 SER A OG  1 
ATOM   345  N N   . GLN A 1 42 ? -2.582  23.394  5.987   1.00 55.68 ? 402 GLN A N   1 
ATOM   346  C CA  . GLN A 1 42 ? -1.951  24.554  5.385   1.00 56.46 ? 402 GLN A CA  1 
ATOM   347  C C   . GLN A 1 42 ? -2.969  25.361  4.574   1.00 58.85 ? 402 GLN A C   1 
ATOM   348  O O   . GLN A 1 42 ? -2.720  26.511  4.204   1.00 60.17 ? 402 GLN A O   1 
ATOM   349  C CB  . GLN A 1 42 ? -0.762  24.079  4.530   1.00 56.14 ? 402 GLN A CB  1 
ATOM   350  C CG  . GLN A 1 42 ? -0.535  24.756  3.196   1.00 49.92 ? 402 GLN A CG  1 
ATOM   351  C CD  . GLN A 1 42 ? 0.576   24.086  2.438   1.00 54.01 ? 402 GLN A CD  1 
ATOM   352  O OE1 . GLN A 1 42 ? 0.637   22.860  2.381   1.00 61.34 ? 402 GLN A OE1 1 
ATOM   353  N NE2 . GLN A 1 42 ? 1.484   24.875  1.878   1.00 58.15 ? 402 GLN A NE2 1 
ATOM   354  N N   . GLN A 1 43 ? -4.135  24.773  4.329   1.00 57.55 ? 403 GLN A N   1 
ATOM   355  C CA  . GLN A 1 43 ? -5.152  25.449  3.522   1.00 67.82 ? 403 GLN A CA  1 
ATOM   356  C C   . GLN A 1 43 ? -5.553  26.814  4.093   1.00 67.10 ? 403 GLN A C   1 
ATOM   357  O O   . GLN A 1 43 ? -5.691  27.771  3.342   1.00 68.11 ? 403 GLN A O   1 
ATOM   358  C CB  . GLN A 1 43 ? -6.395  24.572  3.365   1.00 65.47 ? 403 GLN A CB  1 
ATOM   359  C CG  . GLN A 1 43 ? -7.419  25.175  2.424   1.00 68.25 ? 403 GLN A CG  1 
ATOM   360  C CD  . GLN A 1 43 ? -8.283  24.131  1.758   1.00 72.71 ? 403 GLN A CD  1 
ATOM   361  O OE1 . GLN A 1 43 ? -8.319  22.970  2.181   1.00 72.44 ? 403 GLN A OE1 1 
ATOM   362  N NE2 . GLN A 1 43 ? -8.988  24.536  0.701   1.00 75.43 ? 403 GLN A NE2 1 
ATOM   363  N N   . LYS A 1 44 ? -5.731  26.866  5.414   1.00 66.97 ? 404 LYS A N   1 
ATOM   364  C CA  . LYS A 1 44 ? -5.984  28.077  6.217   1.00 73.00 ? 404 LYS A CA  1 
ATOM   365  C C   . LYS A 1 44 ? -6.701  29.269  5.553   1.00 80.93 ? 404 LYS A C   1 
ATOM   366  O O   . LYS A 1 44 ? -6.173  29.937  4.655   1.00 77.76 ? 404 LYS A O   1 
ATOM   367  C CB  . LYS A 1 44 ? -4.662  28.581  6.809   1.00 75.62 ? 404 LYS A CB  1 
ATOM   368  C CG  . LYS A 1 44 ? -4.564  28.402  8.327   1.00 75.71 ? 404 LYS A CG  1 
ATOM   369  C CD  . LYS A 1 44 ? -5.695  29.144  9.035   1.00 75.30 ? 404 LYS A CD  1 
ATOM   370  C CE  . LYS A 1 44 ? -5.268  29.694  10.390  1.00 73.63 ? 404 LYS A CE  1 
ATOM   371  N NZ  . LYS A 1 44 ? -6.298  30.616  10.962  1.00 71.75 ? 404 LYS A NZ  1 
ATOM   372  N N   . GLU A 1 45 ? -7.895  29.551  6.065   1.00 77.98 ? 405 GLU A N   1 
ATOM   373  C CA  . GLU A 1 45 ? -8.752  30.592  5.537   1.00 80.85 ? 405 GLU A CA  1 
ATOM   374  C C   . GLU A 1 45 ? -8.152  31.986  5.632   1.00 86.73 ? 405 GLU A C   1 
ATOM   375  O O   . GLU A 1 45 ? -7.140  32.206  6.304   1.00 87.83 ? 405 GLU A O   1 
ATOM   376  C CB  . GLU A 1 45 ? -10.087 30.585  6.272   1.00 80.13 ? 405 GLU A CB  1 
ATOM   377  C CG  . GLU A 1 45 ? -11.278 30.762  5.365   1.00 82.04 ? 405 GLU A CG  1 
ATOM   378  C CD  . GLU A 1 45 ? -11.662 29.490  4.625   1.00 87.21 ? 405 GLU A CD  1 
ATOM   379  O OE1 . GLU A 1 45 ? -11.185 28.395  5.001   1.00 80.02 ? 405 GLU A OE1 1 
ATOM   380  O OE2 . GLU A 1 45 ? -12.455 29.591  3.666   1.00 91.39 ? 405 GLU A OE2 1 
ATOM   381  N N   . LEU A 1 46 ? -8.802  32.913  4.935   1.00 82.61 ? 406 LEU A N   1 
ATOM   382  C CA  . LEU A 1 46 ? -8.578  34.346  5.073   1.00 87.20 ? 406 LEU A CA  1 
ATOM   383  C C   . LEU A 1 46 ? -9.690  35.006  4.267   1.00 91.98 ? 406 LEU A C   1 
ATOM   384  O O   . LEU A 1 46 ? -9.562  35.194  3.056   1.00 91.13 ? 406 LEU A O   1 
ATOM   385  C CB  . LEU A 1 46 ? -7.183  34.755  4.582   1.00 86.96 ? 406 LEU A CB  1 
ATOM   386  C CG  . LEU A 1 46 ? -6.817  36.238  4.411   1.00 83.61 ? 406 LEU A CG  1 
ATOM   387  C CD1 . LEU A 1 46 ? -5.385  36.453  4.848   1.00 80.79 ? 406 LEU A CD1 1 
ATOM   388  C CD2 . LEU A 1 46 ? -6.977  36.721  2.976   1.00 81.24 ? 406 LEU A CD2 1 
ATOM   389  N N   . GLU A 1 47 ? -10.804 35.329  4.917   1.00 91.00 ? 407 GLU A N   1 
ATOM   390  C CA  . GLU A 1 47 ? -11.988 35.679  4.140   1.00 90.42 ? 407 GLU A CA  1 
ATOM   391  C C   . GLU A 1 47 ? -12.695 37.004  4.455   1.00 94.01 ? 407 GLU A C   1 
ATOM   392  O O   . GLU A 1 47 ? -13.734 37.018  5.129   1.00 87.47 ? 407 GLU A O   1 
ATOM   393  C CB  . GLU A 1 47 ? -12.997 34.537  4.248   1.00 89.10 ? 407 GLU A CB  1 
ATOM   394  C CG  . GLU A 1 47 ? -13.121 33.924  5.623   1.00 85.29 ? 407 GLU A CG  1 
ATOM   395  C CD  . GLU A 1 47 ? -13.927 32.641  5.591   1.00 83.47 ? 407 GLU A CD  1 
ATOM   396  O OE1 . GLU A 1 47 ? -14.056 32.056  4.493   1.00 83.14 ? 407 GLU A OE1 1 
ATOM   397  O OE2 . GLU A 1 47 ? -14.411 32.204  6.661   1.00 79.52 ? 407 GLU A OE2 1 
ATOM   398  N N   . ASP A 1 48 ? -12.161 38.113  3.938   1.00 93.78 ? 408 ASP A N   1 
ATOM   399  C CA  . ASP A 1 48 ? -10.874 38.145  3.234   1.00 93.49 ? 408 ASP A CA  1 
ATOM   400  C C   . ASP A 1 48 ? -9.925  39.128  3.913   1.00 93.90 ? 408 ASP A C   1 
ATOM   401  O O   . ASP A 1 48 ? -9.998  40.337  3.666   1.00 94.61 ? 408 ASP A O   1 
ATOM   402  C CB  . ASP A 1 48 ? -11.021 38.545  1.758   1.00 95.39 ? 408 ASP A CB  1 
ATOM   403  C CG  . ASP A 1 48 ? -11.800 37.536  0.935   1.00 96.82 ? 408 ASP A CG  1 
ATOM   404  O OD1 . ASP A 1 48 ? -12.643 36.806  1.491   1.00 95.98 ? 408 ASP A OD1 1 
ATOM   405  O OD2 . ASP A 1 48 ? -11.521 37.451  -0.282  1.00 98.21 ? 408 ASP A OD2 1 
ATOM   406  N N   . ASN B 1 2  ? 13.446  -31.586 11.599  1.00 43.44 ? 362 ASN B N   1 
ATOM   407  C CA  . ASN B 1 2  ? 12.880  -30.490 12.381  1.00 52.86 ? 362 ASN B CA  1 
ATOM   408  C C   . ASN B 1 2  ? 13.092  -29.112 11.738  1.00 46.20 ? 362 ASN B C   1 
ATOM   409  O O   . ASN B 1 2  ? 12.220  -28.257 11.800  1.00 46.73 ? 362 ASN B O   1 
ATOM   410  C CB  . ASN B 1 2  ? 13.468  -30.492 13.791  1.00 51.85 ? 362 ASN B CB  1 
ATOM   411  C CG  . ASN B 1 2  ? 12.590  -29.787 14.786  1.00 47.96 ? 362 ASN B CG  1 
ATOM   412  O OD1 . ASN B 1 2  ? 12.495  -28.570 14.777  1.00 57.77 ? 362 ASN B OD1 1 
ATOM   413  N ND2 . ASN B 1 2  ? 11.948  -30.550 15.667  1.00 54.73 ? 362 ASN B ND2 1 
ATOM   414  N N   . ALA B 1 3  ? 14.245  -28.902 11.119  1.00 47.48 ? 363 ALA B N   1 
ATOM   415  C CA  . ALA B 1 3  ? 14.526  -27.625 10.448  1.00 48.06 ? 363 ALA B CA  1 
ATOM   416  C C   . ALA B 1 3  ? 13.625  -27.425 9.241   1.00 44.69 ? 363 ALA B C   1 
ATOM   417  O O   . ALA B 1 3  ? 13.214  -26.310 8.957   1.00 44.40 ? 363 ALA B O   1 
ATOM   418  C CB  . ALA B 1 3  ? 15.980  -27.551 10.026  1.00 44.96 ? 363 ALA B CB  1 
ATOM   419  N N   . TRP B 1 4  ? 13.335  -28.508 8.523   1.00 42.53 ? 364 TRP B N   1 
ATOM   420  C CA  . TRP B 1 4  ? 12.411  -28.463 7.394   1.00 42.14 ? 364 TRP B CA  1 
ATOM   421  C C   . TRP B 1 4  ? 11.016  -28.063 7.874   1.00 49.57 ? 364 TRP B C   1 
ATOM   422  O O   . TRP B 1 4  ? 10.443  -27.084 7.390   1.00 47.35 ? 364 TRP B O   1 
ATOM   423  C CB  . TRP B 1 4  ? 12.348  -29.815 6.681   1.00 49.44 ? 364 TRP B CB  1 
ATOM   424  C CG  . TRP B 1 4  ? 13.678  -30.338 6.165   1.00 47.55 ? 364 TRP B CG  1 
ATOM   425  C CD1 . TRP B 1 4  ? 14.288  -30.004 4.994   1.00 47.65 ? 364 TRP B CD1 1 
ATOM   426  C CD2 . TRP B 1 4  ? 14.532  -31.296 6.802   1.00 42.12 ? 364 TRP B CD2 1 
ATOM   427  N NE1 . TRP B 1 4  ? 15.469  -30.690 4.859   1.00 49.20 ? 364 TRP B NE1 1 
ATOM   428  C CE2 . TRP B 1 4  ? 15.644  -31.493 5.954   1.00 49.50 ? 364 TRP B CE2 1 
ATOM   429  C CE3 . TRP B 1 4  ? 14.466  -32.014 7.996   1.00 47.28 ? 364 TRP B CE3 1 
ATOM   430  C CZ2 . TRP B 1 4  ? 16.682  -32.382 6.267   1.00 45.26 ? 364 TRP B CZ2 1 
ATOM   431  C CZ3 . TRP B 1 4  ? 15.492  -32.893 8.309   1.00 42.18 ? 364 TRP B CZ3 1 
ATOM   432  C CH2 . TRP B 1 4  ? 16.591  -33.063 7.448   1.00 41.74 ? 364 TRP B CH2 1 
ATOM   433  N N   . ASP B 1 5  ? 10.485  -28.810 8.843   1.00 47.88 ? 365 ASP B N   1 
ATOM   434  C CA  . ASP B 1 5  ? 9.162   -28.516 9.422   1.00 47.33 ? 365 ASP B CA  1 
ATOM   435  C C   . ASP B 1 5  ? 9.026   -27.099 9.931   1.00 49.78 ? 365 ASP B C   1 
ATOM   436  O O   . ASP B 1 5  ? 7.965   -26.474 9.814   1.00 49.19 ? 365 ASP B O   1 
ATOM   437  C CB  . ASP B 1 5  ? 8.860   -29.453 10.580  1.00 45.02 ? 365 ASP B CB  1 
ATOM   438  C CG  . ASP B 1 5  ? 8.676   -30.869 10.134  1.00 52.18 ? 365 ASP B CG  1 
ATOM   439  O OD1 . ASP B 1 5  ? 8.321   -31.066 8.947   1.00 49.98 ? 365 ASP B OD1 1 
ATOM   440  O OD2 . ASP B 1 5  ? 8.901   -31.775 10.965  1.00 57.83 ? 365 ASP B OD2 1 
ATOM   441  N N   . ARG B 1 6  ? 10.097  -26.601 10.528  1.00 46.98 ? 366 ARG B N   1 
ATOM   442  C CA  . ARG B 1 6  ? 10.025  -25.328 11.204  1.00 48.02 ? 366 ARG B CA  1 
ATOM   443  C C   . ARG B 1 6  ? 10.154  -24.191 10.197  1.00 47.69 ? 366 ARG B C   1 
ATOM   444  O O   . ARG B 1 6  ? 9.576   -23.139 10.384  1.00 49.12 ? 366 ARG B O   1 
ATOM   445  C CB  . ARG B 1 6  ? 11.093  -25.263 12.284  1.00 52.90 ? 366 ARG B CB  1 
ATOM   446  C CG  . ARG B 1 6  ? 11.739  -23.918 12.496  1.00 59.14 ? 366 ARG B CG  1 
ATOM   447  C CD  . ARG B 1 6  ? 12.668  -24.052 13.686  1.00 64.94 ? 366 ARG B CD  1 
ATOM   448  N NE  . ARG B 1 6  ? 13.182  -22.781 14.183  1.00 77.90 ? 366 ARG B NE  1 
ATOM   449  C CZ  . ARG B 1 6  ? 13.701  -22.644 15.397  1.00 78.82 ? 366 ARG B CZ  1 
ATOM   450  N NH1 . ARG B 1 6  ? 13.733  -23.699 16.206  1.00 82.37 ? 366 ARG B NH1 1 
ATOM   451  N NH2 . ARG B 1 6  ? 14.164  -21.469 15.810  1.00 65.86 ? 366 ARG B NH2 1 
ATOM   452  N N   . THR B 1 7  ? 10.879  -24.430 9.111   1.00 48.50 ? 367 THR B N   1 
ATOM   453  C CA  . THR B 1 7  ? 10.951  -23.474 8.020   1.00 50.09 ? 367 THR B CA  1 
ATOM   454  C C   . THR B 1 7  ? 9.620   -23.425 7.270   1.00 46.34 ? 367 THR B C   1 
ATOM   455  O O   . THR B 1 7  ? 9.219   -22.369 6.769   1.00 45.76 ? 367 THR B O   1 
ATOM   456  C CB  . THR B 1 7  ? 12.105  -23.812 7.030   1.00 50.22 ? 367 THR B CB  1 
ATOM   457  O OG1 . THR B 1 7  ? 13.364  -23.698 7.703   1.00 51.15 ? 367 THR B OG1 1 
ATOM   458  C CG2 . THR B 1 7  ? 12.104  -22.861 5.837   1.00 43.93 ? 367 THR B CG2 1 
ATOM   459  N N   . LEU B 1 8  ? 8.934   -24.561 7.199   1.00 42.71 ? 368 LEU B N   1 
ATOM   460  C CA  . LEU B 1 8  ? 7.640   -24.628 6.517   1.00 44.53 ? 368 LEU B CA  1 
ATOM   461  C C   . LEU B 1 8  ? 6.613   -23.784 7.292   1.00 50.79 ? 368 LEU B C   1 
ATOM   462  O O   . LEU B 1 8  ? 5.858   -22.977 6.721   1.00 45.41 ? 368 LEU B O   1 
ATOM   463  C CB  . LEU B 1 8  ? 7.189   -26.079 6.390   1.00 46.94 ? 368 LEU B CB  1 
ATOM   464  C CG  . LEU B 1 8  ? 6.231   -26.575 5.298   1.00 47.22 ? 368 LEU B CG  1 
ATOM   465  C CD1 . LEU B 1 8  ? 6.389   -25.857 3.976   1.00 47.02 ? 368 LEU B CD1 1 
ATOM   466  C CD2 . LEU B 1 8  ? 6.434   -28.069 5.092   1.00 45.13 ? 368 LEU B CD2 1 
ATOM   467  N N   . ILE B 1 9  ? 6.628   -23.945 8.610   1.00 49.49 ? 369 ILE B N   1 
ATOM   468  C CA  . ILE B 1 9  ? 5.739   -23.196 9.480   1.00 46.09 ? 369 ILE B CA  1 
ATOM   469  C C   . ILE B 1 9  ? 6.029   -21.687 9.475   1.00 48.48 ? 369 ILE B C   1 
ATOM   470  O O   . ILE B 1 9  ? 5.120   -20.882 9.295   1.00 44.72 ? 369 ILE B O   1 
ATOM   471  C CB  . ILE B 1 9  ? 5.824   -23.725 10.914  1.00 44.51 ? 369 ILE B CB  1 
ATOM   472  C CG1 . ILE B 1 9  ? 5.273   -25.157 10.974  1.00 49.04 ? 369 ILE B CG1 1 
ATOM   473  C CG2 . ILE B 1 9  ? 5.052   -22.820 11.859  1.00 49.13 ? 369 ILE B CG2 1 
ATOM   474  C CD1 . ILE B 1 9  ? 5.294   -25.775 12.364  1.00 44.56 ? 369 ILE B CD1 1 
ATOM   475  N N   . GLU B 1 10 ? 7.286   -21.307 9.685   1.00 47.16 ? 370 GLU B N   1 
ATOM   476  C CA  . GLU B 1 10 ? 7.649   -19.897 9.727   1.00 47.33 ? 370 GLU B CA  1 
ATOM   477  C C   . GLU B 1 10 ? 7.328   -19.226 8.388   1.00 47.98 ? 370 GLU B C   1 
ATOM   478  O O   . GLU B 1 10 ? 6.771   -18.129 8.363   1.00 45.27 ? 370 GLU B O   1 
ATOM   479  C CB  . GLU B 1 10 ? 9.127   -19.723 10.082  1.00 49.67 ? 370 GLU B CB  1 
ATOM   480  C CG  . GLU B 1 10 ? 9.475   -20.139 11.505  1.00 53.56 ? 370 GLU B CG  1 
ATOM   481  C CD  . GLU B 1 10 ? 10.069  -19.016 12.348  1.00 64.13 ? 370 GLU B CD  1 
ATOM   482  O OE1 . GLU B 1 10 ? 10.017  -17.836 11.918  1.00 68.53 ? 370 GLU B OE1 1 
ATOM   483  O OE2 . GLU B 1 10 ? 10.585  -19.314 13.452  1.00 66.03 ? 370 GLU B OE2 1 
ATOM   484  N N   . ASN B 1 11 ? 7.654   -19.893 7.280   1.00 44.38 ? 371 ASN B N   1 
ATOM   485  C CA  . ASN B 1 11 ? 7.205   -19.428 5.968   1.00 44.24 ? 371 ASN B CA  1 
ATOM   486  C C   . ASN B 1 11 ? 5.705   -19.145 5.916   1.00 45.47 ? 371 ASN B C   1 
ATOM   487  O O   . ASN B 1 11 ? 5.280   -18.062 5.491   1.00 40.06 ? 371 ASN B O   1 
ATOM   488  C CB  . ASN B 1 11 ? 7.564   -20.439 4.887   1.00 41.58 ? 371 ASN B CB  1 
ATOM   489  C CG  . ASN B 1 11 ? 8.996   -20.307 4.436   1.00 41.11 ? 371 ASN B CG  1 
ATOM   490  O OD1 . ASN B 1 11 ? 9.829   -19.762 5.157   1.00 42.26 ? 371 ASN B OD1 1 
ATOM   491  N ND2 . ASN B 1 11 ? 9.286   -20.765 3.224   1.00 39.01 ? 371 ASN B ND2 1 
ATOM   492  N N   . GLY B 1 12 ? 4.913   -20.123 6.352   1.00 45.81 ? 372 GLY B N   1 
ATOM   493  C CA  . GLY B 1 12 ? 3.466   -19.992 6.386   1.00 43.70 ? 372 GLY B CA  1 
ATOM   494  C C   . GLY B 1 12 ? 2.975   -18.877 7.289   1.00 44.16 ? 372 GLY B C   1 
ATOM   495  O O   . GLY B 1 12 ? 2.042   -18.153 6.932   1.00 46.49 ? 372 GLY B O   1 
ATOM   496  N N   . GLU B 1 13 ? 3.589   -18.750 8.461   1.00 41.29 ? 373 GLU B N   1 
ATOM   497  C CA  . GLU B 1 13 ? 3.289   -17.665 9.386   1.00 47.98 ? 373 GLU B CA  1 
ATOM   498  C C   . GLU B 1 13 ? 3.578   -16.291 8.758   1.00 49.73 ? 373 GLU B C   1 
ATOM   499  O O   . GLU B 1 13 ? 2.778   -15.365 8.855   1.00 48.90 ? 373 GLU B O   1 
ATOM   500  C CB  . GLU B 1 13 ? 4.111   -17.835 10.672  1.00 51.40 ? 373 GLU B CB  1 
ATOM   501  C CG  . GLU B 1 13 ? 3.652   -17.003 11.863  1.00 52.36 ? 373 GLU B CG  1 
ATOM   502  C CD  . GLU B 1 13 ? 4.065   -15.551 11.783  1.00 60.84 ? 373 GLU B CD  1 
ATOM   503  O OE1 . GLU B 1 13 ? 4.919   -15.215 10.931  1.00 60.55 ? 373 GLU B OE1 1 
ATOM   504  O OE2 . GLU B 1 13 ? 3.535   -14.737 12.577  1.00 64.41 ? 373 GLU B OE2 1 
ATOM   505  N N   . LYS B 1 14 ? 4.750   -16.177 8.140   1.00 48.19 ? 374 LYS B N   1 
ATOM   506  C CA  . LYS B 1 14 ? 5.245   -14.930 7.569   1.00 44.23 ? 374 LYS B CA  1 
ATOM   507  C C   . LYS B 1 14 ? 4.363   -14.452 6.412   1.00 46.31 ? 374 LYS B C   1 
ATOM   508  O O   . LYS B 1 14 ? 3.823   -13.348 6.465   1.00 46.83 ? 374 LYS B O   1 
ATOM   509  C CB  . LYS B 1 14 ? 6.698   -15.115 7.116   1.00 42.83 ? 374 LYS B CB  1 
ATOM   510  C CG  . LYS B 1 14 ? 7.501   -13.851 6.964   1.00 49.55 ? 374 LYS B CG  1 
ATOM   511  C CD  . LYS B 1 14 ? 9.004   -14.109 6.960   1.00 46.54 ? 374 LYS B CD  1 
ATOM   512  C CE  . LYS B 1 14 ? 9.511   -14.724 8.262   1.00 56.18 ? 374 LYS B CE  1 
ATOM   513  N NZ  . LYS B 1 14 ? 10.980  -15.078 8.173   1.00 57.24 ? 374 LYS B NZ  1 
ATOM   514  N N   . ILE B 1 15 ? 4.188   -15.287 5.389   1.00 43.35 ? 375 ILE B N   1 
ATOM   515  C CA  . ILE B 1 15 ? 3.379   -14.933 4.217   1.00 43.63 ? 375 ILE B CA  1 
ATOM   516  C C   . ILE B 1 15 ? 1.929   -14.583 4.616   1.00 50.35 ? 375 ILE B C   1 
ATOM   517  O O   . ILE B 1 15 ? 1.276   -13.720 4.009   1.00 47.02 ? 375 ILE B O   1 
ATOM   518  C CB  . ILE B 1 15 ? 3.390   -16.083 3.170   1.00 46.30 ? 375 ILE B CB  1 
ATOM   519  C CG1 . ILE B 1 15 ? 2.685   -15.686 1.874   1.00 47.75 ? 375 ILE B CG1 1 
ATOM   520  C CG2 . ILE B 1 15 ? 2.778   -17.369 3.737   1.00 52.09 ? 375 ILE B CG2 1 
ATOM   521  C CD1 . ILE B 1 15 ? 3.515   -14.809 0.979   1.00 54.25 ? 375 ILE B CD1 1 
ATOM   522  N N   . THR B 1 16 ? 1.437   -15.229 5.665   1.00 49.14 ? 376 THR B N   1 
ATOM   523  C CA  . THR B 1 16 ? 0.106   -14.924 6.162   1.00 51.42 ? 376 THR B CA  1 
ATOM   524  C C   . THR B 1 16 ? 0.087   -13.541 6.790   1.00 46.91 ? 376 THR B C   1 
ATOM   525  O O   . THR B 1 16 ? -0.838  -12.774 6.565   1.00 47.64 ? 376 THR B O   1 
ATOM   526  C CB  . THR B 1 16 ? -0.359  -15.981 7.163   1.00 50.28 ? 376 THR B CB  1 
ATOM   527  O OG1 . THR B 1 16 ? -0.621  -17.197 6.451   1.00 52.62 ? 376 THR B OG1 1 
ATOM   528  C CG2 . THR B 1 16 ? -1.620  -15.526 7.891   1.00 48.75 ? 376 THR B CG2 1 
ATOM   529  N N   . SER B 1 17 ? 1.131   -13.228 7.551   1.00 50.04 ? 377 SER B N   1 
ATOM   530  C CA  . SER B 1 17 ? 1.288   -11.918 8.183   1.00 50.71 ? 377 SER B CA  1 
ATOM   531  C C   . SER B 1 17 ? 1.546   -10.814 7.171   1.00 50.35 ? 377 SER B C   1 
ATOM   532  O O   . SER B 1 17 ? 1.334   -9.644  7.452   1.00 52.67 ? 377 SER B O   1 
ATOM   533  C CB  . SER B 1 17 ? 2.426   -11.951 9.197   1.00 52.84 ? 377 SER B CB  1 
ATOM   534  O OG  . SER B 1 17 ? 2.745   -10.658 9.660   1.00 52.24 ? 377 SER B OG  1 
ATOM   535  N N   . LEU B 1 18 ? 2.008   -11.178 5.985   1.00 50.62 ? 378 LEU B N   1 
ATOM   536  C CA  . LEU B 1 18 ? 2.235   -10.170 4.972   1.00 47.91 ? 378 LEU B CA  1 
ATOM   537  C C   . LEU B 1 18 ? 0.918   -9.826  4.284   1.00 49.31 ? 378 LEU B C   1 
ATOM   538  O O   . LEU B 1 18 ? 0.655   -8.656  4.013   1.00 48.61 ? 378 LEU B O   1 
ATOM   539  C CB  . LEU B 1 18 ? 3.285   -10.636 3.968   1.00 44.40 ? 378 LEU B CB  1 
ATOM   540  C CG  . LEU B 1 18 ? 4.750   -10.590 4.405   1.00 46.46 ? 378 LEU B CG  1 
ATOM   541  C CD1 . LEU B 1 18 ? 5.654   -11.093 3.273   1.00 44.93 ? 378 LEU B CD1 1 
ATOM   542  C CD2 . LEU B 1 18 ? 5.154   -9.176  4.835   1.00 43.97 ? 378 LEU B CD2 1 
ATOM   543  N N   . HIS B 1 19 ? 0.087   -10.835 4.023   1.00 48.19 ? 379 HIS B N   1 
ATOM   544  C CA  . HIS B 1 19 ? -1.226  -10.607 3.414   1.00 51.78 ? 379 HIS B CA  1 
ATOM   545  C C   . HIS B 1 19 ? -2.071  -9.672  4.252   1.00 52.36 ? 379 HIS B C   1 
ATOM   546  O O   . HIS B 1 19 ? -2.765  -8.795  3.730   1.00 46.38 ? 379 HIS B O   1 
ATOM   547  C CB  . HIS B 1 19 ? -1.979  -11.916 3.213   1.00 50.70 ? 379 HIS B CB  1 
ATOM   548  C CG  . HIS B 1 19 ? -1.678  -12.577 1.908   1.00 57.39 ? 379 HIS B CG  1 
ATOM   549  N ND1 . HIS B 1 19 ? -2.276  -12.190 0.727   1.00 57.24 ? 379 HIS B ND1 1 
ATOM   550  C CD2 . HIS B 1 19 ? -0.839  -13.595 1.589   1.00 54.86 ? 379 HIS B CD2 1 
ATOM   551  C CE1 . HIS B 1 19 ? -1.815  -12.940 -0.263  1.00 55.61 ? 379 HIS B CE1 1 
ATOM   552  N NE2 . HIS B 1 19 ? -0.947  -13.795 0.233   1.00 57.30 ? 379 HIS B NE2 1 
ATOM   553  N N   . ARG B 1 20 ? -2.014  -9.890  5.557   1.00 50.40 ? 380 ARG B N   1 
ATOM   554  C CA  . ARG B 1 20 ? -2.655  -9.021  6.507   1.00 49.53 ? 380 ARG B CA  1 
ATOM   555  C C   . ARG B 1 20 ? -2.127  -7.584  6.406   1.00 52.10 ? 380 ARG B C   1 
ATOM   556  O O   . ARG B 1 20 ? -2.933  -6.664  6.352   1.00 50.52 ? 380 ARG B O   1 
ATOM   557  C CB  . ARG B 1 20 ? -2.485  -9.590  7.917   1.00 51.52 ? 380 ARG B CB  1 
ATOM   558  C CG  . ARG B 1 20 ? -1.318  -8.998  8.723   1.00 59.09 ? 380 ARG B CG  1 
ATOM   559  C CD  . ARG B 1 20 ? -1.381  -9.437  10.130  1.00 67.77 ? 380 ARG B CD  1 
ATOM   560  N NE  . ARG B 1 20 ? -2.643  -8.955  10.693  1.00 74.69 ? 380 ARG B NE  1 
ATOM   561  C CZ  . ARG B 1 20 ? -3.013  -9.194  11.945  1.00 81.47 ? 380 ARG B CZ  1 
ATOM   562  N NH1 . ARG B 1 20 ? -2.205  -9.888  12.747  1.00 73.09 ? 380 ARG B NH1 1 
ATOM   563  N NH2 . ARG B 1 20 ? -4.140  -8.694  12.419  1.00 81.46 ? 380 ARG B NH2 1 
ATOM   564  N N   . GLU B 1 21 ? -0.807  -7.378  6.325   1.00 52.21 ? 381 GLU B N   1 
ATOM   565  C CA  . GLU B 1 21 ? -0.264  -6.013  6.240   1.00 50.70 ? 381 GLU B CA  1 
ATOM   566  C C   . GLU B 1 21 ? -0.711  -5.393  4.946   1.00 47.46 ? 381 GLU B C   1 
ATOM   567  O O   . GLU B 1 21 ? -1.112  -4.236  4.920   1.00 50.33 ? 381 GLU B O   1 
ATOM   568  C CB  . GLU B 1 21 ? 1.265   -5.974  6.321   1.00 49.03 ? 381 GLU B CB  1 
ATOM   569  C CG  . GLU B 1 21 ? 1.843   -6.440  7.645   1.00 53.54 ? 381 GLU B CG  1 
ATOM   570  C CD  . GLU B 1 21 ? 1.352   -5.633  8.831   1.00 61.07 ? 381 GLU B CD  1 
ATOM   571  O OE1 . GLU B 1 21 ? 1.558   -4.394  8.855   1.00 62.23 ? 381 GLU B OE1 1 
ATOM   572  O OE2 . GLU B 1 21 ? 0.769   -6.242  9.753   1.00 60.91 ? 381 GLU B OE2 1 
ATOM   573  N N   . VAL B 1 22 ? -0.672  -6.166  3.867   1.00 44.75 ? 382 VAL B N   1 
ATOM   574  C CA  . VAL B 1 22 ? -1.049  -5.609  2.575   1.00 47.96 ? 382 VAL B CA  1 
ATOM   575  C C   . VAL B 1 22 ? -2.517  -5.208  2.582   1.00 49.01 ? 382 VAL B C   1 
ATOM   576  O O   . VAL B 1 22 ? -2.871  -4.120  2.113   1.00 46.97 ? 382 VAL B O   1 
ATOM   577  C CB  . VAL B 1 22 ? -0.756  -6.577  1.439   1.00 42.63 ? 382 VAL B CB  1 
ATOM   578  C CG1 . VAL B 1 22 ? -1.793  -6.482  0.350   1.00 46.39 ? 382 VAL B CG1 1 
ATOM   579  C CG2 . VAL B 1 22 ? 0.603   -6.270  0.875   1.00 46.92 ? 382 VAL B CG2 1 
ATOM   580  N N   . GLU B 1 23 ? -3.348  -6.055  3.172   1.00 44.89 ? 383 GLU B N   1 
ATOM   581  C CA  . GLU B 1 23 ? -4.773  -5.784  3.290   1.00 45.66 ? 383 GLU B CA  1 
ATOM   582  C C   . GLU B 1 23 ? -5.018  -4.463  4.025   1.00 48.31 ? 383 GLU B C   1 
ATOM   583  O O   . GLU B 1 23 ? -5.861  -3.668  3.639   1.00 43.76 ? 383 GLU B O   1 
ATOM   584  C CB  . GLU B 1 23 ? -5.465  -6.941  4.020   1.00 47.70 ? 383 GLU B CB  1 
ATOM   585  C CG  . GLU B 1 23 ? -6.970  -7.062  3.766   1.00 53.21 ? 383 GLU B CG  1 
ATOM   586  C CD  . GLU B 1 23 ? -7.322  -7.440  2.324   1.00 57.98 ? 383 GLU B CD  1 
ATOM   587  O OE1 . GLU B 1 23 ? -6.418  -7.809  1.539   1.00 53.90 ? 383 GLU B OE1 1 
ATOM   588  O OE2 . GLU B 1 23 ? -8.521  -7.371  1.978   1.00 61.02 ? 383 GLU B OE2 1 
ATOM   589  N N   . LYS B 1 24 ? -4.254  -4.243  5.085   1.00 46.09 ? 384 LYS B N   1 
ATOM   590  C CA  . LYS B 1 24 ? -4.379  -3.059  5.903   1.00 48.55 ? 384 LYS B CA  1 
ATOM   591  C C   . LYS B 1 24 ? -3.989  -1.807  5.118   1.00 50.33 ? 384 LYS B C   1 
ATOM   592  O O   . LYS B 1 24 ? -4.649  -0.776  5.228   1.00 52.53 ? 384 LYS B O   1 
ATOM   593  C CB  . LYS B 1 24 ? -3.520  -3.226  7.151   1.00 51.62 ? 384 LYS B CB  1 
ATOM   594  C CG  . LYS B 1 24 ? -2.901  -1.971  7.724   1.00 54.47 ? 384 LYS B CG  1 
ATOM   595  C CD  . LYS B 1 24 ? -1.757  -2.392  8.660   1.00 63.43 ? 384 LYS B CD  1 
ATOM   596  C CE  . LYS B 1 24 ? -2.186  -3.536  9.602   1.00 65.01 ? 384 LYS B CE  1 
ATOM   597  N NZ  . LYS B 1 24 ? -1.047  -4.192  10.330  1.00 63.37 ? 384 LYS B NZ  1 
ATOM   598  N N   . VAL B 1 25 ? -2.939  -1.915  4.307   1.00 44.91 ? 385 VAL B N   1 
ATOM   599  C CA  . VAL B 1 25 ? -2.526  -0.840  3.413   1.00 46.45 ? 385 VAL B CA  1 
ATOM   600  C C   . VAL B 1 25 ? -3.585  -0.559  2.348   1.00 49.36 ? 385 VAL B C   1 
ATOM   601  O O   . VAL B 1 25 ? -3.911  0.604   2.068   1.00 51.68 ? 385 VAL B O   1 
ATOM   602  C CB  . VAL B 1 25 ? -1.196  -1.162  2.723   1.00 45.73 ? 385 VAL B CB  1 
ATOM   603  C CG1 . VAL B 1 25 ? -1.034  -0.336  1.461   1.00 44.16 ? 385 VAL B CG1 1 
ATOM   604  C CG2 . VAL B 1 25 ? -0.035  -0.954  3.689   1.00 44.29 ? 385 VAL B CG2 1 
ATOM   605  N N   . LYS B 1 26 ? -4.144  -1.621  1.778   1.00 47.67 ? 386 LYS B N   1 
ATOM   606  C CA  . LYS B 1 26 ? -5.214  -1.461  0.794   1.00 52.97 ? 386 LYS B CA  1 
ATOM   607  C C   . LYS B 1 26 ? -6.426  -0.718  1.361   1.00 50.59 ? 386 LYS B C   1 
ATOM   608  O O   . LYS B 1 26 ? -7.160  -0.056  0.622   1.00 45.79 ? 386 LYS B O   1 
ATOM   609  C CB  . LYS B 1 26 ? -5.658  -2.820  0.255   1.00 46.15 ? 386 LYS B CB  1 
ATOM   610  C CG  . LYS B 1 26 ? -4.789  -3.352  -0.869  1.00 51.59 ? 386 LYS B CG  1 
ATOM   611  C CD  . LYS B 1 26 ? -4.897  -4.881  -0.983  1.00 50.96 ? 386 LYS B CD  1 
ATOM   612  C CE  . LYS B 1 26 ? -6.346  -5.336  -1.164  1.00 52.75 ? 386 LYS B CE  1 
ATOM   613  N NZ  . LYS B 1 26 ? -6.493  -6.813  -0.930  1.00 67.81 ? 386 LYS B NZ  1 
ATOM   614  N N   . LEU B 1 27 ? -6.630  -0.831  2.670   1.00 48.94 ? 387 LEU B N   1 
ATOM   615  C CA  . LEU B 1 27 ? -7.783  -0.203  3.302   1.00 53.06 ? 387 LEU B CA  1 
ATOM   616  C C   . LEU B 1 27 ? -7.535  1.284   3.498   1.00 50.39 ? 387 LEU B C   1 
ATOM   617  O O   . LEU B 1 27 ? -8.425  2.097   3.272   1.00 54.03 ? 387 LEU B O   1 
ATOM   618  C CB  . LEU B 1 27 ? -8.099  -0.872  4.634   1.00 50.21 ? 387 LEU B CB  1 
ATOM   619  C CG  . LEU B 1 27 ? -9.584  -1.178  4.797   1.00 57.42 ? 387 LEU B CG  1 
ATOM   620  C CD1 . LEU B 1 27 ? -10.056 -2.086  3.663   1.00 56.04 ? 387 LEU B CD1 1 
ATOM   621  C CD2 . LEU B 1 27 ? -9.857  -1.806  6.150   1.00 55.58 ? 387 LEU B CD2 1 
ATOM   622  N N   . ASP B 1 28 ? -6.320  1.628   3.912   1.00 52.67 ? 388 ASP B N   1 
ATOM   623  C CA  . ASP B 1 28 ? -5.911  3.027   4.023   1.00 52.58 ? 388 ASP B CA  1 
ATOM   624  C C   . ASP B 1 28 ? -5.950  3.717   2.662   1.00 50.19 ? 388 ASP B C   1 
ATOM   625  O O   . ASP B 1 28 ? -6.488  4.816   2.539   1.00 52.06 ? 388 ASP B O   1 
ATOM   626  C CB  . ASP B 1 28 ? -4.510  3.140   4.632   1.00 51.16 ? 388 ASP B CB  1 
ATOM   627  C CG  . ASP B 1 28 ? -4.486  2.773   6.098   1.00 58.50 ? 388 ASP B CG  1 
ATOM   628  O OD1 . ASP B 1 28 ? -5.477  3.063   6.800   1.00 67.93 ? 388 ASP B OD1 1 
ATOM   629  O OD2 . ASP B 1 28 ? -3.482  2.191   6.557   1.00 59.66 ? 388 ASP B OD2 1 
ATOM   630  N N   . GLN B 1 29 ? -5.385  3.068   1.643   1.00 50.28 ? 389 GLN B N   1 
ATOM   631  C CA  . GLN B 1 29 ? -5.464  3.591   0.275   1.00 52.81 ? 389 GLN B CA  1 
ATOM   632  C C   . GLN B 1 29 ? -6.891  3.920   -0.119  1.00 50.02 ? 389 GLN B C   1 
ATOM   633  O O   . GLN B 1 29 ? -7.165  4.986   -0.657  1.00 45.68 ? 389 GLN B O   1 
ATOM   634  C CB  . GLN B 1 29 ? -4.896  2.599   -0.741  1.00 45.05 ? 389 GLN B CB  1 
ATOM   635  C CG  . GLN B 1 29 ? -3.399  2.481   -0.735  1.00 46.14 ? 389 GLN B CG  1 
ATOM   636  C CD  . GLN B 1 29 ? -2.907  1.757   -1.958  1.00 51.63 ? 389 GLN B CD  1 
ATOM   637  O OE1 . GLN B 1 29 ? -3.276  0.604   -2.209  1.00 51.78 ? 389 GLN B OE1 1 
ATOM   638  N NE2 . GLN B 1 29 ? -2.091  2.435   -2.753  1.00 55.28 ? 389 GLN B NE2 1 
ATOM   639  N N   . LYS B 1 30 ? -7.783  2.971   0.142   1.00 50.88 ? 390 LYS B N   1 
ATOM   640  C CA  . LYS B 1 30 ? -9.188  3.096   -0.187  1.00 51.16 ? 390 LYS B CA  1 
ATOM   641  C C   . LYS B 1 30 ? -9.798  4.302   0.531   1.00 52.58 ? 390 LYS B C   1 
ATOM   642  O O   . LYS B 1 30 ? -10.591 5.039   -0.048  1.00 46.64 ? 390 LYS B O   1 
ATOM   643  C CB  . LYS B 1 30 ? -9.919  1.800   0.179   1.00 47.85 ? 390 LYS B CB  1 
ATOM   644  C CG  . LYS B 1 30 ? -11.340 1.975   0.701   1.00 61.18 ? 390 LYS B CG  1 
ATOM   645  C CD  . LYS B 1 30 ? -12.237 0.784   0.339   1.00 62.64 ? 390 LYS B CD  1 
ATOM   646  C CE  . LYS B 1 30 ? -13.660 0.985   0.865   1.00 66.33 ? 390 LYS B CE  1 
ATOM   647  N NZ  . LYS B 1 30 ? -14.646 1.211   -0.233  1.00 66.86 ? 390 LYS B NZ  1 
ATOM   648  N N   . ARG B 1 31 ? -9.410  4.502   1.788   1.00 51.81 ? 391 ARG B N   1 
ATOM   649  C CA  . ARG B 1 31 ? -9.934  5.608   2.585   1.00 49.64 ? 391 ARG B CA  1 
ATOM   650  C C   . ARG B 1 31 ? -9.346  6.929   2.116   1.00 51.16 ? 391 ARG B C   1 
ATOM   651  O O   . ARG B 1 31 ? -10.003 7.971   2.152   1.00 50.65 ? 391 ARG B O   1 
ATOM   652  C CB  . ARG B 1 31 ? -9.622  5.390   4.059   1.00 54.13 ? 391 ARG B CB  1 
ATOM   653  C CG  . ARG B 1 31 ? -9.990  6.541   4.961   1.00 63.62 ? 391 ARG B CG  1 
ATOM   654  C CD  . ARG B 1 31 ? -8.845  6.829   5.910   1.00 67.80 ? 391 ARG B CD  1 
ATOM   655  N NE  . ARG B 1 31 ? -8.516  5.639   6.689   1.00 70.58 ? 391 ARG B NE  1 
ATOM   656  C CZ  . ARG B 1 31 ? -7.310  5.390   7.188   1.00 74.64 ? 391 ARG B CZ  1 
ATOM   657  N NH1 . ARG B 1 31 ? -6.316  6.253   6.982   1.00 72.44 ? 391 ARG B NH1 1 
ATOM   658  N NH2 . ARG B 1 31 ? -7.096  4.275   7.881   1.00 71.17 ? 391 ARG B NH2 1 
ATOM   659  N N   . LEU B 1 32 ? -8.097  6.869   1.674   1.00 46.95 ? 392 LEU B N   1 
ATOM   660  C CA  . LEU B 1 32 ? -7.403  8.028   1.167   1.00 48.82 ? 392 LEU B CA  1 
ATOM   661  C C   . LEU B 1 32 ? -7.997  8.461   -0.165  1.00 51.02 ? 392 LEU B C   1 
ATOM   662  O O   . LEU B 1 32 ? -8.204  9.659   -0.418  1.00 45.67 ? 392 LEU B O   1 
ATOM   663  C CB  . LEU B 1 32 ? -5.914  7.729   1.008   1.00 48.14 ? 392 LEU B CB  1 
ATOM   664  C CG  . LEU B 1 32 ? -5.096  8.890   0.444   1.00 50.09 ? 392 LEU B CG  1 
ATOM   665  C CD1 . LEU B 1 32 ? -5.418  10.159  1.238   1.00 45.42 ? 392 LEU B CD1 1 
ATOM   666  C CD2 . LEU B 1 32 ? -3.601  8.584   0.458   1.00 42.88 ? 392 LEU B CD2 1 
ATOM   667  N N   . ASP B 1 33 ? -8.271  7.483   -1.020  1.00 47.70 ? 393 ASP B N   1 
ATOM   668  C CA  . ASP B 1 33 ? -8.884  7.783   -2.304  1.00 49.27 ? 393 ASP B CA  1 
ATOM   669  C C   . ASP B 1 33 ? -10.235 8.483   -2.100  1.00 50.65 ? 393 ASP B C   1 
ATOM   670  O O   . ASP B 1 33 ? -10.517 9.498   -2.744  1.00 45.33 ? 393 ASP B O   1 
ATOM   671  C CB  . ASP B 1 33 ? -9.052  6.514   -3.117  1.00 49.26 ? 393 ASP B CB  1 
ATOM   672  C CG  . ASP B 1 33 ? -9.439  6.789   -4.543  1.00 55.62 ? 393 ASP B CG  1 
ATOM   673  O OD1 . ASP B 1 33 ? -8.615  7.379   -5.278  1.00 57.51 ? 393 ASP B OD1 1 
ATOM   674  O OD2 . ASP B 1 33 ? -10.566 6.420   -4.928  1.00 55.74 ? 393 ASP B OD2 1 
ATOM   675  N N   . GLN B 1 34 ? -11.041 7.943   -1.182  1.00 46.73 ? 394 GLN B N   1 
ATOM   676  C CA  . GLN B 1 34 ? -12.324 8.530   -0.785  1.00 51.19 ? 394 GLN B CA  1 
ATOM   677  C C   . GLN B 1 34 ? -12.187 9.963   -0.284  1.00 46.07 ? 394 GLN B C   1 
ATOM   678  O O   . GLN B 1 34 ? -13.051 10.797  -0.519  1.00 48.30 ? 394 GLN B O   1 
ATOM   679  C CB  . GLN B 1 34 ? -12.985 7.699   0.318   1.00 51.78 ? 394 GLN B CB  1 
ATOM   680  C CG  . GLN B 1 34 ? -13.632 6.406   -0.127  1.00 55.93 ? 394 GLN B CG  1 
ATOM   681  C CD  . GLN B 1 34 ? -14.193 5.620   1.048   1.00 58.60 ? 394 GLN B CD  1 
ATOM   682  O OE1 . GLN B 1 34 ? -14.840 6.189   1.930   1.00 68.60 ? 394 GLN B OE1 1 
ATOM   683  N NE2 . GLN B 1 34 ? -13.954 4.311   1.064   1.00 59.07 ? 394 GLN B NE2 1 
ATOM   684  N N   . GLU B 1 35 ? -11.107 10.223  0.436   1.00 45.39 ? 395 GLU B N   1 
ATOM   685  C CA  . GLU B 1 35 ? -10.875 11.520  1.032   1.00 42.41 ? 395 GLU B CA  1 
ATOM   686  C C   . GLU B 1 35 ? -10.491 12.533  -0.046  1.00 46.19 ? 395 GLU B C   1 
ATOM   687  O O   . GLU B 1 35 ? -10.946 13.682  -0.037  1.00 43.59 ? 395 GLU B O   1 
ATOM   688  C CB  . GLU B 1 35 ? -9.802  11.404  2.110   1.00 41.23 ? 395 GLU B CB  1 
ATOM   689  C CG  . GLU B 1 35 ? -9.503  12.677  2.829   1.00 42.37 ? 395 GLU B CG  1 
ATOM   690  C CD  . GLU B 1 35 ? -8.923  12.437  4.202   1.00 45.56 ? 395 GLU B CD  1 
ATOM   691  O OE1 . GLU B 1 35 ? -8.728  11.259  4.564   1.00 48.65 ? 395 GLU B OE1 1 
ATOM   692  O OE2 . GLU B 1 35 ? -8.653  13.426  4.922   1.00 46.28 ? 395 GLU B OE2 1 
ATOM   693  N N   . LEU B 1 36 ? -9.689  12.098  -1.009  1.00 45.00 ? 396 LEU B N   1 
ATOM   694  C CA  . LEU B 1 36 ? -9.324  12.986  -2.093  1.00 47.53 ? 396 LEU B CA  1 
ATOM   695  C C   . LEU B 1 36 ? -10.517 13.298  -2.984  1.00 47.51 ? 396 LEU B C   1 
ATOM   696  O O   . LEU B 1 36 ? -10.632 14.418  -3.471  1.00 50.06 ? 396 LEU B O   1 
ATOM   697  C CB  . LEU B 1 36 ? -8.186  12.400  -2.914  1.00 44.64 ? 396 LEU B CB  1 
ATOM   698  C CG  . LEU B 1 36 ? -6.921  12.151  -2.092  1.00 47.31 ? 396 LEU B CG  1 
ATOM   699  C CD1 . LEU B 1 36 ? -5.817  11.613  -2.991  1.00 53.24 ? 396 LEU B CD1 1 
ATOM   700  C CD2 . LEU B 1 36 ? -6.465  13.396  -1.362  1.00 42.98 ? 396 LEU B CD2 1 
ATOM   701  N N   . ASP B 1 37 ? -11.400 12.327  -3.198  1.00 44.56 ? 397 ASP B N   1 
ATOM   702  C CA  . ASP B 1 37 ? -12.602 12.564  -4.000  1.00 48.06 ? 397 ASP B CA  1 
ATOM   703  C C   . ASP B 1 37 ? -13.433 13.684  -3.385  1.00 48.46 ? 397 ASP B C   1 
ATOM   704  O O   . ASP B 1 37 ? -13.924 14.564  -4.090  1.00 41.77 ? 397 ASP B O   1 
ATOM   705  C CB  . ASP B 1 37 ? -13.455 11.304  -4.118  1.00 48.03 ? 397 ASP B CB  1 
ATOM   706  C CG  . ASP B 1 37 ? -13.027 10.421  -5.269  1.00 59.56 ? 397 ASP B CG  1 
ATOM   707  O OD1 . ASP B 1 37 ? -12.173 10.875  -6.069  1.00 53.78 ? 397 ASP B OD1 1 
ATOM   708  O OD2 . ASP B 1 37 ? -13.539 9.275   -5.376  1.00 61.15 ? 397 ASP B OD2 1 
ATOM   709  N N   . PHE B 1 38 ? -13.564 13.626  -2.060  1.00 46.62 ? 398 PHE B N   1 
ATOM   710  C CA  . PHE B 1 38 ? -14.284 14.618  -1.276  1.00 47.55 ? 398 PHE B CA  1 
ATOM   711  C C   . PHE B 1 38 ? -13.619 15.986  -1.358  1.00 46.91 ? 398 PHE B C   1 
ATOM   712  O O   . PHE B 1 38 ? -14.281 16.990  -1.597  1.00 47.76 ? 398 PHE B O   1 
ATOM   713  C CB  . PHE B 1 38 ? -14.365 14.155  0.176   1.00 45.71 ? 398 PHE B CB  1 
ATOM   714  C CG  . PHE B 1 38 ? -14.865 15.204  1.141   1.00 44.65 ? 398 PHE B CG  1 
ATOM   715  C CD1 . PHE B 1 38 ? -16.221 15.422  1.302   1.00 44.28 ? 398 PHE B CD1 1 
ATOM   716  C CD2 . PHE B 1 38 ? -13.976 15.927  1.920   1.00 43.66 ? 398 PHE B CD2 1 
ATOM   717  C CE1 . PHE B 1 38 ? -16.676 16.348  2.203   1.00 44.56 ? 398 PHE B CE1 1 
ATOM   718  C CE2 . PHE B 1 38 ? -14.421 16.867  2.819   1.00 43.93 ? 398 PHE B CE2 1 
ATOM   719  C CZ  . PHE B 1 38 ? -15.770 17.074  2.966   1.00 48.05 ? 398 PHE B CZ  1 
ATOM   720  N N   . ILE B 1 39 ? -12.306 16.018  -1.148  1.00 44.49 ? 399 ILE B N   1 
ATOM   721  C CA  . ILE B 1 39 ? -11.545 17.259  -1.213  1.00 44.76 ? 399 ILE B CA  1 
ATOM   722  C C   . ILE B 1 39 ? -11.655 17.884  -2.594  1.00 47.69 ? 399 ILE B C   1 
ATOM   723  O O   . ILE B 1 39 ? -11.832 19.103  -2.745  1.00 46.56 ? 399 ILE B O   1 
ATOM   724  C CB  . ILE B 1 39 ? -10.078 17.032  -0.889  1.00 43.15 ? 399 ILE B CB  1 
ATOM   725  C CG1 . ILE B 1 39 ? -9.919  16.618  0.569   1.00 46.55 ? 399 ILE B CG1 1 
ATOM   726  C CG2 . ILE B 1 39 ? -9.271  18.285  -1.162  1.00 41.31 ? 399 ILE B CG2 1 
ATOM   727  C CD1 . ILE B 1 39 ? -10.137 17.754  1.511   1.00 50.07 ? 399 ILE B CD1 1 
ATOM   728  N N   . LEU B 1 40 ? -11.573 17.029  -3.604  1.00 45.77 ? 400 LEU B N   1 
ATOM   729  C CA  . LEU B 1 40 ? -11.653 17.492  -4.975  1.00 48.89 ? 400 LEU B CA  1 
ATOM   730  C C   . LEU B 1 40 ? -13.016 18.109  -5.256  1.00 49.51 ? 400 LEU B C   1 
ATOM   731  O O   . LEU B 1 40 ? -13.101 19.135  -5.923  1.00 46.32 ? 400 LEU B O   1 
ATOM   732  C CB  . LEU B 1 40 ? -11.348 16.345  -5.943  1.00 42.32 ? 400 LEU B CB  1 
ATOM   733  C CG  . LEU B 1 40 ? -9.843  16.027  -5.967  1.00 52.06 ? 400 LEU B CG  1 
ATOM   734  C CD1 . LEU B 1 40 ? -9.484  14.792  -6.818  1.00 50.79 ? 400 LEU B CD1 1 
ATOM   735  C CD2 . LEU B 1 40 ? -9.029  17.262  -6.402  1.00 51.62 ? 400 LEU B CD2 1 
ATOM   736  N N   . SER B 1 41 ? -14.071 17.487  -4.731  1.00 46.36 ? 401 SER B N   1 
ATOM   737  C CA  . SER B 1 41 ? -15.433 17.991  -4.897  1.00 48.70 ? 401 SER B CA  1 
ATOM   738  C C   . SER B 1 41 ? -15.613 19.297  -4.154  1.00 48.52 ? 401 SER B C   1 
ATOM   739  O O   . SER B 1 41 ? -16.320 20.183  -4.599  1.00 51.78 ? 401 SER B O   1 
ATOM   740  C CB  . SER B 1 41 ? -16.455 16.975  -4.386  1.00 47.89 ? 401 SER B CB  1 
ATOM   741  O OG  . SER B 1 41 ? -16.147 15.662  -4.820  1.00 53.05 ? 401 SER B OG  1 
ATOM   742  N N   . GLN B 1 42 ? -14.960 19.388  -3.005  1.00 47.02 ? 402 GLN B N   1 
ATOM   743  C CA  . GLN B 1 42 ? -15.068 20.527  -2.120  1.00 47.69 ? 402 GLN B CA  1 
ATOM   744  C C   . GLN B 1 42 ? -14.369 21.756  -2.687  1.00 51.61 ? 402 GLN B C   1 
ATOM   745  O O   . GLN B 1 42 ? -14.880 22.861  -2.578  1.00 58.13 ? 402 GLN B O   1 
ATOM   746  C CB  . GLN B 1 42 ? -14.481 20.156  -0.766  1.00 51.02 ? 402 GLN B CB  1 
ATOM   747  C CG  . GLN B 1 42 ? -14.519 21.232  0.272   1.00 49.82 ? 402 GLN B CG  1 
ATOM   748  C CD  . GLN B 1 42 ? -14.049 20.722  1.618   1.00 50.66 ? 402 GLN B CD  1 
ATOM   749  O OE1 . GLN B 1 42 ? -13.008 20.048  1.725   1.00 45.32 ? 402 GLN B OE1 1 
ATOM   750  N NE2 . GLN B 1 42 ? -14.828 21.014  2.657   1.00 51.90 ? 402 GLN B NE2 1 
ATOM   751  N N   . GLN B 1 43 ? -13.210 21.561  -3.308  1.00 53.31 ? 403 GLN B N   1 
ATOM   752  C CA  . GLN B 1 43 ? -12.452 22.678  -3.867  1.00 57.43 ? 403 GLN B CA  1 
ATOM   753  C C   . GLN B 1 43 ? -12.992 23.100  -5.221  1.00 59.21 ? 403 GLN B C   1 
ATOM   754  O O   . GLN B 1 43 ? -12.731 24.201  -5.656  1.00 61.97 ? 403 GLN B O   1 
ATOM   755  C CB  . GLN B 1 43 ? -10.965 22.332  -3.988  1.00 56.53 ? 403 GLN B CB  1 
ATOM   756  C CG  . GLN B 1 43 ? -10.077 23.129  -3.025  1.00 65.46 ? 403 GLN B CG  1 
ATOM   757  C CD  . GLN B 1 43 ? -9.776  24.567  -3.470  1.00 71.96 ? 403 GLN B CD  1 
ATOM   758  O OE1 . GLN B 1 43 ? -9.539  24.830  -4.647  1.00 72.83 ? 403 GLN B OE1 1 
ATOM   759  N NE2 . GLN B 1 43 ? -9.758  25.491  -2.518  1.00 74.13 ? 403 GLN B NE2 1 
ATOM   760  N N   . LYS B 1 44 ? -13.742 22.225  -5.882  1.00 58.68 ? 404 LYS B N   1 
ATOM   761  C CA  . LYS B 1 44 ? -14.456 22.594  -7.101  1.00 59.12 ? 404 LYS B CA  1 
ATOM   762  C C   . LYS B 1 44 ? -15.568 23.612  -6.818  1.00 63.17 ? 404 LYS B C   1 
ATOM   763  O O   . LYS B 1 44 ? -15.722 24.587  -7.546  1.00 62.97 ? 404 LYS B O   1 
ATOM   764  C CB  . LYS B 1 44 ? -15.045 21.352  -7.766  1.00 59.16 ? 404 LYS B CB  1 
ATOM   765  C CG  . LYS B 1 44 ? -16.307 21.608  -8.579  1.00 66.79 ? 404 LYS B CG  1 
ATOM   766  C CD  . LYS B 1 44 ? -17.256 20.398  -8.547  1.00 73.37 ? 404 LYS B CD  1 
ATOM   767  C CE  . LYS B 1 44 ? -18.248 20.472  -7.382  1.00 69.78 ? 404 LYS B CE  1 
ATOM   768  N NZ  . LYS B 1 44 ? -19.336 21.462  -7.691  1.00 63.78 ? 404 LYS B NZ  1 
ATOM   769  N N   . GLU B 1 45 ? -16.341 23.366  -5.759  1.00 62.45 ? 405 GLU B N   1 
ATOM   770  C CA  . GLU B 1 45 ? -17.414 24.267  -5.333  1.00 59.95 ? 405 GLU B CA  1 
ATOM   771  C C   . GLU B 1 45 ? -16.876 25.591  -4.841  1.00 58.54 ? 405 GLU B C   1 
ATOM   772  O O   . GLU B 1 45 ? -17.482 26.628  -5.060  1.00 61.88 ? 405 GLU B O   1 
ATOM   773  C CB  . GLU B 1 45 ? -18.248 23.631  -4.212  1.00 61.47 ? 405 GLU B CB  1 
ATOM   774  C CG  . GLU B 1 45 ? -19.188 22.543  -4.661  1.00 61.94 ? 405 GLU B CG  1 
ATOM   775  C CD  . GLU B 1 45 ? -20.462 23.097  -5.260  1.00 67.97 ? 405 GLU B CD  1 
ATOM   776  O OE1 . GLU B 1 45 ? -21.212 23.793  -4.532  1.00 68.22 ? 405 GLU B OE1 1 
ATOM   777  O OE2 . GLU B 1 45 ? -20.704 22.853  -6.464  1.00 71.77 ? 405 GLU B OE2 1 
ATOM   778  N N   . LEU B 1 46 ? -15.733 25.549  -4.170  1.00 57.19 ? 406 LEU B N   1 
ATOM   779  C CA  . LEU B 1 46 ? -15.242 26.715  -3.458  1.00 59.68 ? 406 LEU B CA  1 
ATOM   780  C C   . LEU B 1 46 ? -14.525 27.744  -4.351  1.00 64.14 ? 406 LEU B C   1 
ATOM   781  O O   . LEU B 1 46 ? -14.432 28.913  -3.987  1.00 60.78 ? 406 LEU B O   1 
ATOM   782  C CB  . LEU B 1 46 ? -14.334 26.268  -2.312  1.00 56.33 ? 406 LEU B CB  1 
ATOM   783  C CG  . LEU B 1 46 ? -15.047 26.076  -0.960  1.00 60.72 ? 406 LEU B CG  1 
ATOM   784  C CD1 . LEU B 1 46 ? -16.446 25.499  -1.121  1.00 55.55 ? 406 LEU B CD1 1 
ATOM   785  C CD2 . LEU B 1 46 ? -14.231 25.189  -0.027  1.00 55.40 ? 406 LEU B CD2 1 
ATOM   786  N N   . GLU B 1 47 ? -14.024 27.346  -5.517  1.00 64.57 ? 407 GLU B N   1 
ATOM   787  C CA  . GLU B 1 47 ? -13.504 28.367  -6.421  1.00 66.13 ? 407 GLU B CA  1 
ATOM   788  C C   . GLU B 1 47 ? -14.497 28.678  -7.529  1.00 66.69 ? 407 GLU B C   1 
ATOM   789  O O   . GLU B 1 47 ? -14.396 29.723  -8.167  1.00 70.38 ? 407 GLU B O   1 
ATOM   790  C CB  . GLU B 1 47 ? -12.152 27.974  -7.020  1.00 68.55 ? 407 GLU B CB  1 
ATOM   791  C CG  . GLU B 1 47 ? -11.949 26.512  -7.257  1.00 64.87 ? 407 GLU B CG  1 
ATOM   792  C CD  . GLU B 1 47 ? -10.477 26.134  -7.343  1.00 72.33 ? 407 GLU B CD  1 
ATOM   793  O OE1 . GLU B 1 47 ? -9.692  26.583  -6.479  1.00 70.90 ? 407 GLU B OE1 1 
ATOM   794  O OE2 . GLU B 1 47 ? -10.108 25.373  -8.264  1.00 72.22 ? 407 GLU B OE2 1 
ATOM   795  N N   . ASP B 1 48 ? -15.461 27.789  -7.762  1.00 64.72 ? 408 ASP B N   1 
ATOM   796  C CA  . ASP B 1 48 ? -16.576 28.160  -8.626  1.00 68.15 ? 408 ASP B CA  1 
ATOM   797  C C   . ASP B 1 48 ? -17.348 29.299  -7.972  1.00 67.10 ? 408 ASP B C   1 
ATOM   798  O O   . ASP B 1 48 ? -17.941 30.128  -8.656  1.00 67.31 ? 408 ASP B O   1 
ATOM   799  C CB  . ASP B 1 48 ? -17.507 26.986  -8.903  1.00 60.98 ? 408 ASP B CB  1 
ATOM   800  C CG  . ASP B 1 48 ? -17.002 26.106  -10.022 1.00 73.11 ? 408 ASP B CG  1 
ATOM   801  O OD1 . ASP B 1 48 ? -16.277 26.628  -10.896 1.00 74.24 ? 408 ASP B OD1 1 
ATOM   802  O OD2 . ASP B 1 48 ? -17.317 24.894  -10.029 1.00 72.21 ? 408 ASP B OD2 1 
ATOM   803  N N   . LEU B 1 49 ? -17.315 29.337  -6.643  1.00 63.98 ? 409 LEU B N   1 
ATOM   804  C CA  . LEU B 1 49 ? -18.039 30.335  -5.875  1.00 68.51 ? 409 LEU B CA  1 
ATOM   805  C C   . LEU B 1 49 ? -17.424 31.743  -6.037  1.00 70.54 ? 409 LEU B C   1 
ATOM   806  O O   . LEU B 1 49 ? -18.176 32.709  -6.168  1.00 68.31 ? 409 LEU B O   1 
ATOM   807  C CB  . LEU B 1 49 ? -18.110 29.925  -4.392  1.00 63.78 ? 409 LEU B CB  1 
ATOM   808  C CG  . LEU B 1 49 ? -18.439 31.041  -3.390  1.00 70.39 ? 409 LEU B CG  1 
ATOM   809  C CD1 . LEU B 1 49 ? -19.884 31.553  -3.565  1.00 66.23 ? 409 LEU B CD1 1 
ATOM   810  C CD2 . LEU B 1 49 ? -18.204 30.582  -1.942  1.00 60.01 ? 409 LEU B CD2 1 
ATOM   811  N N   . LEU B 1 50 ? -16.088 31.864  -6.000  1.00 71.81 ? 410 LEU B N   1 
ATOM   812  C CA  . LEU B 1 50 ? -15.419 33.124  -6.387  1.00 78.15 ? 410 LEU B CA  1 
ATOM   813  C C   . LEU B 1 50 ? -14.107 32.949  -7.144  1.00 80.27 ? 410 LEU B C   1 
ATOM   814  O O   . LEU B 1 50 ? -13.072 32.754  -6.525  1.00 83.07 ? 410 LEU B O   1 
ATOM   815  C CB  . LEU B 1 50 ? -15.108 34.015  -5.174  1.00 82.81 ? 410 LEU B CB  1 
ATOM   816  C CG  . LEU B 1 50 ? -14.637 35.372  -5.737  1.00 89.68 ? 410 LEU B CG  1 
ATOM   817  C CD1 . LEU B 1 50 ? -15.628 35.976  -6.735  1.00 85.58 ? 410 LEU B CD1 1 
ATOM   818  C CD2 . LEU B 1 50 ? -14.141 36.367  -4.723  1.00 89.16 ? 410 LEU B CD2 1 
ATOM   819  N N   . SER B 1 51 ? -14.144 33.102  -8.464  1.00 82.08 ? 411 SER B N   1 
ATOM   820  C CA  . SER B 1 51 ? -12.938 33.148  -9.277  1.00 81.55 ? 411 SER B CA  1 
ATOM   821  C C   . SER B 1 51 ? -13.319 33.558  -10.692 1.00 82.29 ? 411 SER B C   1 
ATOM   822  O O   . SER B 1 51 ? -14.365 33.154  -11.197 1.00 81.94 ? 411 SER B O   1 
ATOM   823  C CB  . SER B 1 51 ? -12.208 31.790  -9.289  1.00 78.56 ? 411 SER B CB  1 
ATOM   824  O OG  . SER B 1 51 ? -11.808 31.376  -7.986  1.00 77.09 ? 411 SER B OG  1 
ATOM   825  N N   . PRO B 1 52 ? -12.479 34.384  -11.330 1.00 86.87 ? 412 PRO B N   1 
ATOM   826  C CA  . PRO B 1 52 ? -11.361 35.109  -10.718 1.00 79.06 ? 412 PRO B CA  1 
ATOM   827  C C   . PRO B 1 52 ? -11.739 36.556  -10.396 1.00 76.90 ? 412 PRO B C   1 
ATOM   828  O O   . PRO B 1 52 ? -10.919 37.279  -9.828  1.00 73.89 ? 412 PRO B O   1 
ATOM   829  C CB  . PRO B 1 52 ? -10.273 35.057  -11.801 1.00 78.68 ? 412 PRO B CB  1 
ATOM   830  C CG  . PRO B 1 52 ? -10.829 34.138  -12.909 1.00 78.48 ? 412 PRO B CG  1 
ATOM   831  C CD  . PRO B 1 52 ? -12.309 34.285  -12.783 1.00 82.24 ? 412 PRO B CD  1 
ATOM   832  N N   . ASN C 1 2  ? -1.215  -34.745 2.277   1.00 51.61 ? 362 ASN C N   1 
ATOM   833  C CA  . ASN C 1 2  ? -0.762  -34.625 3.659   1.00 51.68 ? 362 ASN C CA  1 
ATOM   834  C C   . ASN C 1 2  ? -0.521  -33.167 4.035   1.00 51.38 ? 362 ASN C C   1 
ATOM   835  O O   . ASN C 1 2  ? -0.493  -32.301 3.164   1.00 51.88 ? 362 ASN C O   1 
ATOM   836  C CB  . ASN C 1 2  ? 0.519   -35.418 3.860   1.00 50.23 ? 362 ASN C CB  1 
ATOM   837  C CG  . ASN C 1 2  ? 1.613   -34.942 2.945   1.00 54.81 ? 362 ASN C CG  1 
ATOM   838  O OD1 . ASN C 1 2  ? 1.451   -34.955 1.728   1.00 55.32 ? 362 ASN C OD1 1 
ATOM   839  N ND2 . ASN C 1 2  ? 2.702   -34.460 3.518   1.00 52.35 ? 362 ASN C ND2 1 
ATOM   840  N N   . ALA C 1 3  ? -0.320  -32.900 5.322   1.00 47.50 ? 363 ALA C N   1 
ATOM   841  C CA  . ALA C 1 3  ? -0.184  -31.529 5.812   1.00 47.10 ? 363 ALA C CA  1 
ATOM   842  C C   . ALA C 1 3  ? 1.052   -30.788 5.279   1.00 48.33 ? 363 ALA C C   1 
ATOM   843  O O   . ALA C 1 3  ? 1.017   -29.566 5.120   1.00 45.43 ? 363 ALA C O   1 
ATOM   844  C CB  . ALA C 1 3  ? -0.164  -31.529 7.315   1.00 43.04 ? 363 ALA C CB  1 
ATOM   845  N N   . TRP C 1 4  ? 2.141   -31.515 5.017   1.00 46.32 ? 364 TRP C N   1 
ATOM   846  C CA  . TRP C 1 4  ? 3.373   -30.883 4.547   1.00 44.37 ? 364 TRP C CA  1 
ATOM   847  C C   . TRP C 1 4  ? 3.233   -30.326 3.118   1.00 51.42 ? 364 TRP C C   1 
ATOM   848  O O   . TRP C 1 4  ? 3.461   -29.125 2.886   1.00 46.48 ? 364 TRP C O   1 
ATOM   849  C CB  . TRP C 1 4  ? 4.541   -31.858 4.625   1.00 45.37 ? 364 TRP C CB  1 
ATOM   850  C CG  . TRP C 1 4  ? 4.884   -32.271 6.030   1.00 46.95 ? 364 TRP C CG  1 
ATOM   851  C CD1 . TRP C 1 4  ? 5.684   -31.600 6.912   1.00 45.97 ? 364 TRP C CD1 1 
ATOM   852  C CD2 . TRP C 1 4  ? 4.447   -33.460 6.716   1.00 42.96 ? 364 TRP C CD2 1 
ATOM   853  N NE1 . TRP C 1 4  ? 5.760   -32.293 8.103   1.00 45.40 ? 364 TRP C NE1 1 
ATOM   854  C CE2 . TRP C 1 4  ? 5.009   -33.434 8.003   1.00 41.65 ? 364 TRP C CE2 1 
ATOM   855  C CE3 . TRP C 1 4  ? 3.627   -34.536 6.354   1.00 41.68 ? 364 TRP C CE3 1 
ATOM   856  C CZ2 . TRP C 1 4  ? 4.780   -34.442 8.938   1.00 41.79 ? 364 TRP C CZ2 1 
ATOM   857  C CZ3 . TRP C 1 4  ? 3.405   -35.540 7.284   1.00 42.27 ? 364 TRP C CZ3 1 
ATOM   858  C CH2 . TRP C 1 4  ? 3.979   -35.484 8.561   1.00 42.24 ? 364 TRP C CH2 1 
ATOM   859  N N   . ASP C 1 5  ? 2.839   -31.180 2.171   1.00 51.54 ? 365 ASP C N   1 
ATOM   860  C CA  . ASP C 1 5  ? 2.701   -30.746 0.780   1.00 49.25 ? 365 ASP C CA  1 
ATOM   861  C C   . ASP C 1 5  ? 1.592   -29.696 0.620   1.00 51.26 ? 365 ASP C C   1 
ATOM   862  O O   . ASP C 1 5  ? 1.635   -28.866 -0.293  1.00 48.64 ? 365 ASP C O   1 
ATOM   863  C CB  . ASP C 1 5  ? 2.430   -31.936 -0.170  1.00 53.22 ? 365 ASP C CB  1 
ATOM   864  C CG  . ASP C 1 5  ? 3.307   -33.195 0.128   1.00 59.87 ? 365 ASP C CG  1 
ATOM   865  O OD1 . ASP C 1 5  ? 4.456   -33.067 0.587   1.00 60.29 ? 365 ASP C OD1 1 
ATOM   866  O OD2 . ASP C 1 5  ? 2.885   -34.322 -0.195  1.00 52.47 ? 365 ASP C OD2 1 
ATOM   867  N N   . ARG C 1 6  ? 0.595   -29.741 1.497   1.00 47.83 ? 366 ARG C N   1 
ATOM   868  C CA  . ARG C 1 6  ? -0.481  -28.774 1.458   1.00 46.82 ? 366 ARG C CA  1 
ATOM   869  C C   . ARG C 1 6  ? 0.065   -27.394 1.804   1.00 51.52 ? 366 ARG C C   1 
ATOM   870  O O   . ARG C 1 6  ? -0.161  -26.427 1.086   1.00 44.80 ? 366 ARG C O   1 
ATOM   871  C CB  . ARG C 1 6  ? -1.601  -29.171 2.421   1.00 48.58 ? 366 ARG C CB  1 
ATOM   872  C CG  . ARG C 1 6  ? -2.537  -30.220 1.828   1.00 59.06 ? 366 ARG C CG  1 
ATOM   873  C CD  . ARG C 1 6  ? -3.398  -30.958 2.860   1.00 59.44 ? 366 ARG C CD  1 
ATOM   874  N NE  . ARG C 1 6  ? -4.553  -31.603 2.224   1.00 64.81 ? 366 ARG C NE  1 
ATOM   875  C CZ  . ARG C 1 6  ? -4.686  -32.913 2.020   1.00 63.41 ? 366 ARG C CZ  1 
ATOM   876  N NH1 . ARG C 1 6  ? -3.750  -33.757 2.421   1.00 59.51 ? 366 ARG C NH1 1 
ATOM   877  N NH2 . ARG C 1 6  ? -5.779  -33.382 1.426   1.00 66.65 ? 366 ARG C NH2 1 
ATOM   878  N N   . THR C 1 7  ? 0.790   -27.316 2.912   1.00 50.71 ? 367 THR C N   1 
ATOM   879  C CA  . THR C 1 7  ? 1.426   -26.083 3.316   1.00 45.78 ? 367 THR C CA  1 
ATOM   880  C C   . THR C 1 7  ? 2.401   -25.598 2.243   1.00 49.48 ? 367 THR C C   1 
ATOM   881  O O   . THR C 1 7  ? 2.408   -24.418 1.889   1.00 45.96 ? 367 THR C O   1 
ATOM   882  C CB  . THR C 1 7  ? 2.156   -26.274 4.647   1.00 44.03 ? 367 THR C CB  1 
ATOM   883  O OG1 . THR C 1 7  ? 1.212   -26.687 5.641   1.00 44.80 ? 367 THR C OG1 1 
ATOM   884  C CG2 . THR C 1 7  ? 2.815   -24.988 5.087   1.00 46.74 ? 367 THR C CG2 1 
ATOM   885  N N   . LEU C 1 8  ? 3.209   -26.512 1.709   1.00 46.69 ? 368 LEU C N   1 
ATOM   886  C CA  . LEU C 1 8  ? 4.216   -26.130 0.724   1.00 47.31 ? 368 LEU C CA  1 
ATOM   887  C C   . LEU C 1 8  ? 3.585   -25.639 -0.581  1.00 46.43 ? 368 LEU C C   1 
ATOM   888  O O   . LEU C 1 8  ? 4.114   -24.728 -1.228  1.00 46.85 ? 368 LEU C O   1 
ATOM   889  C CB  . LEU C 1 8  ? 5.167   -27.296 0.447   1.00 46.25 ? 368 LEU C CB  1 
ATOM   890  C CG  . LEU C 1 8  ? 6.450   -27.021 -0.348  1.00 50.15 ? 368 LEU C CG  1 
ATOM   891  C CD1 . LEU C 1 8  ? 7.398   -26.104 0.408   1.00 42.45 ? 368 LEU C CD1 1 
ATOM   892  C CD2 . LEU C 1 8  ? 7.147   -28.339 -0.666  1.00 44.28 ? 368 LEU C CD2 1 
ATOM   893  N N   . ILE C 1 9  ? 2.455   -26.224 -0.965  1.00 40.61 ? 369 ILE C N   1 
ATOM   894  C CA  . ILE C 1 9  ? 1.760   -25.764 -2.160  1.00 45.64 ? 369 ILE C CA  1 
ATOM   895  C C   . ILE C 1 9  ? 1.063   -24.393 -1.951  1.00 48.90 ? 369 ILE C C   1 
ATOM   896  O O   . ILE C 1 9  ? 1.183   -23.514 -2.812  1.00 45.91 ? 369 ILE C O   1 
ATOM   897  C CB  . ILE C 1 9  ? 0.733   -26.803 -2.649  1.00 47.97 ? 369 ILE C CB  1 
ATOM   898  C CG1 . ILE C 1 9  ? 1.455   -27.963 -3.342  1.00 50.70 ? 369 ILE C CG1 1 
ATOM   899  C CG2 . ILE C 1 9  ? -0.234  -26.180 -3.631  1.00 43.98 ? 369 ILE C CG2 1 
ATOM   900  C CD1 . ILE C 1 9  ? 0.603   -29.212 -3.533  1.00 50.02 ? 369 ILE C CD1 1 
ATOM   901  N N   . GLU C 1 10 ? 0.377   -24.191 -0.822  1.00 44.04 ? 370 GLU C N   1 
ATOM   902  C CA  . GLU C 1 10 ? -0.383  -22.954 -0.642  1.00 47.13 ? 370 GLU C CA  1 
ATOM   903  C C   . GLU C 1 10 ? 0.572   -21.793 -0.393  1.00 50.53 ? 370 GLU C C   1 
ATOM   904  O O   . GLU C 1 10 ? 0.336   -20.683 -0.872  1.00 45.47 ? 370 GLU C O   1 
ATOM   905  C CB  . GLU C 1 10 ? -1.427  -23.043 0.495   1.00 49.45 ? 370 GLU C CB  1 
ATOM   906  C CG  . GLU C 1 10 ? -1.062  -23.798 1.751   1.00 57.43 ? 370 GLU C CG  1 
ATOM   907  C CD  . GLU C 1 10 ? -2.180  -23.809 2.809   1.00 68.84 ? 370 GLU C CD  1 
ATOM   908  O OE1 . GLU C 1 10 ? -3.367  -23.963 2.431   1.00 69.44 ? 370 GLU C OE1 1 
ATOM   909  O OE2 . GLU C 1 10 ? -1.868  -23.699 4.019   1.00 70.55 ? 370 GLU C OE2 1 
ATOM   910  N N   . ASN C 1 11 ? 1.660   -22.051 0.332   1.00 47.33 ? 371 ASN C N   1 
ATOM   911  C CA  . ASN C 1 11 ? 2.701   -21.050 0.465   1.00 42.33 ? 371 ASN C CA  1 
ATOM   912  C C   . ASN C 1 11 ? 3.146   -20.534 -0.898  1.00 45.86 ? 371 ASN C C   1 
ATOM   913  O O   . ASN C 1 11 ? 3.246   -19.324 -1.099  1.00 46.30 ? 371 ASN C O   1 
ATOM   914  C CB  . ASN C 1 11 ? 3.886   -21.602 1.240   1.00 37.15 ? 371 ASN C CB  1 
ATOM   915  C CG  . ASN C 1 11 ? 3.631   -21.634 2.725   1.00 38.46 ? 371 ASN C CG  1 
ATOM   916  O OD1 . ASN C 1 11 ? 2.498   -21.493 3.172   1.00 36.43 ? 371 ASN C OD1 1 
ATOM   917  N ND2 . ASN C 1 11 ? 4.687   -21.783 3.502   1.00 43.89 ? 371 ASN C ND2 1 
ATOM   918  N N   . GLY C 1 12 ? 3.382   -21.444 -1.836  1.00 43.74 ? 372 GLY C N   1 
ATOM   919  C CA  . GLY C 1 12 ? 3.727   -21.064 -3.197  1.00 40.66 ? 372 GLY C CA  1 
ATOM   920  C C   . GLY C 1 12 ? 2.656   -20.205 -3.866  1.00 48.40 ? 372 GLY C C   1 
ATOM   921  O O   . GLY C 1 12 ? 2.969   -19.245 -4.587  1.00 50.20 ? 372 GLY C O   1 
ATOM   922  N N   . GLU C 1 13 ? 1.391   -20.530 -3.623  1.00 41.88 ? 373 GLU C N   1 
ATOM   923  C CA  . GLU C 1 13 ? 0.297   -19.813 -4.265  1.00 47.50 ? 373 GLU C CA  1 
ATOM   924  C C   . GLU C 1 13 ? 0.104   -18.410 -3.653  1.00 48.82 ? 373 GLU C C   1 
ATOM   925  O O   . GLU C 1 13 ? -0.156  -17.443 -4.365  1.00 45.25 ? 373 GLU C O   1 
ATOM   926  C CB  . GLU C 1 13 ? -0.997  -20.626 -4.172  1.00 50.68 ? 373 GLU C CB  1 
ATOM   927  C CG  . GLU C 1 13 ? -0.920  -22.008 -4.841  1.00 52.53 ? 373 GLU C CG  1 
ATOM   928  C CD  . GLU C 1 13 ? -2.252  -22.762 -4.828  1.00 57.19 ? 373 GLU C CD  1 
ATOM   929  O OE1 . GLU C 1 13 ? -3.064  -22.559 -3.894  1.00 60.11 ? 373 GLU C OE1 1 
ATOM   930  O OE2 . GLU C 1 13 ? -2.502  -23.547 -5.770  1.00 59.33 ? 373 GLU C OE2 1 
ATOM   931  N N   . LYS C 1 14 ? 0.258   -18.319 -2.333  1.00 44.84 ? 374 LYS C N   1 
ATOM   932  C CA  . LYS C 1 14 ? 0.152   -17.074 -1.605  1.00 45.05 ? 374 LYS C CA  1 
ATOM   933  C C   . LYS C 1 14 ? 1.302   -16.111 -1.885  1.00 48.66 ? 374 LYS C C   1 
ATOM   934  O O   . LYS C 1 14 ? 1.103   -14.890 -1.909  1.00 50.07 ? 374 LYS C O   1 
ATOM   935  C CB  . LYS C 1 14 ? 0.074   -17.343 -0.106  1.00 48.58 ? 374 LYS C CB  1 
ATOM   936  C CG  . LYS C 1 14 ? -1.128  -18.157 0.316   1.00 47.55 ? 374 LYS C CG  1 
ATOM   937  C CD  . LYS C 1 14 ? -1.100  -18.376 1.813   1.00 53.81 ? 374 LYS C CD  1 
ATOM   938  C CE  . LYS C 1 14 ? -2.111  -19.428 2.241   1.00 64.67 ? 374 LYS C CE  1 
ATOM   939  N NZ  . LYS C 1 14 ? -2.286  -19.443 3.721   1.00 69.89 ? 374 LYS C NZ  1 
ATOM   940  N N   . ILE C 1 15 ? 2.504   -16.641 -2.086  1.00 47.47 ? 375 ILE C N   1 
ATOM   941  C CA  . ILE C 1 15 ? 3.624   -15.798 -2.498  1.00 46.85 ? 375 ILE C CA  1 
ATOM   942  C C   . ILE C 1 15 ? 3.305   -15.079 -3.813  1.00 48.21 ? 375 ILE C C   1 
ATOM   943  O O   . ILE C 1 15 ? 3.401   -13.862 -3.890  1.00 45.00 ? 375 ILE C O   1 
ATOM   944  C CB  . ILE C 1 15 ? 4.915   -16.610 -2.654  1.00 44.02 ? 375 ILE C CB  1 
ATOM   945  C CG1 . ILE C 1 15 ? 5.482   -16.971 -1.281  1.00 49.92 ? 375 ILE C CG1 1 
ATOM   946  C CG2 . ILE C 1 15 ? 5.938   -15.846 -3.477  1.00 38.60 ? 375 ILE C CG2 1 
ATOM   947  C CD1 . ILE C 1 15 ? 6.423   -18.227 -1.292  1.00 43.61 ? 375 ILE C CD1 1 
ATOM   948  N N   . THR C 1 16 ? 2.928   -15.843 -4.836  1.00 46.49 ? 376 THR C N   1 
ATOM   949  C CA  . THR C 1 16 ? 2.539   -15.291 -6.128  1.00 45.73 ? 376 THR C CA  1 
ATOM   950  C C   . THR C 1 16 ? 1.422   -14.265 -5.982  1.00 50.57 ? 376 THR C C   1 
ATOM   951  O O   . THR C 1 16 ? 1.506   -13.146 -6.493  1.00 54.54 ? 376 THR C O   1 
ATOM   952  C CB  . THR C 1 16 ? 2.053   -16.381 -7.077  1.00 50.43 ? 376 THR C CB  1 
ATOM   953  O OG1 . THR C 1 16 ? 3.069   -17.383 -7.223  1.00 54.97 ? 376 THR C OG1 1 
ATOM   954  C CG2 . THR C 1 16 ? 1.706   -15.790 -8.430  1.00 53.89 ? 376 THR C CG2 1 
ATOM   955  N N   . SER C 1 17 ? 0.376   -14.664 -5.275  1.00 47.96 ? 377 SER C N   1 
ATOM   956  C CA  . SER C 1 17 ? -0.767  -13.809 -5.032  1.00 49.20 ? 377 SER C CA  1 
ATOM   957  C C   . SER C 1 17 ? -0.350  -12.511 -4.351  1.00 49.72 ? 377 SER C C   1 
ATOM   958  O O   . SER C 1 17 ? -0.750  -11.441 -4.764  1.00 50.95 ? 377 SER C O   1 
ATOM   959  C CB  . SER C 1 17 ? -1.800  -14.547 -4.183  1.00 50.63 ? 377 SER C CB  1 
ATOM   960  O OG  . SER C 1 17 ? -2.725  -13.639 -3.602  1.00 59.83 ? 377 SER C OG  1 
ATOM   961  N N   . LEU C 1 18 ? 0.478   -12.612 -3.318  1.00 51.57 ? 378 LEU C N   1 
ATOM   962  C CA  . LEU C 1 18 ? 0.866   -11.442 -2.550  1.00 49.52 ? 378 LEU C CA  1 
ATOM   963  C C   . LEU C 1 18 ? 1.708   -10.468 -3.367  1.00 52.30 ? 378 LEU C C   1 
ATOM   964  O O   . LEU C 1 18 ? 1.534   -9.245  -3.255  1.00 47.28 ? 378 LEU C O   1 
ATOM   965  C CB  . LEU C 1 18 ? 1.623   -11.852 -1.297  1.00 46.88 ? 378 LEU C CB  1 
ATOM   966  C CG  . LEU C 1 18 ? 2.148   -10.687 -0.468  1.00 53.61 ? 378 LEU C CG  1 
ATOM   967  C CD1 . LEU C 1 18 ? 0.994   -9.816  0.059   1.00 52.51 ? 378 LEU C CD1 1 
ATOM   968  C CD2 . LEU C 1 18 ? 3.021   -11.213 0.657   1.00 52.16 ? 378 LEU C CD2 1 
ATOM   969  N N   . HIS C 1 19 ? 2.609   -11.005 -4.186  1.00 46.97 ? 379 HIS C N   1 
ATOM   970  C CA  . HIS C 1 19 ? 3.406   -10.155 -5.056  1.00 49.65 ? 379 HIS C CA  1 
ATOM   971  C C   . HIS C 1 19 ? 2.501   -9.306  -5.940  1.00 51.53 ? 379 HIS C C   1 
ATOM   972  O O   . HIS C 1 19 ? 2.790   -8.135  -6.198  1.00 50.32 ? 379 HIS C O   1 
ATOM   973  C CB  . HIS C 1 19 ? 4.346   -10.977 -5.928  1.00 47.96 ? 379 HIS C CB  1 
ATOM   974  C CG  . HIS C 1 19 ? 4.874   -10.226 -7.111  1.00 50.72 ? 379 HIS C CG  1 
ATOM   975  N ND1 . HIS C 1 19 ? 4.412   -10.438 -8.396  1.00 52.70 ? 379 HIS C ND1 1 
ATOM   976  C CD2 . HIS C 1 19 ? 5.816   -9.257  -7.209  1.00 52.03 ? 379 HIS C CD2 1 
ATOM   977  C CE1 . HIS C 1 19 ? 5.049   -9.633  -9.228  1.00 53.86 ? 379 HIS C CE1 1 
ATOM   978  N NE2 . HIS C 1 19 ? 5.908   -8.909  -8.533  1.00 52.50 ? 379 HIS C NE2 1 
ATOM   979  N N   . ARG C 1 20 ? 1.406   -9.902  -6.402  1.00 48.42 ? 380 ARG C N   1 
ATOM   980  C CA  . ARG C 1 20 ? 0.513   -9.213  -7.317  1.00 51.85 ? 380 ARG C CA  1 
ATOM   981  C C   . ARG C 1 20 ? -0.340  -8.139  -6.621  1.00 54.13 ? 380 ARG C C   1 
ATOM   982  O O   . ARG C 1 20 ? -0.578  -7.082  -7.202  1.00 49.89 ? 380 ARG C O   1 
ATOM   983  C CB  . ARG C 1 20 ? -0.382  -10.217 -8.051  1.00 49.85 ? 380 ARG C CB  1 
ATOM   984  C CG  . ARG C 1 20 ? 0.404   -11.208 -8.899  1.00 67.85 ? 380 ARG C CG  1 
ATOM   985  C CD  . ARG C 1 20 ? -0.488  -12.240 -9.591  1.00 74.12 ? 380 ARG C CD  1 
ATOM   986  N NE  . ARG C 1 20 ? -0.411  -12.120 -11.051 1.00 85.29 ? 380 ARG C NE  1 
ATOM   987  C CZ  . ARG C 1 20 ? -0.080  -13.116 -11.874 1.00 84.02 ? 380 ARG C CZ  1 
ATOM   988  N NH1 . ARG C 1 20 ? 0.194   -14.321 -11.393 1.00 78.44 ? 380 ARG C NH1 1 
ATOM   989  N NH2 . ARG C 1 20 ? -0.033  -12.907 -13.187 1.00 90.35 ? 380 ARG C NH2 1 
ATOM   990  N N   . GLU C 1 21 ? -0.811  -8.414  -5.401  1.00 51.89 ? 381 GLU C N   1 
ATOM   991  C CA  . GLU C 1 21 ? -1.472  -7.389  -4.605  1.00 51.73 ? 381 GLU C CA  1 
ATOM   992  C C   . GLU C 1 21 ? -0.514  -6.218  -4.382  1.00 51.09 ? 381 GLU C C   1 
ATOM   993  O O   . GLU C 1 21 ? -0.903  -5.051  -4.465  1.00 46.90 ? 381 GLU C O   1 
ATOM   994  C CB  . GLU C 1 21 ? -1.944  -7.946  -3.262  1.00 52.92 ? 381 GLU C CB  1 
ATOM   995  C CG  . GLU C 1 21 ? -3.036  -9.001  -3.367  1.00 57.35 ? 381 GLU C CG  1 
ATOM   996  C CD  . GLU C 1 21 ? -4.291  -8.463  -4.031  1.00 63.56 ? 381 GLU C CD  1 
ATOM   997  O OE1 . GLU C 1 21 ? -5.195  -8.004  -3.300  1.00 70.40 ? 381 GLU C OE1 1 
ATOM   998  O OE2 . GLU C 1 21 ? -4.375  -8.497  -5.281  1.00 60.86 ? 381 GLU C OE2 1 
ATOM   999  N N   . VAL C 1 22 ? 0.748   -6.547  -4.129  1.00 43.89 ? 382 VAL C N   1 
ATOM   1000 C CA  . VAL C 1 22 ? 1.741   -5.543  -3.842  1.00 47.88 ? 382 VAL C CA  1 
ATOM   1001 C C   . VAL C 1 22 ? 1.970   -4.614  -5.047  1.00 49.62 ? 382 VAL C C   1 
ATOM   1002 O O   . VAL C 1 22 ? 2.054   -3.404  -4.876  1.00 42.58 ? 382 VAL C O   1 
ATOM   1003 C CB  . VAL C 1 22 ? 3.054   -6.197  -3.398  1.00 48.34 ? 382 VAL C CB  1 
ATOM   1004 C CG1 . VAL C 1 22 ? 4.259   -5.385  -3.854  1.00 47.02 ? 382 VAL C CG1 1 
ATOM   1005 C CG2 . VAL C 1 22 ? 3.051   -6.350  -1.892  1.00 50.43 ? 382 VAL C CG2 1 
ATOM   1006 N N   . GLU C 1 23 ? 2.044   -5.175  -6.253  1.00 48.18 ? 383 GLU C N   1 
ATOM   1007 C CA  . GLU C 1 23 ? 2.255   -4.366  -7.451  1.00 49.15 ? 383 GLU C CA  1 
ATOM   1008 C C   . GLU C 1 23 ? 1.060   -3.460  -7.745  1.00 51.12 ? 383 GLU C C   1 
ATOM   1009 O O   . GLU C 1 23 ? 1.245   -2.332  -8.188  1.00 48.53 ? 383 GLU C O   1 
ATOM   1010 C CB  . GLU C 1 23 ? 2.540   -5.247  -8.672  1.00 50.86 ? 383 GLU C CB  1 
ATOM   1011 C CG  . GLU C 1 23 ? 3.832   -6.059  -8.600  1.00 56.63 ? 383 GLU C CG  1 
ATOM   1012 C CD  . GLU C 1 23 ? 5.088   -5.210  -8.717  1.00 62.54 ? 383 GLU C CD  1 
ATOM   1013 O OE1 . GLU C 1 23 ? 5.113   -4.272  -9.548  1.00 65.11 ? 383 GLU C OE1 1 
ATOM   1014 O OE2 . GLU C 1 23 ? 6.061   -5.496  -7.981  1.00 62.07 ? 383 GLU C OE2 1 
ATOM   1015 N N   . LYS C 1 24 ? -0.155  -3.951  -7.506  1.00 48.32 ? 384 LYS C N   1 
ATOM   1016 C CA  . LYS C 1 24 ? -1.356  -3.149  -7.747  1.00 52.70 ? 384 LYS C CA  1 
ATOM   1017 C C   . LYS C 1 24 ? -1.397  -1.964  -6.794  1.00 51.31 ? 384 LYS C C   1 
ATOM   1018 O O   . LYS C 1 24 ? -1.852  -0.867  -7.148  1.00 52.28 ? 384 LYS C O   1 
ATOM   1019 C CB  . LYS C 1 24 ? -2.628  -3.998  -7.602  1.00 49.04 ? 384 LYS C CB  1 
ATOM   1020 C CG  . LYS C 1 24 ? -2.813  -5.016  -8.736  1.00 56.77 ? 384 LYS C CG  1 
ATOM   1021 C CD  . LYS C 1 24 ? -3.817  -6.126  -8.397  1.00 57.72 ? 384 LYS C CD  1 
ATOM   1022 C CE  . LYS C 1 24 ? -5.229  -5.603  -8.207  1.00 68.16 ? 384 LYS C CE  1 
ATOM   1023 N NZ  . LYS C 1 24 ? -6.161  -6.696  -7.792  1.00 73.28 ? 384 LYS C NZ  1 
ATOM   1024 N N   . VAL C 1 25 ? -0.907  -2.191  -5.582  1.00 47.77 ? 385 VAL C N   1 
ATOM   1025 C CA  . VAL C 1 25 ? -0.914  -1.167  -4.566  1.00 47.41 ? 385 VAL C CA  1 
ATOM   1026 C C   . VAL C 1 25 ? 0.115   -0.090  -4.884  1.00 49.27 ? 385 VAL C C   1 
ATOM   1027 O O   . VAL C 1 25 ? -0.182  1.098   -4.779  1.00 48.69 ? 385 VAL C O   1 
ATOM   1028 C CB  . VAL C 1 25 ? -0.668  -1.767  -3.196  1.00 45.51 ? 385 VAL C CB  1 
ATOM   1029 C CG1 . VAL C 1 25 ? -0.103  -0.731  -2.227  1.00 48.61 ? 385 VAL C CG1 1 
ATOM   1030 C CG2 . VAL C 1 25 ? -1.963  -2.325  -2.671  1.00 46.31 ? 385 VAL C CG2 1 
ATOM   1031 N N   . LYS C 1 26 ? 1.305   -0.502  -5.302  1.00 44.04 ? 386 LYS C N   1 
ATOM   1032 C CA  . LYS C 1 26 ? 2.323   0.454   -5.715  1.00 47.96 ? 386 LYS C CA  1 
ATOM   1033 C C   . LYS C 1 26 ? 1.806   1.359   -6.827  1.00 50.25 ? 386 LYS C C   1 
ATOM   1034 O O   . LYS C 1 26 ? 2.113   2.555   -6.849  1.00 47.56 ? 386 LYS C O   1 
ATOM   1035 C CB  . LYS C 1 26 ? 3.584   -0.263  -6.171  1.00 42.77 ? 386 LYS C CB  1 
ATOM   1036 C CG  . LYS C 1 26 ? 4.319   -0.966  -5.041  1.00 48.22 ? 386 LYS C CG  1 
ATOM   1037 C CD  . LYS C 1 26 ? 5.218   -2.075  -5.568  1.00 46.12 ? 386 LYS C CD  1 
ATOM   1038 C CE  . LYS C 1 26 ? 6.684   -1.692  -5.483  1.00 48.06 ? 386 LYS C CE  1 
ATOM   1039 N NZ  . LYS C 1 26 ? 7.596   -2.824  -5.819  1.00 50.71 ? 386 LYS C NZ  1 
ATOM   1040 N N   . LEU C 1 27 ? 1.020   0.786   -7.738  1.00 45.97 ? 387 LEU C N   1 
ATOM   1041 C CA  . LEU C 1 27 ? 0.411   1.557   -8.812  1.00 51.23 ? 387 LEU C CA  1 
ATOM   1042 C C   . LEU C 1 27 ? -0.507  2.657   -8.250  1.00 52.05 ? 387 LEU C C   1 
ATOM   1043 O O   . LEU C 1 27 ? -0.326  3.842   -8.531  1.00 50.65 ? 387 LEU C O   1 
ATOM   1044 C CB  . LEU C 1 27 ? -0.375  0.640   -9.747  1.00 51.95 ? 387 LEU C CB  1 
ATOM   1045 C CG  . LEU C 1 27 ? 0.349   -0.342  -10.672 1.00 54.94 ? 387 LEU C CG  1 
ATOM   1046 C CD1 . LEU C 1 27 ? -0.673  -1.181  -11.417 1.00 57.35 ? 387 LEU C CD1 1 
ATOM   1047 C CD2 . LEU C 1 27 ? 1.272   0.359   -11.664 1.00 56.39 ? 387 LEU C CD2 1 
ATOM   1048 N N   . ASP C 1 28 ? -1.482  2.257   -7.442  1.00 49.19 ? 388 ASP C N   1 
ATOM   1049 C CA  . ASP C 1 28 ? -2.380  3.208   -6.806  1.00 48.40 ? 388 ASP C CA  1 
ATOM   1050 C C   . ASP C 1 28 ? -1.646  4.166   -5.887  1.00 50.32 ? 388 ASP C C   1 
ATOM   1051 O O   . ASP C 1 28 ? -2.095  5.295   -5.702  1.00 49.66 ? 388 ASP C O   1 
ATOM   1052 C CB  . ASP C 1 28 ? -3.473  2.489   -6.018  1.00 51.06 ? 388 ASP C CB  1 
ATOM   1053 C CG  . ASP C 1 28 ? -4.601  2.003   -6.904  1.00 58.96 ? 388 ASP C CG  1 
ATOM   1054 O OD1 . ASP C 1 28 ? -5.295  2.860   -7.507  1.00 60.64 ? 388 ASP C OD1 1 
ATOM   1055 O OD2 . ASP C 1 28 ? -4.799  0.765   -6.980  1.00 59.96 ? 388 ASP C OD2 1 
ATOM   1056 N N   . GLN C 1 29 ? -0.522  3.741   -5.317  1.00 47.81 ? 389 GLN C N   1 
ATOM   1057 C CA  . GLN C 1 29 ? 0.275   4.673   -4.520  1.00 50.00 ? 389 GLN C CA  1 
ATOM   1058 C C   . GLN C 1 29 ? 0.773   5.810   -5.396  1.00 51.37 ? 389 GLN C C   1 
ATOM   1059 O O   . GLN C 1 29 ? 0.795   6.965   -4.978  1.00 47.50 ? 389 GLN C O   1 
ATOM   1060 C CB  . GLN C 1 29 ? 1.469   3.991   -3.865  1.00 47.81 ? 389 GLN C CB  1 
ATOM   1061 C CG  . GLN C 1 29 ? 1.127   3.115   -2.675  1.00 55.54 ? 389 GLN C CG  1 
ATOM   1062 C CD  . GLN C 1 29 ? 2.356   2.745   -1.860  1.00 50.16 ? 389 GLN C CD  1 
ATOM   1063 O OE1 . GLN C 1 29 ? 3.494   2.786   -2.358  1.00 48.78 ? 389 GLN C OE1 1 
ATOM   1064 N NE2 . GLN C 1 29 ? 2.136   2.417   -0.592  1.00 45.34 ? 389 GLN C NE2 1 
ATOM   1065 N N   . LYS C 1 30 ? 1.186   5.468   -6.610  1.00 49.09 ? 390 LYS C N   1 
ATOM   1066 C CA  . LYS C 1 30 ? 1.689   6.461   -7.537  1.00 51.25 ? 390 LYS C CA  1 
ATOM   1067 C C   . LYS C 1 30 ? 0.576   7.376   -8.074  1.00 53.23 ? 390 LYS C C   1 
ATOM   1068 O O   . LYS C 1 30 ? 0.818   8.551   -8.336  1.00 54.72 ? 390 LYS C O   1 
ATOM   1069 C CB  . LYS C 1 30 ? 2.418   5.777   -8.686  1.00 49.64 ? 390 LYS C CB  1 
ATOM   1070 C CG  . LYS C 1 30 ? 3.789   6.377   -8.972  1.00 63.39 ? 390 LYS C CG  1 
ATOM   1071 C CD  . LYS C 1 30 ? 4.609   6.574   -7.691  1.00 64.95 ? 390 LYS C CD  1 
ATOM   1072 C CE  . LYS C 1 30 ? 6.089   6.789   -8.009  1.00 71.53 ? 390 LYS C CE  1 
ATOM   1073 N NZ  . LYS C 1 30 ? 6.916   7.073   -6.798  1.00 73.92 ? 390 LYS C NZ  1 
ATOM   1074 N N   . ARG C 1 31 ? -0.641  6.859   -8.229  1.00 48.25 ? 391 ARG C N   1 
ATOM   1075 C CA  . ARG C 1 31 ? -1.731  7.703   -8.697  1.00 50.07 ? 391 ARG C CA  1 
ATOM   1076 C C   . ARG C 1 31 ? -2.188  8.671   -7.602  1.00 53.44 ? 391 ARG C C   1 
ATOM   1077 O O   . ARG C 1 31 ? -2.355  9.867   -7.855  1.00 48.63 ? 391 ARG C O   1 
ATOM   1078 C CB  . ARG C 1 31 ? -2.926  6.874   -9.167  1.00 53.48 ? 391 ARG C CB  1 
ATOM   1079 C CG  . ARG C 1 31 ? -4.172  7.741   -9.364  1.00 55.09 ? 391 ARG C CG  1 
ATOM   1080 C CD  . ARG C 1 31 ? -5.420  6.954   -9.740  1.00 57.90 ? 391 ARG C CD  1 
ATOM   1081 N NE  . ARG C 1 31 ? -5.798  6.003   -8.701  1.00 54.43 ? 391 ARG C NE  1 
ATOM   1082 C CZ  . ARG C 1 31 ? -6.387  6.330   -7.560  1.00 53.47 ? 391 ARG C CZ  1 
ATOM   1083 N NH1 . ARG C 1 31 ? -6.676  7.594   -7.297  1.00 61.99 ? 391 ARG C NH1 1 
ATOM   1084 N NH2 . ARG C 1 31 ? -6.684  5.387   -6.678  1.00 57.30 ? 391 ARG C NH2 1 
ATOM   1085 N N   . LEU C 1 32 ? -2.408  8.138   -6.400  1.00 50.67 ? 392 LEU C N   1 
ATOM   1086 C CA  . LEU C 1 32 ? -2.775  8.936   -5.228  1.00 49.60 ? 392 LEU C CA  1 
ATOM   1087 C C   . LEU C 1 32 ? -1.759  10.049  -5.009  1.00 53.34 ? 392 LEU C C   1 
ATOM   1088 O O   . LEU C 1 32 ? -2.107  11.172  -4.632  1.00 48.64 ? 392 LEU C O   1 
ATOM   1089 C CB  . LEU C 1 32 ? -2.860  8.059   -3.971  1.00 41.22 ? 392 LEU C CB  1 
ATOM   1090 C CG  . LEU C 1 32 ? -4.063  7.117   -3.812  1.00 51.52 ? 392 LEU C CG  1 
ATOM   1091 C CD1 . LEU C 1 32 ? -3.688  5.825   -3.076  1.00 46.47 ? 392 LEU C CD1 1 
ATOM   1092 C CD2 . LEU C 1 32 ? -5.191  7.816   -3.086  1.00 47.53 ? 392 LEU C CD2 1 
ATOM   1093 N N   . ASP C 1 33 ? -0.499  9.718   -5.262  1.00 46.40 ? 393 ASP C N   1 
ATOM   1094 C CA  . ASP C 1 33 ? 0.599   10.645  -5.080  1.00 49.55 ? 393 ASP C CA  1 
ATOM   1095 C C   . ASP C 1 33 ? 0.536   11.809  -6.070  1.00 54.50 ? 393 ASP C C   1 
ATOM   1096 O O   . ASP C 1 33 ? 0.953   12.931  -5.758  1.00 49.63 ? 393 ASP C O   1 
ATOM   1097 C CB  . ASP C 1 33 ? 1.911   9.905   -5.231  1.00 51.00 ? 393 ASP C CB  1 
ATOM   1098 C CG  . ASP C 1 33 ? 3.087   10.722  -4.802  1.00 56.73 ? 393 ASP C CG  1 
ATOM   1099 O OD1 . ASP C 1 33 ? 3.408   10.682  -3.590  1.00 59.95 ? 393 ASP C OD1 1 
ATOM   1100 O OD2 . ASP C 1 33 ? 3.692   11.387  -5.678  1.00 56.72 ? 393 ASP C OD2 1 
ATOM   1101 N N   . GLN C 1 34 ? 0.029   11.539  -7.269  1.00 51.01 ? 394 GLN C N   1 
ATOM   1102 C CA  . GLN C 1 34 ? -0.100  12.598  -8.248  1.00 55.09 ? 394 GLN C CA  1 
ATOM   1103 C C   . GLN C 1 34 ? -1.295  13.486  -7.900  1.00 54.11 ? 394 GLN C C   1 
ATOM   1104 O O   . GLN C 1 34 ? -1.237  14.685  -8.121  1.00 54.55 ? 394 GLN C O   1 
ATOM   1105 C CB  . GLN C 1 34 ? -0.229  12.043  -9.669  1.00 59.92 ? 394 GLN C CB  1 
ATOM   1106 C CG  . GLN C 1 34 ? 0.761   12.691  -10.639 1.00 66.30 ? 394 GLN C CG  1 
ATOM   1107 C CD  . GLN C 1 34 ? 0.406   12.507  -12.111 1.00 73.67 ? 394 GLN C CD  1 
ATOM   1108 O OE1 . GLN C 1 34 ? -0.400  11.650  -12.469 1.00 79.98 ? 394 GLN C OE1 1 
ATOM   1109 N NE2 . GLN C 1 34 ? 1.010   13.328  -12.972 1.00 71.48 ? 394 GLN C NE2 1 
ATOM   1110 N N   . GLU C 1 35 ? -2.352  12.905  -7.333  1.00 50.91 ? 395 GLU C N   1 
ATOM   1111 C CA  . GLU C 1 35 ? -3.507  13.681  -6.881  1.00 54.23 ? 395 GLU C CA  1 
ATOM   1112 C C   . GLU C 1 35 ? -3.096  14.717  -5.851  1.00 55.12 ? 395 GLU C C   1 
ATOM   1113 O O   . GLU C 1 35 ? -3.585  15.846  -5.875  1.00 58.46 ? 395 GLU C O   1 
ATOM   1114 C CB  . GLU C 1 35 ? -4.606  12.792  -6.279  1.00 52.27 ? 395 GLU C CB  1 
ATOM   1115 C CG  . GLU C 1 35 ? -5.285  11.864  -7.265  1.00 55.52 ? 395 GLU C CG  1 
ATOM   1116 C CD  . GLU C 1 35 ? -5.793  12.566  -8.521  1.00 60.73 ? 395 GLU C CD  1 
ATOM   1117 O OE1 . GLU C 1 35 ? -6.210  13.752  -8.454  1.00 60.60 ? 395 GLU C OE1 1 
ATOM   1118 O OE2 . GLU C 1 35 ? -5.758  11.916  -9.591  1.00 58.44 ? 395 GLU C OE2 1 
ATOM   1119 N N   . LEU C 1 36 ? -2.210  14.328  -4.944  1.00 52.01 ? 396 LEU C N   1 
ATOM   1120 C CA  . LEU C 1 36 ? -1.714  15.232  -3.918  1.00 53.16 ? 396 LEU C CA  1 
ATOM   1121 C C   . LEU C 1 36 ? -0.985  16.426  -4.493  1.00 57.42 ? 396 LEU C C   1 
ATOM   1122 O O   . LEU C 1 36 ? -1.220  17.568  -4.065  1.00 52.77 ? 396 LEU C O   1 
ATOM   1123 C CB  . LEU C 1 36 ? -0.785  14.502  -2.970  1.00 54.50 ? 396 LEU C CB  1 
ATOM   1124 C CG  . LEU C 1 36 ? -1.531  13.857  -1.818  1.00 57.79 ? 396 LEU C CG  1 
ATOM   1125 C CD1 . LEU C 1 36 ? -0.533  13.172  -0.884  1.00 54.38 ? 396 LEU C CD1 1 
ATOM   1126 C CD2 . LEU C 1 36 ? -2.332  14.948  -1.120  1.00 51.99 ? 396 LEU C CD2 1 
ATOM   1127 N N   . ASP C 1 37 ? -0.086  16.148  -5.435  1.00 56.62 ? 397 ASP C N   1 
ATOM   1128 C CA  . ASP C 1 37 ? 0.643   17.187  -6.155  1.00 57.64 ? 397 ASP C CA  1 
ATOM   1129 C C   . ASP C 1 37 ? -0.348  18.207  -6.719  1.00 56.98 ? 397 ASP C C   1 
ATOM   1130 O O   . ASP C 1 37 ? -0.217  19.415  -6.507  1.00 59.60 ? 397 ASP C O   1 
ATOM   1131 C CB  . ASP C 1 37 ? 1.478   16.575  -7.284  1.00 56.76 ? 397 ASP C CB  1 
ATOM   1132 C CG  . ASP C 1 37 ? 2.650   15.754  -6.773  1.00 61.51 ? 397 ASP C CG  1 
ATOM   1133 O OD1 . ASP C 1 37 ? 3.097   15.971  -5.625  1.00 64.71 ? 397 ASP C OD1 1 
ATOM   1134 O OD2 . ASP C 1 37 ? 3.118   14.866  -7.521  1.00 63.81 ? 397 ASP C OD2 1 
ATOM   1135 N N   . PHE C 1 38 ? -1.365  17.705  -7.407  1.00 52.60 ? 398 PHE C N   1 
ATOM   1136 C CA  . PHE C 1 38 ? -2.312  18.563  -8.093  1.00 59.25 ? 398 PHE C CA  1 
ATOM   1137 C C   . PHE C 1 38 ? -3.315  19.265  -7.154  1.00 60.04 ? 398 PHE C C   1 
ATOM   1138 O O   . PHE C 1 38 ? -3.793  20.348  -7.475  1.00 56.64 ? 398 PHE C O   1 
ATOM   1139 C CB  . PHE C 1 38 ? -3.043  17.752  -9.165  1.00 57.89 ? 398 PHE C CB  1 
ATOM   1140 C CG  . PHE C 1 38 ? -2.214  17.503  -10.412 1.00 59.82 ? 398 PHE C CG  1 
ATOM   1141 C CD1 . PHE C 1 38 ? -1.263  16.494  -10.445 1.00 60.78 ? 398 PHE C CD1 1 
ATOM   1142 C CD2 . PHE C 1 38 ? -2.385  18.286  -11.548 1.00 63.08 ? 398 PHE C CD2 1 
ATOM   1143 C CE1 . PHE C 1 38 ? -0.502  16.258  -11.585 1.00 61.42 ? 398 PHE C CE1 1 
ATOM   1144 C CE2 . PHE C 1 38 ? -1.626  18.056  -12.699 1.00 60.67 ? 398 PHE C CE2 1 
ATOM   1145 C CZ  . PHE C 1 38 ? -0.686  17.036  -12.714 1.00 60.58 ? 398 PHE C CZ  1 
ATOM   1146 N N   . ILE C 1 39 ? -3.623  18.662  -6.007  1.00 55.58 ? 399 ILE C N   1 
ATOM   1147 C CA  . ILE C 1 39 ? -4.468  19.307  -4.999  1.00 57.46 ? 399 ILE C CA  1 
ATOM   1148 C C   . ILE C 1 39 ? -3.707  20.445  -4.334  1.00 61.15 ? 399 ILE C C   1 
ATOM   1149 O O   . ILE C 1 39 ? -4.268  21.508  -4.047  1.00 59.60 ? 399 ILE C O   1 
ATOM   1150 C CB  . ILE C 1 39 ? -4.930  18.325  -3.907  1.00 59.52 ? 399 ILE C CB  1 
ATOM   1151 C CG1 . ILE C 1 39 ? -5.987  17.359  -4.447  1.00 60.86 ? 399 ILE C CG1 1 
ATOM   1152 C CG2 . ILE C 1 39 ? -5.496  19.072  -2.713  1.00 56.93 ? 399 ILE C CG2 1 
ATOM   1153 C CD1 . ILE C 1 39 ? -6.394  16.310  -3.438  1.00 47.63 ? 399 ILE C CD1 1 
ATOM   1154 N N   . LEU C 1 40 ? -2.425  20.191  -4.081  1.00 56.18 ? 400 LEU C N   1 
ATOM   1155 C CA  . LEU C 1 40 ? -1.481  21.198  -3.611  1.00 57.30 ? 400 LEU C CA  1 
ATOM   1156 C C   . LEU C 1 40 ? -1.508  22.441  -4.514  1.00 63.01 ? 400 LEU C C   1 
ATOM   1157 O O   . LEU C 1 40 ? -1.917  23.528  -4.101  1.00 59.39 ? 400 LEU C O   1 
ATOM   1158 C CB  . LEU C 1 40 ? -0.072  20.598  -3.580  1.00 56.68 ? 400 LEU C CB  1 
ATOM   1159 C CG  . LEU C 1 40 ? 1.064   21.373  -2.918  1.00 59.40 ? 400 LEU C CG  1 
ATOM   1160 C CD1 . LEU C 1 40 ? 0.581   21.999  -1.619  1.00 60.24 ? 400 LEU C CD1 1 
ATOM   1161 C CD2 . LEU C 1 40 ? 2.255   20.459  -2.673  1.00 57.01 ? 400 LEU C CD2 1 
ATOM   1162 N N   . SER C 1 41 ? -1.045  22.246  -5.748  1.00 63.28 ? 401 SER C N   1 
ATOM   1163 C CA  . SER C 1 41 ? -1.094  23.244  -6.805  1.00 63.06 ? 401 SER C CA  1 
ATOM   1164 C C   . SER C 1 41 ? -2.466  23.923  -6.906  1.00 66.16 ? 401 SER C C   1 
ATOM   1165 O O   . SER C 1 41 ? -2.549  25.145  -7.032  1.00 65.03 ? 401 SER C O   1 
ATOM   1166 C CB  . SER C 1 41 ? -0.716  22.581  -8.131  1.00 58.11 ? 401 SER C CB  1 
ATOM   1167 O OG  . SER C 1 41 ? -1.246  23.272  -9.241  1.00 66.15 ? 401 SER C OG  1 
ATOM   1168 N N   . GLN C 1 42 ? -3.530  23.126  -6.817  1.00 63.22 ? 402 GLN C N   1 
ATOM   1169 C CA  . GLN C 1 42 ? -4.905  23.619  -6.882  1.00 65.90 ? 402 GLN C CA  1 
ATOM   1170 C C   . GLN C 1 42 ? -5.224  24.730  -5.861  1.00 68.64 ? 402 GLN C C   1 
ATOM   1171 O O   . GLN C 1 42 ? -5.779  25.773  -6.233  1.00 66.92 ? 402 GLN C O   1 
ATOM   1172 C CB  . GLN C 1 42 ? -5.877  22.450  -6.695  1.00 64.22 ? 402 GLN C CB  1 
ATOM   1173 C CG  . GLN C 1 42 ? -7.150  22.775  -5.906  1.00 71.59 ? 402 GLN C CG  1 
ATOM   1174 C CD  . GLN C 1 42 ? -7.682  21.565  -5.134  1.00 65.92 ? 402 GLN C CD  1 
ATOM   1175 O OE1 . GLN C 1 42 ? -8.185  20.608  -5.726  1.00 59.33 ? 402 GLN C OE1 1 
ATOM   1176 N NE2 . GLN C 1 42 ? -7.552  21.602  -3.810  1.00 63.30 ? 402 GLN C NE2 1 
ATOM   1177 N N   . GLN C 1 43 ? -4.882  24.509  -4.589  1.00 64.40 ? 403 GLN C N   1 
ATOM   1178 C CA  . GLN C 1 43 ? -5.137  25.506  -3.554  1.00 68.17 ? 403 GLN C CA  1 
ATOM   1179 C C   . GLN C 1 43 ? -4.274  26.738  -3.774  1.00 73.62 ? 403 GLN C C   1 
ATOM   1180 O O   . GLN C 1 43 ? -4.711  27.869  -3.505  1.00 69.53 ? 403 GLN C O   1 
ATOM   1181 C CB  . GLN C 1 43 ? -4.892  24.947  -2.143  1.00 62.57 ? 403 GLN C CB  1 
ATOM   1182 C CG  . GLN C 1 43 ? -5.461  23.557  -1.901  1.00 68.58 ? 403 GLN C CG  1 
ATOM   1183 C CD  . GLN C 1 43 ? -4.965  22.907  -0.599  1.00 69.22 ? 403 GLN C CD  1 
ATOM   1184 O OE1 . GLN C 1 43 ? -3.977  23.341  0.008   1.00 65.14 ? 403 GLN C OE1 1 
ATOM   1185 N NE2 . GLN C 1 43 ? -5.667  21.864  -0.164  1.00 66.99 ? 403 GLN C NE2 1 
ATOM   1186 N N   . LYS C 1 44 ? -3.064  26.516  -4.281  1.00 69.27 ? 404 LYS C N   1 
ATOM   1187 C CA  . LYS C 1 44 ? -2.110  27.601  -4.431  1.00 72.41 ? 404 LYS C CA  1 
ATOM   1188 C C   . LYS C 1 44 ? -2.526  28.586  -5.528  1.00 76.51 ? 404 LYS C C   1 
ATOM   1189 O O   . LYS C 1 44 ? -2.372  29.802  -5.368  1.00 80.67 ? 404 LYS C O   1 
ATOM   1190 C CB  . LYS C 1 44 ? -0.720  27.056  -4.721  1.00 70.12 ? 404 LYS C CB  1 
ATOM   1191 C CG  . LYS C 1 44 ? 0.384   27.905  -4.137  1.00 75.57 ? 404 LYS C CG  1 
ATOM   1192 C CD  . LYS C 1 44 ? 1.426   28.295  -5.191  1.00 76.94 ? 404 LYS C CD  1 
ATOM   1193 C CE  . LYS C 1 44 ? 1.515   27.289  -6.328  1.00 73.13 ? 404 LYS C CE  1 
ATOM   1194 N NZ  . LYS C 1 44 ? 1.936   27.911  -7.619  1.00 75.92 ? 404 LYS C NZ  1 
ATOM   1195 N N   . GLU C 1 45 ? -3.057  28.076  -6.637  1.00 71.06 ? 405 GLU C N   1 
ATOM   1196 C CA  . GLU C 1 45 ? -3.554  28.965  -7.679  1.00 73.31 ? 405 GLU C CA  1 
ATOM   1197 C C   . GLU C 1 45 ? -4.816  29.710  -7.234  1.00 76.16 ? 405 GLU C C   1 
ATOM   1198 O O   . GLU C 1 45 ? -5.047  30.834  -7.674  1.00 78.90 ? 405 GLU C O   1 
ATOM   1199 C CB  . GLU C 1 45 ? -3.820  28.205  -8.981  1.00 69.91 ? 405 GLU C CB  1 
ATOM   1200 C CG  . GLU C 1 45 ? -2.557  27.745  -9.685  1.00 76.50 ? 405 GLU C CG  1 
ATOM   1201 C CD  . GLU C 1 45 ? -2.844  26.951  -10.951 1.00 84.15 ? 405 GLU C CD  1 
ATOM   1202 O OE1 . GLU C 1 45 ? -4.040  26.693  -11.234 1.00 83.07 ? 405 GLU C OE1 1 
ATOM   1203 O OE2 . GLU C 1 45 ? -1.872  26.560  -11.644 1.00 80.83 ? 405 GLU C OE2 1 
ATOM   1204 N N   . LEU C 1 46 ? -5.621  29.105  -6.357  1.00 74.20 ? 406 LEU C N   1 
ATOM   1205 C CA  . LEU C 1 46 ? -6.801  29.787  -5.820  1.00 72.77 ? 406 LEU C CA  1 
ATOM   1206 C C   . LEU C 1 46 ? -6.370  30.984  -4.994  1.00 76.49 ? 406 LEU C C   1 
ATOM   1207 O O   . LEU C 1 46 ? -7.084  31.983  -4.901  1.00 79.98 ? 406 LEU C O   1 
ATOM   1208 C CB  . LEU C 1 46 ? -7.661  28.859  -4.966  1.00 73.05 ? 406 LEU C CB  1 
ATOM   1209 C CG  . LEU C 1 46 ? -8.906  29.546  -4.385  1.00 71.05 ? 406 LEU C CG  1 
ATOM   1210 C CD1 . LEU C 1 46 ? -9.703  30.246  -5.490  1.00 74.08 ? 406 LEU C CD1 1 
ATOM   1211 C CD2 . LEU C 1 46 ? -9.787  28.581  -3.595  1.00 70.62 ? 406 LEU C CD2 1 
ATOM   1212 N N   . GLU C 1 47 ? -5.197  30.873  -4.386  1.00 77.65 ? 407 GLU C N   1 
ATOM   1213 C CA  . GLU C 1 47 ? -4.559  32.028  -3.779  1.00 81.80 ? 407 GLU C CA  1 
ATOM   1214 C C   . GLU C 1 47 ? -3.944  32.894  -4.881  1.00 81.93 ? 407 GLU C C   1 
ATOM   1215 O O   . GLU C 1 47 ? -2.788  32.699  -5.282  1.00 78.61 ? 407 GLU C O   1 
ATOM   1216 C CB  . GLU C 1 47 ? -3.521  31.586  -2.747  1.00 81.84 ? 407 GLU C CB  1 
ATOM   1217 C CG  . GLU C 1 47 ? -4.161  30.937  -1.531  1.00 80.64 ? 407 GLU C CG  1 
ATOM   1218 C CD  . GLU C 1 47 ? -3.470  29.666  -1.103  1.00 84.98 ? 407 GLU C CD  1 
ATOM   1219 O OE1 . GLU C 1 47 ? -2.255  29.533  -1.357  1.00 92.56 ? 407 GLU C OE1 1 
ATOM   1220 O OE2 . GLU C 1 47 ? -4.149  28.797  -0.517  1.00 84.92 ? 407 GLU C OE2 1 
ATOM   1221 N N   . ASP C 1 48 ? -4.748  33.838  -5.372  1.00 81.13 ? 408 ASP C N   1 
ATOM   1222 C CA  . ASP C 1 48 ? -4.380  34.697  -6.492  1.00 80.39 ? 408 ASP C CA  1 
ATOM   1223 C C   . ASP C 1 48 ? -5.059  36.060  -6.370  1.00 83.10 ? 408 ASP C C   1 
ATOM   1224 O O   . ASP C 1 48 ? -6.270  36.144  -6.150  1.00 80.44 ? 408 ASP C O   1 
ATOM   1225 C CB  . ASP C 1 48 ? -4.761  34.044  -7.822  1.00 76.13 ? 408 ASP C CB  1 
ATOM   1226 C CG  . ASP C 1 48 ? -3.833  34.441  -8.947  1.00 78.27 ? 408 ASP C CG  1 
ATOM   1227 O OD1 . ASP C 1 48 ? -2.620  34.576  -8.686  1.00 78.09 ? 408 ASP C OD1 1 
ATOM   1228 O OD2 . ASP C 1 48 ? -4.316  34.629  -10.086 1.00 75.87 ? 408 ASP C OD2 1 
HETATM 1229 O O   . HOH D 2 .  ? 7.610   -0.007  7.066   1.00 45.03 ? 501 HOH A O   1 
HETATM 1230 O O   . HOH D 2 .  ? 12.212  -6.841  -3.062  1.00 48.63 ? 502 HOH A O   1 
HETATM 1231 O O   . HOH D 2 .  ? 7.358   -22.778 1.805   1.00 29.02 ? 503 HOH A O   1 
HETATM 1232 O O   . HOH D 2 .  ? -8.514  41.313  0.365   1.00 66.52 ? 504 HOH A O   1 
HETATM 1233 O O   . HOH D 2 .  ? 7.711   -3.591  11.716  1.00 61.76 ? 505 HOH A O   1 
HETATM 1234 O O   . HOH E 2 .  ? -9.291  -8.192  -0.156  1.00 56.87 ? 501 HOH B O   1 
HETATM 1235 O O   . HOH E 2 .  ? -20.301 24.437  -8.447  1.00 65.28 ? 502 HOH B O   1 
HETATM 1236 O O   . HOH E 2 .  ? 2.533   -22.310 9.029   1.00 47.92 ? 503 HOH B O   1 
HETATM 1237 O O   . HOH E 2 .  ? -10.918 2.734   6.380   1.00 61.90 ? 504 HOH B O   1 
HETATM 1238 O O   . HOH F 2 .  ? 5.654   -23.883 -3.229  1.00 42.19 ? 501 HOH C O   1 
HETATM 1239 O O   . HOH F 2 .  ? -9.087  -5.785  -10.137 1.00 62.34 ? 502 HOH C O   1 
# 
loop_
_pdbx_poly_seq_scheme.asym_id 
_pdbx_poly_seq_scheme.entity_id 
_pdbx_poly_seq_scheme.seq_id 
_pdbx_poly_seq_scheme.mon_id 
_pdbx_poly_seq_scheme.ndb_seq_num 
_pdbx_poly_seq_scheme.pdb_seq_num 
_pdbx_poly_seq_scheme.auth_seq_num 
_pdbx_poly_seq_scheme.pdb_mon_id 
_pdbx_poly_seq_scheme.auth_mon_id 
_pdbx_poly_seq_scheme.pdb_strand_id 
_pdbx_poly_seq_scheme.pdb_ins_code 
_pdbx_poly_seq_scheme.hetero 
A 1 1  MET 1  -1  -1  MET MET A . n 
A 1 2  ASN 2  362 362 ASN ASN A . n 
A 1 3  ALA 3  363 363 ALA ALA A . n 
A 1 4  TRP 4  364 364 TRP TRP A . n 
A 1 5  ASP 5  365 365 ASP ASP A . n 
A 1 6  ARG 6  366 366 ARG ARG A . n 
A 1 7  THR 7  367 367 THR THR A . n 
A 1 8  LEU 8  368 368 LEU LEU A . n 
A 1 9  ILE 9  369 369 ILE ILE A . n 
A 1 10 GLU 10 370 370 GLU GLU A . n 
A 1 11 ASN 11 371 371 ASN ASN A . n 
A 1 12 GLY 12 372 372 GLY GLY A . n 
A 1 13 GLU 13 373 373 GLU GLU A . n 
A 1 14 LYS 14 374 374 LYS LYS A . n 
A 1 15 ILE 15 375 375 ILE ILE A . n 
A 1 16 THR 16 376 376 THR THR A . n 
A 1 17 SER 17 377 377 SER SER A . n 
A 1 18 LEU 18 378 378 LEU LEU A . n 
A 1 19 HIS 19 379 379 HIS HIS A . n 
A 1 20 ARG 20 380 380 ARG ARG A . n 
A 1 21 GLU 21 381 381 GLU GLU A . n 
A 1 22 VAL 22 382 382 VAL VAL A . n 
A 1 23 GLU 23 383 383 GLU GLU A . n 
A 1 24 LYS 24 384 384 LYS LYS A . n 
A 1 25 VAL 25 385 385 VAL VAL A . n 
A 1 26 LYS 26 386 386 LYS LYS A . n 
A 1 27 LEU 27 387 387 LEU LEU A . n 
A 1 28 ASP 28 388 388 ASP ASP A . n 
A 1 29 GLN 29 389 389 GLN GLN A . n 
A 1 30 LYS 30 390 390 LYS LYS A . n 
A 1 31 ARG 31 391 391 ARG ARG A . n 
A 1 32 LEU 32 392 392 LEU LEU A . n 
A 1 33 ASP 33 393 393 ASP ASP A . n 
A 1 34 GLN 34 394 394 GLN GLN A . n 
A 1 35 GLU 35 395 395 GLU GLU A . n 
A 1 36 LEU 36 396 396 LEU LEU A . n 
A 1 37 ASP 37 397 397 ASP ASP A . n 
A 1 38 PHE 38 398 398 PHE PHE A . n 
A 1 39 ILE 39 399 399 ILE ILE A . n 
A 1 40 LEU 40 400 400 LEU LEU A . n 
A 1 41 SER 41 401 401 SER SER A . n 
A 1 42 GLN 42 402 402 GLN GLN A . n 
A 1 43 GLN 43 403 403 GLN GLN A . n 
A 1 44 LYS 44 404 404 LYS LYS A . n 
A 1 45 GLU 45 405 405 GLU GLU A . n 
A 1 46 LEU 46 406 406 LEU LEU A . n 
A 1 47 GLU 47 407 407 GLU GLU A . n 
A 1 48 ASP 48 408 408 ASP ASP A . n 
A 1 49 LEU 49 409 ?   ?   ?   A . n 
A 1 50 LEU 50 410 ?   ?   ?   A . n 
A 1 51 SER 51 411 ?   ?   ?   A . n 
A 1 52 PRO 52 412 ?   ?   ?   A . n 
B 1 1  MET 1  361 ?   ?   ?   B . n 
B 1 2  ASN 2  362 362 ASN ASN B . n 
B 1 3  ALA 3  363 363 ALA ALA B . n 
B 1 4  TRP 4  364 364 TRP TRP B . n 
B 1 5  ASP 5  365 365 ASP ASP B . n 
B 1 6  ARG 6  366 366 ARG ARG B . n 
B 1 7  THR 7  367 367 THR THR B . n 
B 1 8  LEU 8  368 368 LEU LEU B . n 
B 1 9  ILE 9  369 369 ILE ILE B . n 
B 1 10 GLU 10 370 370 GLU GLU B . n 
B 1 11 ASN 11 371 371 ASN ASN B . n 
B 1 12 GLY 12 372 372 GLY GLY B . n 
B 1 13 GLU 13 373 373 GLU GLU B . n 
B 1 14 LYS 14 374 374 LYS LYS B . n 
B 1 15 ILE 15 375 375 ILE ILE B . n 
B 1 16 THR 16 376 376 THR THR B . n 
B 1 17 SER 17 377 377 SER SER B . n 
B 1 18 LEU 18 378 378 LEU LEU B . n 
B 1 19 HIS 19 379 379 HIS HIS B . n 
B 1 20 ARG 20 380 380 ARG ARG B . n 
B 1 21 GLU 21 381 381 GLU GLU B . n 
B 1 22 VAL 22 382 382 VAL VAL B . n 
B 1 23 GLU 23 383 383 GLU GLU B . n 
B 1 24 LYS 24 384 384 LYS LYS B . n 
B 1 25 VAL 25 385 385 VAL VAL B . n 
B 1 26 LYS 26 386 386 LYS LYS B . n 
B 1 27 LEU 27 387 387 LEU LEU B . n 
B 1 28 ASP 28 388 388 ASP ASP B . n 
B 1 29 GLN 29 389 389 GLN GLN B . n 
B 1 30 LYS 30 390 390 LYS LYS B . n 
B 1 31 ARG 31 391 391 ARG ARG B . n 
B 1 32 LEU 32 392 392 LEU LEU B . n 
B 1 33 ASP 33 393 393 ASP ASP B . n 
B 1 34 GLN 34 394 394 GLN GLN B . n 
B 1 35 GLU 35 395 395 GLU GLU B . n 
B 1 36 LEU 36 396 396 LEU LEU B . n 
B 1 37 ASP 37 397 397 ASP ASP B . n 
B 1 38 PHE 38 398 398 PHE PHE B . n 
B 1 39 ILE 39 399 399 ILE ILE B . n 
B 1 40 LEU 40 400 400 LEU LEU B . n 
B 1 41 SER 41 401 401 SER SER B . n 
B 1 42 GLN 42 402 402 GLN GLN B . n 
B 1 43 GLN 43 403 403 GLN GLN B . n 
B 1 44 LYS 44 404 404 LYS LYS B . n 
B 1 45 GLU 45 405 405 GLU GLU B . n 
B 1 46 LEU 46 406 406 LEU LEU B . n 
B 1 47 GLU 47 407 407 GLU GLU B . n 
B 1 48 ASP 48 408 408 ASP ASP B . n 
B 1 49 LEU 49 409 409 LEU LEU B . n 
B 1 50 LEU 50 410 410 LEU LEU B . n 
B 1 51 SER 51 411 411 SER SER B . n 
B 1 52 PRO 52 412 412 PRO PRO B . n 
C 1 1  MET 1  361 ?   ?   ?   C . n 
C 1 2  ASN 2  362 362 ASN ASN C . n 
C 1 3  ALA 3  363 363 ALA ALA C . n 
C 1 4  TRP 4  364 364 TRP TRP C . n 
C 1 5  ASP 5  365 365 ASP ASP C . n 
C 1 6  ARG 6  366 366 ARG ARG C . n 
C 1 7  THR 7  367 367 THR THR C . n 
C 1 8  LEU 8  368 368 LEU LEU C . n 
C 1 9  ILE 9  369 369 ILE ILE C . n 
C 1 10 GLU 10 370 370 GLU GLU C . n 
C 1 11 ASN 11 371 371 ASN ASN C . n 
C 1 12 GLY 12 372 372 GLY GLY C . n 
C 1 13 GLU 13 373 373 GLU GLU C . n 
C 1 14 LYS 14 374 374 LYS LYS C . n 
C 1 15 ILE 15 375 375 ILE ILE C . n 
C 1 16 THR 16 376 376 THR THR C . n 
C 1 17 SER 17 377 377 SER SER C . n 
C 1 18 LEU 18 378 378 LEU LEU C . n 
C 1 19 HIS 19 379 379 HIS HIS C . n 
C 1 20 ARG 20 380 380 ARG ARG C . n 
C 1 21 GLU 21 381 381 GLU GLU C . n 
C 1 22 VAL 22 382 382 VAL VAL C . n 
C 1 23 GLU 23 383 383 GLU GLU C . n 
C 1 24 LYS 24 384 384 LYS LYS C . n 
C 1 25 VAL 25 385 385 VAL VAL C . n 
C 1 26 LYS 26 386 386 LYS LYS C . n 
C 1 27 LEU 27 387 387 LEU LEU C . n 
C 1 28 ASP 28 388 388 ASP ASP C . n 
C 1 29 GLN 29 389 389 GLN GLN C . n 
C 1 30 LYS 30 390 390 LYS LYS C . n 
C 1 31 ARG 31 391 391 ARG ARG C . n 
C 1 32 LEU 32 392 392 LEU LEU C . n 
C 1 33 ASP 33 393 393 ASP ASP C . n 
C 1 34 GLN 34 394 394 GLN GLN C . n 
C 1 35 GLU 35 395 395 GLU GLU C . n 
C 1 36 LEU 36 396 396 LEU LEU C . n 
C 1 37 ASP 37 397 397 ASP ASP C . n 
C 1 38 PHE 38 398 398 PHE PHE C . n 
C 1 39 ILE 39 399 399 ILE ILE C . n 
C 1 40 LEU 40 400 400 LEU LEU C . n 
C 1 41 SER 41 401 401 SER SER C . n 
C 1 42 GLN 42 402 402 GLN GLN C . n 
C 1 43 GLN 43 403 403 GLN GLN C . n 
C 1 44 LYS 44 404 404 LYS LYS C . n 
C 1 45 GLU 45 405 405 GLU GLU C . n 
C 1 46 LEU 46 406 406 LEU LEU C . n 
C 1 47 GLU 47 407 407 GLU GLU C . n 
C 1 48 ASP 48 408 408 ASP ASP C . n 
C 1 49 LEU 49 409 ?   ?   ?   C . n 
C 1 50 LEU 50 410 ?   ?   ?   C . n 
C 1 51 SER 51 411 ?   ?   ?   C . n 
C 1 52 PRO 52 412 ?   ?   ?   C . n 
# 
loop_
_pdbx_nonpoly_scheme.asym_id 
_pdbx_nonpoly_scheme.entity_id 
_pdbx_nonpoly_scheme.mon_id 
_pdbx_nonpoly_scheme.ndb_seq_num 
_pdbx_nonpoly_scheme.pdb_seq_num 
_pdbx_nonpoly_scheme.auth_seq_num 
_pdbx_nonpoly_scheme.pdb_mon_id 
_pdbx_nonpoly_scheme.auth_mon_id 
_pdbx_nonpoly_scheme.pdb_strand_id 
_pdbx_nonpoly_scheme.pdb_ins_code 
D 2 HOH 1 501 4  HOH HOH A . 
D 2 HOH 2 502 19 HOH HOH A . 
D 2 HOH 3 503 1  HOH HOH A . 
D 2 HOH 4 504 14 HOH HOH A . 
D 2 HOH 5 505 6  HOH HOH A . 
E 2 HOH 1 501 22 HOH HOH B . 
E 2 HOH 2 502 25 HOH HOH B . 
E 2 HOH 3 503 5  HOH HOH B . 
E 2 HOH 4 504 16 HOH HOH B . 
F 2 HOH 1 501 11 HOH HOH C . 
F 2 HOH 2 502 18 HOH HOH C . 
# 
_pdbx_struct_assembly.id                   1 
_pdbx_struct_assembly.details              author_and_software_defined_assembly 
_pdbx_struct_assembly.method_details       PISA 
_pdbx_struct_assembly.oligomeric_details   trimeric 
_pdbx_struct_assembly.oligomeric_count     3 
# 
_pdbx_struct_assembly_gen.assembly_id       1 
_pdbx_struct_assembly_gen.oper_expression   1 
_pdbx_struct_assembly_gen.asym_id_list      A,B,C,D,E,F 
# 
loop_
_pdbx_struct_assembly_prop.biol_id 
_pdbx_struct_assembly_prop.type 
_pdbx_struct_assembly_prop.value 
_pdbx_struct_assembly_prop.details 
1 'ABSA (A^2)' 4890  ? 
1 MORE         -38   ? 
1 'SSA (A^2)'  10370 ? 
# 
_pdbx_struct_oper_list.id                   1 
_pdbx_struct_oper_list.type                 'identity operation' 
_pdbx_struct_oper_list.name                 1_555 
_pdbx_struct_oper_list.symmetry_operation   x,y,z 
_pdbx_struct_oper_list.matrix[1][1]         1.0000000000 
_pdbx_struct_oper_list.matrix[1][2]         0.0000000000 
_pdbx_struct_oper_list.matrix[1][3]         0.0000000000 
_pdbx_struct_oper_list.vector[1]            0.0000000000 
_pdbx_struct_oper_list.matrix[2][1]         0.0000000000 
_pdbx_struct_oper_list.matrix[2][2]         1.0000000000 
_pdbx_struct_oper_list.matrix[2][3]         0.0000000000 
_pdbx_struct_oper_list.vector[2]            0.0000000000 
_pdbx_struct_oper_list.matrix[3][1]         0.0000000000 
_pdbx_struct_oper_list.matrix[3][2]         0.0000000000 
_pdbx_struct_oper_list.matrix[3][3]         1.0000000000 
_pdbx_struct_oper_list.vector[3]            0.0000000000 
# 
loop_
_pdbx_audit_revision_history.ordinal 
_pdbx_audit_revision_history.data_content_type 
_pdbx_audit_revision_history.major_revision 
_pdbx_audit_revision_history.minor_revision 
_pdbx_audit_revision_history.revision_date 
1 'Structure model' 1 0 2017-10-04 
2 'Structure model' 1 1 2023-11-08 
# 
_pdbx_audit_revision_details.ordinal             1 
_pdbx_audit_revision_details.revision_ordinal    1 
_pdbx_audit_revision_details.data_content_type   'Structure model' 
_pdbx_audit_revision_details.provider            repository 
_pdbx_audit_revision_details.type                'Initial release' 
_pdbx_audit_revision_details.description         ? 
_pdbx_audit_revision_details.details             ? 
# 
loop_
_pdbx_audit_revision_group.ordinal 
_pdbx_audit_revision_group.revision_ordinal 
_pdbx_audit_revision_group.data_content_type 
_pdbx_audit_revision_group.group 
1 2 'Structure model' 'Data collection'        
2 2 'Structure model' 'Database references'    
3 2 'Structure model' 'Refinement description' 
# 
loop_
_pdbx_audit_revision_category.ordinal 
_pdbx_audit_revision_category.revision_ordinal 
_pdbx_audit_revision_category.data_content_type 
_pdbx_audit_revision_category.category 
1 2 'Structure model' chem_comp_atom                
2 2 'Structure model' chem_comp_bond                
3 2 'Structure model' database_2                    
4 2 'Structure model' pdbx_initial_refinement_model 
# 
loop_
_pdbx_audit_revision_item.ordinal 
_pdbx_audit_revision_item.revision_ordinal 
_pdbx_audit_revision_item.data_content_type 
_pdbx_audit_revision_item.item 
1 2 'Structure model' '_database_2.pdbx_DOI'                
2 2 'Structure model' '_database_2.pdbx_database_accession' 
# 
loop_
_software.citation_id 
_software.classification 
_software.compiler_name 
_software.compiler_version 
_software.contact_author 
_software.contact_author_email 
_software.date 
_software.description 
_software.dependencies 
_software.hardware 
_software.language 
_software.location 
_software.mods 
_software.name 
_software.os 
_software.os_version 
_software.type 
_software.version 
_software.pdbx_ordinal 
? refinement        ? ? ? ? ? ? ? ? ? ? ? PHENIX      ? ? ? 1.8.4_1496 1 
? 'data scaling'    ? ? ? ? ? ? ? ? ? ? ? SCALA       ? ? ? .          2 
? 'data extraction' ? ? ? ? ? ? ? ? ? ? ? PDB_EXTRACT ? ? ? 3.20       3 
? 'data reduction'  ? ? ? ? ? ? ? ? ? ? ? XDS         ? ? ? .          4 
? phasing           ? ? ? ? ? ? ? ? ? ? ? PHENIX      ? ? ? 1.8.4_1496 5 
# 
loop_
_pdbx_validate_torsion.id 
_pdbx_validate_torsion.PDB_model_num 
_pdbx_validate_torsion.auth_comp_id 
_pdbx_validate_torsion.auth_asym_id 
_pdbx_validate_torsion.auth_seq_id 
_pdbx_validate_torsion.PDB_ins_code 
_pdbx_validate_torsion.label_alt_id 
_pdbx_validate_torsion.phi 
_pdbx_validate_torsion.psi 
1 1 LYS A 404 ? ? 28.58   115.09 
2 1 LEU A 406 ? ? -170.77 92.41  
3 1 SER B 411 ? ? -170.83 141.38 
# 
loop_
_pdbx_unobs_or_zero_occ_residues.id 
_pdbx_unobs_or_zero_occ_residues.PDB_model_num 
_pdbx_unobs_or_zero_occ_residues.polymer_flag 
_pdbx_unobs_or_zero_occ_residues.occupancy_flag 
_pdbx_unobs_or_zero_occ_residues.auth_asym_id 
_pdbx_unobs_or_zero_occ_residues.auth_comp_id 
_pdbx_unobs_or_zero_occ_residues.auth_seq_id 
_pdbx_unobs_or_zero_occ_residues.PDB_ins_code 
_pdbx_unobs_or_zero_occ_residues.label_asym_id 
_pdbx_unobs_or_zero_occ_residues.label_comp_id 
_pdbx_unobs_or_zero_occ_residues.label_seq_id 
1  1 Y 1 A LEU 409 ? A LEU 49 
2  1 Y 1 A LEU 410 ? A LEU 50 
3  1 Y 1 A SER 411 ? A SER 51 
4  1 Y 1 A PRO 412 ? A PRO 52 
5  1 Y 1 B MET 361 ? B MET 1  
6  1 Y 1 C MET 361 ? C MET 1  
7  1 Y 1 C LEU 409 ? C LEU 49 
8  1 Y 1 C LEU 410 ? C LEU 50 
9  1 Y 1 C SER 411 ? C SER 51 
10 1 Y 1 C PRO 412 ? C PRO 52 
# 
loop_
_chem_comp_atom.comp_id 
_chem_comp_atom.atom_id 
_chem_comp_atom.type_symbol 
_chem_comp_atom.pdbx_aromatic_flag 
_chem_comp_atom.pdbx_stereo_config 
_chem_comp_atom.pdbx_ordinal 
ALA N    N N N 1   
ALA CA   C N S 2   
ALA C    C N N 3   
ALA O    O N N 4   
ALA CB   C N N 5   
ALA OXT  O N N 6   
ALA H    H N N 7   
ALA H2   H N N 8   
ALA HA   H N N 9   
ALA HB1  H N N 10  
ALA HB2  H N N 11  
ALA HB3  H N N 12  
ALA HXT  H N N 13  
ARG N    N N N 14  
ARG CA   C N S 15  
ARG C    C N N 16  
ARG O    O N N 17  
ARG CB   C N N 18  
ARG CG   C N N 19  
ARG CD   C N N 20  
ARG NE   N N N 21  
ARG CZ   C N N 22  
ARG NH1  N N N 23  
ARG NH2  N N N 24  
ARG OXT  O N N 25  
ARG H    H N N 26  
ARG H2   H N N 27  
ARG HA   H N N 28  
ARG HB2  H N N 29  
ARG HB3  H N N 30  
ARG HG2  H N N 31  
ARG HG3  H N N 32  
ARG HD2  H N N 33  
ARG HD3  H N N 34  
ARG HE   H N N 35  
ARG HH11 H N N 36  
ARG HH12 H N N 37  
ARG HH21 H N N 38  
ARG HH22 H N N 39  
ARG HXT  H N N 40  
ASN N    N N N 41  
ASN CA   C N S 42  
ASN C    C N N 43  
ASN O    O N N 44  
ASN CB   C N N 45  
ASN CG   C N N 46  
ASN OD1  O N N 47  
ASN ND2  N N N 48  
ASN OXT  O N N 49  
ASN H    H N N 50  
ASN H2   H N N 51  
ASN HA   H N N 52  
ASN HB2  H N N 53  
ASN HB3  H N N 54  
ASN HD21 H N N 55  
ASN HD22 H N N 56  
ASN HXT  H N N 57  
ASP N    N N N 58  
ASP CA   C N S 59  
ASP C    C N N 60  
ASP O    O N N 61  
ASP CB   C N N 62  
ASP CG   C N N 63  
ASP OD1  O N N 64  
ASP OD2  O N N 65  
ASP OXT  O N N 66  
ASP H    H N N 67  
ASP H2   H N N 68  
ASP HA   H N N 69  
ASP HB2  H N N 70  
ASP HB3  H N N 71  
ASP HD2  H N N 72  
ASP HXT  H N N 73  
GLN N    N N N 74  
GLN CA   C N S 75  
GLN C    C N N 76  
GLN O    O N N 77  
GLN CB   C N N 78  
GLN CG   C N N 79  
GLN CD   C N N 80  
GLN OE1  O N N 81  
GLN NE2  N N N 82  
GLN OXT  O N N 83  
GLN H    H N N 84  
GLN H2   H N N 85  
GLN HA   H N N 86  
GLN HB2  H N N 87  
GLN HB3  H N N 88  
GLN HG2  H N N 89  
GLN HG3  H N N 90  
GLN HE21 H N N 91  
GLN HE22 H N N 92  
GLN HXT  H N N 93  
GLU N    N N N 94  
GLU CA   C N S 95  
GLU C    C N N 96  
GLU O    O N N 97  
GLU CB   C N N 98  
GLU CG   C N N 99  
GLU CD   C N N 100 
GLU OE1  O N N 101 
GLU OE2  O N N 102 
GLU OXT  O N N 103 
GLU H    H N N 104 
GLU H2   H N N 105 
GLU HA   H N N 106 
GLU HB2  H N N 107 
GLU HB3  H N N 108 
GLU HG2  H N N 109 
GLU HG3  H N N 110 
GLU HE2  H N N 111 
GLU HXT  H N N 112 
GLY N    N N N 113 
GLY CA   C N N 114 
GLY C    C N N 115 
GLY O    O N N 116 
GLY OXT  O N N 117 
GLY H    H N N 118 
GLY H2   H N N 119 
GLY HA2  H N N 120 
GLY HA3  H N N 121 
GLY HXT  H N N 122 
HIS N    N N N 123 
HIS CA   C N S 124 
HIS C    C N N 125 
HIS O    O N N 126 
HIS CB   C N N 127 
HIS CG   C Y N 128 
HIS ND1  N Y N 129 
HIS CD2  C Y N 130 
HIS CE1  C Y N 131 
HIS NE2  N Y N 132 
HIS OXT  O N N 133 
HIS H    H N N 134 
HIS H2   H N N 135 
HIS HA   H N N 136 
HIS HB2  H N N 137 
HIS HB3  H N N 138 
HIS HD1  H N N 139 
HIS HD2  H N N 140 
HIS HE1  H N N 141 
HIS HE2  H N N 142 
HIS HXT  H N N 143 
HOH O    O N N 144 
HOH H1   H N N 145 
HOH H2   H N N 146 
ILE N    N N N 147 
ILE CA   C N S 148 
ILE C    C N N 149 
ILE O    O N N 150 
ILE CB   C N S 151 
ILE CG1  C N N 152 
ILE CG2  C N N 153 
ILE CD1  C N N 154 
ILE OXT  O N N 155 
ILE H    H N N 156 
ILE H2   H N N 157 
ILE HA   H N N 158 
ILE HB   H N N 159 
ILE HG12 H N N 160 
ILE HG13 H N N 161 
ILE HG21 H N N 162 
ILE HG22 H N N 163 
ILE HG23 H N N 164 
ILE HD11 H N N 165 
ILE HD12 H N N 166 
ILE HD13 H N N 167 
ILE HXT  H N N 168 
LEU N    N N N 169 
LEU CA   C N S 170 
LEU C    C N N 171 
LEU O    O N N 172 
LEU CB   C N N 173 
LEU CG   C N N 174 
LEU CD1  C N N 175 
LEU CD2  C N N 176 
LEU OXT  O N N 177 
LEU H    H N N 178 
LEU H2   H N N 179 
LEU HA   H N N 180 
LEU HB2  H N N 181 
LEU HB3  H N N 182 
LEU HG   H N N 183 
LEU HD11 H N N 184 
LEU HD12 H N N 185 
LEU HD13 H N N 186 
LEU HD21 H N N 187 
LEU HD22 H N N 188 
LEU HD23 H N N 189 
LEU HXT  H N N 190 
LYS N    N N N 191 
LYS CA   C N S 192 
LYS C    C N N 193 
LYS O    O N N 194 
LYS CB   C N N 195 
LYS CG   C N N 196 
LYS CD   C N N 197 
LYS CE   C N N 198 
LYS NZ   N N N 199 
LYS OXT  O N N 200 
LYS H    H N N 201 
LYS H2   H N N 202 
LYS HA   H N N 203 
LYS HB2  H N N 204 
LYS HB3  H N N 205 
LYS HG2  H N N 206 
LYS HG3  H N N 207 
LYS HD2  H N N 208 
LYS HD3  H N N 209 
LYS HE2  H N N 210 
LYS HE3  H N N 211 
LYS HZ1  H N N 212 
LYS HZ2  H N N 213 
LYS HZ3  H N N 214 
LYS HXT  H N N 215 
MET N    N N N 216 
MET CA   C N S 217 
MET C    C N N 218 
MET O    O N N 219 
MET CB   C N N 220 
MET CG   C N N 221 
MET SD   S N N 222 
MET CE   C N N 223 
MET OXT  O N N 224 
MET H    H N N 225 
MET H2   H N N 226 
MET HA   H N N 227 
MET HB2  H N N 228 
MET HB3  H N N 229 
MET HG2  H N N 230 
MET HG3  H N N 231 
MET HE1  H N N 232 
MET HE2  H N N 233 
MET HE3  H N N 234 
MET HXT  H N N 235 
PHE N    N N N 236 
PHE CA   C N S 237 
PHE C    C N N 238 
PHE O    O N N 239 
PHE CB   C N N 240 
PHE CG   C Y N 241 
PHE CD1  C Y N 242 
PHE CD2  C Y N 243 
PHE CE1  C Y N 244 
PHE CE2  C Y N 245 
PHE CZ   C Y N 246 
PHE OXT  O N N 247 
PHE H    H N N 248 
PHE H2   H N N 249 
PHE HA   H N N 250 
PHE HB2  H N N 251 
PHE HB3  H N N 252 
PHE HD1  H N N 253 
PHE HD2  H N N 254 
PHE HE1  H N N 255 
PHE HE2  H N N 256 
PHE HZ   H N N 257 
PHE HXT  H N N 258 
PRO N    N N N 259 
PRO CA   C N S 260 
PRO C    C N N 261 
PRO O    O N N 262 
PRO CB   C N N 263 
PRO CG   C N N 264 
PRO CD   C N N 265 
PRO OXT  O N N 266 
PRO H    H N N 267 
PRO HA   H N N 268 
PRO HB2  H N N 269 
PRO HB3  H N N 270 
PRO HG2  H N N 271 
PRO HG3  H N N 272 
PRO HD2  H N N 273 
PRO HD3  H N N 274 
PRO HXT  H N N 275 
SER N    N N N 276 
SER CA   C N S 277 
SER C    C N N 278 
SER O    O N N 279 
SER CB   C N N 280 
SER OG   O N N 281 
SER OXT  O N N 282 
SER H    H N N 283 
SER H2   H N N 284 
SER HA   H N N 285 
SER HB2  H N N 286 
SER HB3  H N N 287 
SER HG   H N N 288 
SER HXT  H N N 289 
THR N    N N N 290 
THR CA   C N S 291 
THR C    C N N 292 
THR O    O N N 293 
THR CB   C N R 294 
THR OG1  O N N 295 
THR CG2  C N N 296 
THR OXT  O N N 297 
THR H    H N N 298 
THR H2   H N N 299 
THR HA   H N N 300 
THR HB   H N N 301 
THR HG1  H N N 302 
THR HG21 H N N 303 
THR HG22 H N N 304 
THR HG23 H N N 305 
THR HXT  H N N 306 
TRP N    N N N 307 
TRP CA   C N S 308 
TRP C    C N N 309 
TRP O    O N N 310 
TRP CB   C N N 311 
TRP CG   C Y N 312 
TRP CD1  C Y N 313 
TRP CD2  C Y N 314 
TRP NE1  N Y N 315 
TRP CE2  C Y N 316 
TRP CE3  C Y N 317 
TRP CZ2  C Y N 318 
TRP CZ3  C Y N 319 
TRP CH2  C Y N 320 
TRP OXT  O N N 321 
TRP H    H N N 322 
TRP H2   H N N 323 
TRP HA   H N N 324 
TRP HB2  H N N 325 
TRP HB3  H N N 326 
TRP HD1  H N N 327 
TRP HE1  H N N 328 
TRP HE3  H N N 329 
TRP HZ2  H N N 330 
TRP HZ3  H N N 331 
TRP HH2  H N N 332 
TRP HXT  H N N 333 
VAL N    N N N 334 
VAL CA   C N S 335 
VAL C    C N N 336 
VAL O    O N N 337 
VAL CB   C N N 338 
VAL CG1  C N N 339 
VAL CG2  C N N 340 
VAL OXT  O N N 341 
VAL H    H N N 342 
VAL H2   H N N 343 
VAL HA   H N N 344 
VAL HB   H N N 345 
VAL HG11 H N N 346 
VAL HG12 H N N 347 
VAL HG13 H N N 348 
VAL HG21 H N N 349 
VAL HG22 H N N 350 
VAL HG23 H N N 351 
VAL HXT  H N N 352 
# 
loop_
_chem_comp_bond.comp_id 
_chem_comp_bond.atom_id_1 
_chem_comp_bond.atom_id_2 
_chem_comp_bond.value_order 
_chem_comp_bond.pdbx_aromatic_flag 
_chem_comp_bond.pdbx_stereo_config 
_chem_comp_bond.pdbx_ordinal 
ALA N   CA   sing N N 1   
ALA N   H    sing N N 2   
ALA N   H2   sing N N 3   
ALA CA  C    sing N N 4   
ALA CA  CB   sing N N 5   
ALA CA  HA   sing N N 6   
ALA C   O    doub N N 7   
ALA C   OXT  sing N N 8   
ALA CB  HB1  sing N N 9   
ALA CB  HB2  sing N N 10  
ALA CB  HB3  sing N N 11  
ALA OXT HXT  sing N N 12  
ARG N   CA   sing N N 13  
ARG N   H    sing N N 14  
ARG N   H2   sing N N 15  
ARG CA  C    sing N N 16  
ARG CA  CB   sing N N 17  
ARG CA  HA   sing N N 18  
ARG C   O    doub N N 19  
ARG C   OXT  sing N N 20  
ARG CB  CG   sing N N 21  
ARG CB  HB2  sing N N 22  
ARG CB  HB3  sing N N 23  
ARG CG  CD   sing N N 24  
ARG CG  HG2  sing N N 25  
ARG CG  HG3  sing N N 26  
ARG CD  NE   sing N N 27  
ARG CD  HD2  sing N N 28  
ARG CD  HD3  sing N N 29  
ARG NE  CZ   sing N N 30  
ARG NE  HE   sing N N 31  
ARG CZ  NH1  sing N N 32  
ARG CZ  NH2  doub N N 33  
ARG NH1 HH11 sing N N 34  
ARG NH1 HH12 sing N N 35  
ARG NH2 HH21 sing N N 36  
ARG NH2 HH22 sing N N 37  
ARG OXT HXT  sing N N 38  
ASN N   CA   sing N N 39  
ASN N   H    sing N N 40  
ASN N   H2   sing N N 41  
ASN CA  C    sing N N 42  
ASN CA  CB   sing N N 43  
ASN CA  HA   sing N N 44  
ASN C   O    doub N N 45  
ASN C   OXT  sing N N 46  
ASN CB  CG   sing N N 47  
ASN CB  HB2  sing N N 48  
ASN CB  HB3  sing N N 49  
ASN CG  OD1  doub N N 50  
ASN CG  ND2  sing N N 51  
ASN ND2 HD21 sing N N 52  
ASN ND2 HD22 sing N N 53  
ASN OXT HXT  sing N N 54  
ASP N   CA   sing N N 55  
ASP N   H    sing N N 56  
ASP N   H2   sing N N 57  
ASP CA  C    sing N N 58  
ASP CA  CB   sing N N 59  
ASP CA  HA   sing N N 60  
ASP C   O    doub N N 61  
ASP C   OXT  sing N N 62  
ASP CB  CG   sing N N 63  
ASP CB  HB2  sing N N 64  
ASP CB  HB3  sing N N 65  
ASP CG  OD1  doub N N 66  
ASP CG  OD2  sing N N 67  
ASP OD2 HD2  sing N N 68  
ASP OXT HXT  sing N N 69  
GLN N   CA   sing N N 70  
GLN N   H    sing N N 71  
GLN N   H2   sing N N 72  
GLN CA  C    sing N N 73  
GLN CA  CB   sing N N 74  
GLN CA  HA   sing N N 75  
GLN C   O    doub N N 76  
GLN C   OXT  sing N N 77  
GLN CB  CG   sing N N 78  
GLN CB  HB2  sing N N 79  
GLN CB  HB3  sing N N 80  
GLN CG  CD   sing N N 81  
GLN CG  HG2  sing N N 82  
GLN CG  HG3  sing N N 83  
GLN CD  OE1  doub N N 84  
GLN CD  NE2  sing N N 85  
GLN NE2 HE21 sing N N 86  
GLN NE2 HE22 sing N N 87  
GLN OXT HXT  sing N N 88  
GLU N   CA   sing N N 89  
GLU N   H    sing N N 90  
GLU N   H2   sing N N 91  
GLU CA  C    sing N N 92  
GLU CA  CB   sing N N 93  
GLU CA  HA   sing N N 94  
GLU C   O    doub N N 95  
GLU C   OXT  sing N N 96  
GLU CB  CG   sing N N 97  
GLU CB  HB2  sing N N 98  
GLU CB  HB3  sing N N 99  
GLU CG  CD   sing N N 100 
GLU CG  HG2  sing N N 101 
GLU CG  HG3  sing N N 102 
GLU CD  OE1  doub N N 103 
GLU CD  OE2  sing N N 104 
GLU OE2 HE2  sing N N 105 
GLU OXT HXT  sing N N 106 
GLY N   CA   sing N N 107 
GLY N   H    sing N N 108 
GLY N   H2   sing N N 109 
GLY CA  C    sing N N 110 
GLY CA  HA2  sing N N 111 
GLY CA  HA3  sing N N 112 
GLY C   O    doub N N 113 
GLY C   OXT  sing N N 114 
GLY OXT HXT  sing N N 115 
HIS N   CA   sing N N 116 
HIS N   H    sing N N 117 
HIS N   H2   sing N N 118 
HIS CA  C    sing N N 119 
HIS CA  CB   sing N N 120 
HIS CA  HA   sing N N 121 
HIS C   O    doub N N 122 
HIS C   OXT  sing N N 123 
HIS CB  CG   sing N N 124 
HIS CB  HB2  sing N N 125 
HIS CB  HB3  sing N N 126 
HIS CG  ND1  sing Y N 127 
HIS CG  CD2  doub Y N 128 
HIS ND1 CE1  doub Y N 129 
HIS ND1 HD1  sing N N 130 
HIS CD2 NE2  sing Y N 131 
HIS CD2 HD2  sing N N 132 
HIS CE1 NE2  sing Y N 133 
HIS CE1 HE1  sing N N 134 
HIS NE2 HE2  sing N N 135 
HIS OXT HXT  sing N N 136 
HOH O   H1   sing N N 137 
HOH O   H2   sing N N 138 
ILE N   CA   sing N N 139 
ILE N   H    sing N N 140 
ILE N   H2   sing N N 141 
ILE CA  C    sing N N 142 
ILE CA  CB   sing N N 143 
ILE CA  HA   sing N N 144 
ILE C   O    doub N N 145 
ILE C   OXT  sing N N 146 
ILE CB  CG1  sing N N 147 
ILE CB  CG2  sing N N 148 
ILE CB  HB   sing N N 149 
ILE CG1 CD1  sing N N 150 
ILE CG1 HG12 sing N N 151 
ILE CG1 HG13 sing N N 152 
ILE CG2 HG21 sing N N 153 
ILE CG2 HG22 sing N N 154 
ILE CG2 HG23 sing N N 155 
ILE CD1 HD11 sing N N 156 
ILE CD1 HD12 sing N N 157 
ILE CD1 HD13 sing N N 158 
ILE OXT HXT  sing N N 159 
LEU N   CA   sing N N 160 
LEU N   H    sing N N 161 
LEU N   H2   sing N N 162 
LEU CA  C    sing N N 163 
LEU CA  CB   sing N N 164 
LEU CA  HA   sing N N 165 
LEU C   O    doub N N 166 
LEU C   OXT  sing N N 167 
LEU CB  CG   sing N N 168 
LEU CB  HB2  sing N N 169 
LEU CB  HB3  sing N N 170 
LEU CG  CD1  sing N N 171 
LEU CG  CD2  sing N N 172 
LEU CG  HG   sing N N 173 
LEU CD1 HD11 sing N N 174 
LEU CD1 HD12 sing N N 175 
LEU CD1 HD13 sing N N 176 
LEU CD2 HD21 sing N N 177 
LEU CD2 HD22 sing N N 178 
LEU CD2 HD23 sing N N 179 
LEU OXT HXT  sing N N 180 
LYS N   CA   sing N N 181 
LYS N   H    sing N N 182 
LYS N   H2   sing N N 183 
LYS CA  C    sing N N 184 
LYS CA  CB   sing N N 185 
LYS CA  HA   sing N N 186 
LYS C   O    doub N N 187 
LYS C   OXT  sing N N 188 
LYS CB  CG   sing N N 189 
LYS CB  HB2  sing N N 190 
LYS CB  HB3  sing N N 191 
LYS CG  CD   sing N N 192 
LYS CG  HG2  sing N N 193 
LYS CG  HG3  sing N N 194 
LYS CD  CE   sing N N 195 
LYS CD  HD2  sing N N 196 
LYS CD  HD3  sing N N 197 
LYS CE  NZ   sing N N 198 
LYS CE  HE2  sing N N 199 
LYS CE  HE3  sing N N 200 
LYS NZ  HZ1  sing N N 201 
LYS NZ  HZ2  sing N N 202 
LYS NZ  HZ3  sing N N 203 
LYS OXT HXT  sing N N 204 
MET N   CA   sing N N 205 
MET N   H    sing N N 206 
MET N   H2   sing N N 207 
MET CA  C    sing N N 208 
MET CA  CB   sing N N 209 
MET CA  HA   sing N N 210 
MET C   O    doub N N 211 
MET C   OXT  sing N N 212 
MET CB  CG   sing N N 213 
MET CB  HB2  sing N N 214 
MET CB  HB3  sing N N 215 
MET CG  SD   sing N N 216 
MET CG  HG2  sing N N 217 
MET CG  HG3  sing N N 218 
MET SD  CE   sing N N 219 
MET CE  HE1  sing N N 220 
MET CE  HE2  sing N N 221 
MET CE  HE3  sing N N 222 
MET OXT HXT  sing N N 223 
PHE N   CA   sing N N 224 
PHE N   H    sing N N 225 
PHE N   H2   sing N N 226 
PHE CA  C    sing N N 227 
PHE CA  CB   sing N N 228 
PHE CA  HA   sing N N 229 
PHE C   O    doub N N 230 
PHE C   OXT  sing N N 231 
PHE CB  CG   sing N N 232 
PHE CB  HB2  sing N N 233 
PHE CB  HB3  sing N N 234 
PHE CG  CD1  doub Y N 235 
PHE CG  CD2  sing Y N 236 
PHE CD1 CE1  sing Y N 237 
PHE CD1 HD1  sing N N 238 
PHE CD2 CE2  doub Y N 239 
PHE CD2 HD2  sing N N 240 
PHE CE1 CZ   doub Y N 241 
PHE CE1 HE1  sing N N 242 
PHE CE2 CZ   sing Y N 243 
PHE CE2 HE2  sing N N 244 
PHE CZ  HZ   sing N N 245 
PHE OXT HXT  sing N N 246 
PRO N   CA   sing N N 247 
PRO N   CD   sing N N 248 
PRO N   H    sing N N 249 
PRO CA  C    sing N N 250 
PRO CA  CB   sing N N 251 
PRO CA  HA   sing N N 252 
PRO C   O    doub N N 253 
PRO C   OXT  sing N N 254 
PRO CB  CG   sing N N 255 
PRO CB  HB2  sing N N 256 
PRO CB  HB3  sing N N 257 
PRO CG  CD   sing N N 258 
PRO CG  HG2  sing N N 259 
PRO CG  HG3  sing N N 260 
PRO CD  HD2  sing N N 261 
PRO CD  HD3  sing N N 262 
PRO OXT HXT  sing N N 263 
SER N   CA   sing N N 264 
SER N   H    sing N N 265 
SER N   H2   sing N N 266 
SER CA  C    sing N N 267 
SER CA  CB   sing N N 268 
SER CA  HA   sing N N 269 
SER C   O    doub N N 270 
SER C   OXT  sing N N 271 
SER CB  OG   sing N N 272 
SER CB  HB2  sing N N 273 
SER CB  HB3  sing N N 274 
SER OG  HG   sing N N 275 
SER OXT HXT  sing N N 276 
THR N   CA   sing N N 277 
THR N   H    sing N N 278 
THR N   H2   sing N N 279 
THR CA  C    sing N N 280 
THR CA  CB   sing N N 281 
THR CA  HA   sing N N 282 
THR C   O    doub N N 283 
THR C   OXT  sing N N 284 
THR CB  OG1  sing N N 285 
THR CB  CG2  sing N N 286 
THR CB  HB   sing N N 287 
THR OG1 HG1  sing N N 288 
THR CG2 HG21 sing N N 289 
THR CG2 HG22 sing N N 290 
THR CG2 HG23 sing N N 291 
THR OXT HXT  sing N N 292 
TRP N   CA   sing N N 293 
TRP N   H    sing N N 294 
TRP N   H2   sing N N 295 
TRP CA  C    sing N N 296 
TRP CA  CB   sing N N 297 
TRP CA  HA   sing N N 298 
TRP C   O    doub N N 299 
TRP C   OXT  sing N N 300 
TRP CB  CG   sing N N 301 
TRP CB  HB2  sing N N 302 
TRP CB  HB3  sing N N 303 
TRP CG  CD1  doub Y N 304 
TRP CG  CD2  sing Y N 305 
TRP CD1 NE1  sing Y N 306 
TRP CD1 HD1  sing N N 307 
TRP CD2 CE2  doub Y N 308 
TRP CD2 CE3  sing Y N 309 
TRP NE1 CE2  sing Y N 310 
TRP NE1 HE1  sing N N 311 
TRP CE2 CZ2  sing Y N 312 
TRP CE3 CZ3  doub Y N 313 
TRP CE3 HE3  sing N N 314 
TRP CZ2 CH2  doub Y N 315 
TRP CZ2 HZ2  sing N N 316 
TRP CZ3 CH2  sing Y N 317 
TRP CZ3 HZ3  sing N N 318 
TRP CH2 HH2  sing N N 319 
TRP OXT HXT  sing N N 320 
VAL N   CA   sing N N 321 
VAL N   H    sing N N 322 
VAL N   H2   sing N N 323 
VAL CA  C    sing N N 324 
VAL CA  CB   sing N N 325 
VAL CA  HA   sing N N 326 
VAL C   O    doub N N 327 
VAL C   OXT  sing N N 328 
VAL CB  CG1  sing N N 329 
VAL CB  CG2  sing N N 330 
VAL CB  HB   sing N N 331 
VAL CG1 HG11 sing N N 332 
VAL CG1 HG12 sing N N 333 
VAL CG1 HG13 sing N N 334 
VAL CG2 HG21 sing N N 335 
VAL CG2 HG22 sing N N 336 
VAL CG2 HG23 sing N N 337 
VAL OXT HXT  sing N N 338 
# 
_pdbx_audit_support.funding_organization   'DST, DBT' 
_pdbx_audit_support.country                India 
_pdbx_audit_support.grant_number           ? 
_pdbx_audit_support.ordinal                1 
# 
_pdbx_entity_nonpoly.entity_id   2 
_pdbx_entity_nonpoly.name        water 
_pdbx_entity_nonpoly.comp_id     HOH 
# 
_pdbx_initial_refinement_model.id               1 
_pdbx_initial_refinement_model.entity_id_list   ? 
_pdbx_initial_refinement_model.type             'experimental model' 
_pdbx_initial_refinement_model.source_name      PDB 
_pdbx_initial_refinement_model.accession_code   3T97 
_pdbx_initial_refinement_model.details          ? 
# 
